data_2K3G
#
_entry.id   2K3G
#
_cell.length_a   1.000
_cell.length_b   1.000
_cell.length_c   1.000
_cell.angle_alpha   90.00
_cell.angle_beta   90.00
_cell.angle_gamma   90.00
#
_symmetry.space_group_name_H-M   'P 1'
#
_entity_poly.entity_id   1
_entity_poly.type   'polypeptide(L)'
_entity_poly.pdbx_seq_one_letter_code
;GPEDTLPFLKCYCSGHCPDDAINNTCITNGHCFAIIEEDDQGETTLASGCMKYEGSDFQCKDSPKAQLRRTIECCRTNLC
NQYLQPTLPPVVIGPFFDGSIR
;
_entity_poly.pdbx_strand_id   A
#
# COMPACT_ATOMS: atom_id res chain seq x y z
N GLY A 1 0.65 -27.30 -20.33
CA GLY A 1 -0.06 -28.28 -19.45
C GLY A 1 -1.06 -27.53 -18.56
N PRO A 2 -1.31 -28.04 -17.36
CA PRO A 2 -2.27 -27.38 -16.42
C PRO A 2 -1.85 -25.95 -16.10
N GLU A 3 -2.66 -24.99 -16.46
CA GLU A 3 -2.30 -23.54 -16.25
C GLU A 3 -3.59 -22.71 -16.17
N ASP A 4 -4.22 -22.70 -15.02
CA ASP A 4 -5.46 -21.88 -14.82
C ASP A 4 -5.06 -20.42 -14.57
N THR A 5 -4.91 -19.64 -15.63
CA THR A 5 -4.55 -18.21 -15.50
C THR A 5 -5.80 -17.32 -15.69
N LEU A 6 -6.41 -16.91 -14.61
CA LEU A 6 -7.61 -16.02 -14.68
C LEU A 6 -7.56 -14.99 -13.54
N PRO A 7 -7.51 -13.70 -13.86
CA PRO A 7 -7.42 -12.64 -12.78
C PRO A 7 -8.62 -12.72 -11.83
N PHE A 8 -8.41 -12.40 -10.56
CA PHE A 8 -9.51 -12.49 -9.56
C PHE A 8 -9.28 -11.49 -8.41
N LEU A 9 -8.99 -10.26 -8.74
CA LEU A 9 -8.66 -9.24 -7.69
C LEU A 9 -8.88 -7.82 -8.23
N LYS A 10 -9.99 -7.22 -7.87
CA LYS A 10 -10.28 -5.81 -8.28
C LYS A 10 -9.94 -4.84 -7.14
N CYS A 11 -9.00 -3.94 -7.35
CA CYS A 11 -8.59 -2.99 -6.27
C CYS A 11 -8.77 -1.54 -6.73
N TYR A 12 -9.23 -0.69 -5.84
CA TYR A 12 -9.44 0.76 -6.20
C TYR A 12 -8.09 1.49 -6.20
N CYS A 13 -7.97 2.52 -7.00
CA CYS A 13 -6.67 3.28 -7.11
C CYS A 13 -6.87 4.74 -6.70
N SER A 14 -5.92 5.31 -5.99
CA SER A 14 -6.02 6.74 -5.57
C SER A 14 -4.79 7.52 -6.07
N GLY A 15 -5.00 8.76 -6.46
CA GLY A 15 -3.86 9.61 -6.92
C GLY A 15 -3.40 9.16 -8.32
N HIS A 16 -2.79 7.99 -8.40
CA HIS A 16 -2.24 7.50 -9.70
C HIS A 16 -2.97 6.23 -10.14
N CYS A 17 -3.53 6.25 -11.34
CA CYS A 17 -4.17 5.04 -11.91
C CYS A 17 -3.81 4.91 -13.41
N PRO A 18 -3.70 3.69 -13.92
CA PRO A 18 -3.21 3.50 -15.32
C PRO A 18 -4.19 4.13 -16.32
N ASP A 19 -3.69 4.56 -17.46
CA ASP A 19 -4.58 5.14 -18.53
C ASP A 19 -5.64 4.12 -18.98
N ASP A 20 -5.41 2.85 -18.78
CA ASP A 20 -6.39 1.80 -19.24
C ASP A 20 -7.34 1.36 -18.13
N ALA A 21 -7.41 2.10 -17.04
CA ALA A 21 -8.22 1.65 -15.86
C ALA A 21 -9.70 2.02 -16.04
N ILE A 22 -10.57 1.39 -15.29
CA ILE A 22 -12.04 1.66 -15.42
C ILE A 22 -12.60 2.04 -14.05
N ASN A 23 -13.53 2.98 -14.00
CA ASN A 23 -14.13 3.49 -12.71
C ASN A 23 -13.12 3.60 -11.56
N ASN A 24 -11.93 4.10 -11.86
CA ASN A 24 -10.82 4.25 -10.83
C ASN A 24 -10.53 2.91 -10.13
N THR A 25 -10.52 1.83 -10.87
CA THR A 25 -10.10 0.51 -10.29
C THR A 25 -9.19 -0.24 -11.27
N CYS A 26 -8.44 -1.20 -10.77
CA CYS A 26 -7.53 -1.99 -11.64
C CYS A 26 -7.62 -3.48 -11.31
N ILE A 27 -7.17 -4.33 -12.20
CA ILE A 27 -7.42 -5.80 -12.08
C ILE A 27 -6.09 -6.55 -12.23
N THR A 28 -5.74 -7.38 -11.28
CA THR A 28 -4.42 -8.09 -11.33
C THR A 28 -4.56 -9.55 -10.86
N ASN A 29 -3.63 -10.39 -11.24
CA ASN A 29 -3.48 -11.72 -10.58
C ASN A 29 -2.23 -11.74 -9.67
N GLY A 30 -1.86 -10.59 -9.15
CA GLY A 30 -0.67 -10.51 -8.24
C GLY A 30 -1.13 -10.04 -6.86
N HIS A 31 -0.72 -8.86 -6.46
CA HIS A 31 -1.18 -8.28 -5.17
C HIS A 31 -1.51 -6.80 -5.36
N CYS A 32 -2.33 -6.24 -4.52
CA CYS A 32 -2.65 -4.78 -4.59
C CYS A 32 -1.81 -4.02 -3.57
N PHE A 33 -1.30 -2.87 -3.93
CA PHE A 33 -0.29 -2.18 -3.06
C PHE A 33 -0.69 -0.72 -2.82
N ALA A 34 -0.18 -0.13 -1.77
CA ALA A 34 -0.45 1.31 -1.47
C ALA A 34 0.74 1.89 -0.70
N ILE A 35 1.07 3.14 -0.97
CA ILE A 35 2.34 3.73 -0.44
C ILE A 35 2.12 5.20 -0.04
N ILE A 36 2.85 5.65 0.96
CA ILE A 36 2.74 7.07 1.41
C ILE A 36 4.14 7.61 1.73
N GLU A 37 4.38 8.88 1.45
CA GLU A 37 5.77 9.44 1.51
C GLU A 37 5.72 10.92 1.89
N GLU A 38 6.65 11.36 2.71
CA GLU A 38 6.68 12.79 3.15
C GLU A 38 7.74 13.56 2.36
N ASP A 39 7.33 14.52 1.57
CA ASP A 39 8.29 15.26 0.68
C ASP A 39 8.95 16.43 1.43
N ASP A 40 9.87 17.10 0.80
CA ASP A 40 10.69 18.16 1.51
C ASP A 40 9.81 19.29 2.06
N GLN A 41 8.58 19.43 1.58
CA GLN A 41 7.67 20.49 2.11
C GLN A 41 6.78 19.97 3.25
N GLY A 42 6.75 18.67 3.48
CA GLY A 42 5.97 18.10 4.63
C GLY A 42 4.53 17.77 4.20
N GLU A 43 4.28 17.58 2.92
CA GLU A 43 2.96 17.03 2.48
C GLU A 43 3.10 15.52 2.22
N THR A 44 2.08 14.76 2.56
CA THR A 44 2.11 13.29 2.31
C THR A 44 1.41 12.96 0.97
N THR A 45 2.07 12.20 0.13
CA THR A 45 1.46 11.79 -1.16
C THR A 45 0.86 10.38 -1.05
N LEU A 46 -0.44 10.27 -1.13
CA LEU A 46 -1.11 8.94 -1.03
C LEU A 46 -1.39 8.39 -2.43
N ALA A 47 -0.88 7.22 -2.74
CA ALA A 47 -1.13 6.59 -4.08
C ALA A 47 -1.26 5.07 -3.94
N SER A 48 -2.07 4.47 -4.78
CA SER A 48 -2.20 2.97 -4.79
C SER A 48 -2.37 2.47 -6.22
N GLY A 49 -2.19 1.19 -6.44
CA GLY A 49 -2.28 0.63 -7.83
C GLY A 49 -2.21 -0.90 -7.78
N CYS A 50 -2.26 -1.53 -8.93
CA CYS A 50 -2.23 -3.02 -9.00
C CYS A 50 -0.83 -3.52 -9.36
N MET A 51 -0.33 -4.51 -8.66
CA MET A 51 1.01 -5.10 -8.99
C MET A 51 0.83 -6.39 -9.79
N LYS A 52 1.47 -6.48 -10.93
CA LYS A 52 1.39 -7.74 -11.76
C LYS A 52 2.05 -8.91 -11.03
N TYR A 53 1.92 -10.11 -11.56
CA TYR A 53 2.52 -11.32 -10.90
C TYR A 53 4.04 -11.23 -10.89
N GLU A 54 4.67 -11.75 -9.86
CA GLU A 54 6.16 -11.66 -9.74
C GLU A 54 6.75 -13.03 -9.36
N GLY A 55 6.17 -13.68 -8.38
CA GLY A 55 6.68 -15.01 -7.93
C GLY A 55 6.47 -15.16 -6.42
N SER A 56 6.60 -14.09 -5.68
CA SER A 56 6.43 -14.15 -4.19
C SER A 56 4.95 -14.33 -3.84
N ASP A 57 4.63 -15.38 -3.10
CA ASP A 57 3.20 -15.64 -2.72
C ASP A 57 2.77 -14.70 -1.59
N PHE A 58 3.67 -14.41 -0.66
CA PHE A 58 3.33 -13.52 0.48
C PHE A 58 4.61 -12.88 1.04
N GLN A 59 5.23 -12.01 0.26
CA GLN A 59 6.51 -11.37 0.69
C GLN A 59 6.69 -10.03 -0.02
N CYS A 60 6.52 -8.94 0.69
CA CYS A 60 6.66 -7.59 0.07
C CYS A 60 7.98 -6.95 0.51
N LYS A 61 9.05 -7.20 -0.23
CA LYS A 61 10.41 -6.74 0.19
C LYS A 61 10.63 -5.28 -0.20
N ASP A 62 11.75 -4.72 0.19
CA ASP A 62 12.15 -3.35 -0.28
C ASP A 62 13.62 -3.37 -0.73
N SER A 63 13.97 -2.53 -1.68
CA SER A 63 15.38 -2.51 -2.20
C SER A 63 16.30 -1.82 -1.18
N PRO A 64 17.50 -2.35 -0.99
CA PRO A 64 18.40 -1.84 0.10
C PRO A 64 19.14 -0.57 -0.34
N LYS A 65 18.41 0.47 -0.66
CA LYS A 65 19.04 1.80 -0.95
C LYS A 65 18.05 2.94 -0.70
N ALA A 66 17.18 2.77 0.27
CA ALA A 66 16.11 3.78 0.55
C ALA A 66 16.66 4.91 1.42
N GLN A 67 16.58 6.13 0.95
CA GLN A 67 17.02 7.31 1.77
C GLN A 67 15.83 8.27 2.00
N LEU A 68 14.73 7.75 2.50
CA LEU A 68 13.52 8.60 2.73
C LEU A 68 12.64 7.99 3.83
N ARG A 69 11.87 8.81 4.51
CA ARG A 69 10.92 8.30 5.55
C ARG A 69 9.54 8.05 4.91
N ARG A 70 9.04 6.84 4.99
CA ARG A 70 7.77 6.49 4.27
C ARG A 70 7.15 5.22 4.86
N THR A 71 5.91 4.95 4.54
CA THR A 71 5.27 3.65 4.93
C THR A 71 4.64 3.00 3.69
N ILE A 72 4.60 1.69 3.65
CA ILE A 72 4.00 0.97 2.48
C ILE A 72 3.25 -0.28 2.95
N GLU A 73 2.30 -0.73 2.17
CA GLU A 73 1.50 -1.94 2.55
C GLU A 73 1.09 -2.72 1.29
N CYS A 74 0.84 -4.01 1.45
CA CYS A 74 0.35 -4.83 0.30
C CYS A 74 -0.68 -5.86 0.78
N CYS A 75 -1.52 -6.33 -0.10
CA CYS A 75 -2.72 -7.14 0.32
C CYS A 75 -3.21 -8.03 -0.82
N ARG A 76 -3.57 -9.25 -0.52
CA ARG A 76 -4.01 -10.22 -1.57
C ARG A 76 -5.51 -10.55 -1.42
N THR A 77 -6.32 -9.53 -1.19
CA THR A 77 -7.78 -9.74 -1.03
C THR A 77 -8.56 -8.62 -1.71
N ASN A 78 -9.77 -8.89 -2.13
CA ASN A 78 -10.53 -7.92 -3.01
C ASN A 78 -10.81 -6.61 -2.26
N LEU A 79 -10.68 -5.50 -2.95
CA LEU A 79 -10.93 -4.14 -2.34
C LEU A 79 -10.13 -3.93 -1.05
N CYS A 80 -9.01 -4.60 -0.89
CA CYS A 80 -8.11 -4.28 0.28
C CYS A 80 -7.48 -2.89 0.14
N ASN A 81 -7.34 -2.40 -1.08
CA ASN A 81 -6.75 -1.04 -1.29
C ASN A 81 -7.79 0.05 -1.05
N GLN A 82 -9.04 -0.22 -1.37
CA GLN A 82 -10.12 0.82 -1.24
C GLN A 82 -10.30 1.22 0.24
N TYR A 83 -10.26 0.26 1.13
CA TYR A 83 -10.55 0.55 2.58
C TYR A 83 -9.26 0.62 3.41
N LEU A 84 -8.11 0.75 2.79
CA LEU A 84 -6.82 0.77 3.54
C LEU A 84 -6.00 2.02 3.21
N GLN A 85 -5.91 2.94 4.14
CA GLN A 85 -5.01 4.12 3.96
C GLN A 85 -3.67 3.89 4.69
N PRO A 86 -2.56 3.92 3.96
CA PRO A 86 -1.22 3.78 4.62
C PRO A 86 -0.93 5.00 5.50
N THR A 87 -0.41 4.77 6.69
CA THR A 87 -0.11 5.90 7.62
C THR A 87 1.22 5.64 8.34
N LEU A 88 1.93 6.69 8.69
CA LEU A 88 3.23 6.54 9.41
C LEU A 88 2.98 6.04 10.85
N PRO A 89 3.95 5.34 11.43
CA PRO A 89 3.75 4.75 12.78
C PRO A 89 3.66 5.87 13.85
N PRO A 90 2.90 5.64 14.90
CA PRO A 90 2.77 6.67 15.98
C PRO A 90 4.08 6.80 16.74
N VAL A 91 4.22 7.86 17.51
CA VAL A 91 5.47 8.07 18.32
C VAL A 91 5.41 7.19 19.57
N VAL A 92 6.53 7.00 20.23
CA VAL A 92 6.58 6.12 21.45
C VAL A 92 7.61 6.67 22.43
N ILE A 93 7.41 6.42 23.71
CA ILE A 93 8.44 6.79 24.74
C ILE A 93 8.42 5.76 25.88
N GLY A 94 9.58 5.37 26.35
CA GLY A 94 9.67 4.41 27.49
C GLY A 94 9.31 5.14 28.80
N PRO A 95 10.01 6.23 29.11
CA PRO A 95 9.76 6.98 30.38
C PRO A 95 8.30 7.46 30.46
N PHE A 96 7.79 7.61 31.67
CA PHE A 96 6.38 8.09 31.85
C PHE A 96 6.22 8.76 33.22
N PHE A 97 5.16 9.53 33.39
CA PHE A 97 4.92 10.21 34.69
C PHE A 97 3.42 10.53 34.84
N ASP A 98 2.99 10.78 36.06
CA ASP A 98 1.54 11.09 36.30
C ASP A 98 1.27 12.58 36.05
N GLY A 99 0.40 12.88 35.12
CA GLY A 99 0.05 14.30 34.81
C GLY A 99 -1.41 14.58 35.19
N SER A 100 -2.28 13.64 34.92
CA SER A 100 -3.73 13.82 35.24
C SER A 100 -4.41 12.45 35.41
N ILE A 101 -5.65 12.46 35.84
CA ILE A 101 -6.39 11.17 36.04
C ILE A 101 -7.10 10.78 34.73
N ARG A 102 -6.97 9.54 34.31
CA ARG A 102 -7.59 9.05 33.02
C ARG A 102 -7.16 9.92 31.84
N GLY A 1 8.59 -14.11 -19.60
CA GLY A 1 8.15 -13.93 -18.19
C GLY A 1 7.05 -14.95 -17.86
N PRO A 2 7.44 -16.17 -17.51
CA PRO A 2 6.45 -17.24 -17.15
C PRO A 2 5.55 -16.81 -15.98
N GLU A 3 4.26 -16.75 -16.20
CA GLU A 3 3.31 -16.27 -15.14
C GLU A 3 1.92 -16.86 -15.39
N ASP A 4 1.72 -18.11 -15.03
CA ASP A 4 0.39 -18.76 -15.22
C ASP A 4 -0.58 -18.31 -14.11
N THR A 5 -1.25 -17.20 -14.31
CA THR A 5 -2.26 -16.72 -13.32
C THR A 5 -3.33 -15.88 -14.02
N LEU A 6 -4.58 -16.27 -13.88
CA LEU A 6 -5.70 -15.54 -14.57
C LEU A 6 -6.03 -14.25 -13.80
N PRO A 7 -6.49 -13.22 -14.49
CA PRO A 7 -7.09 -12.03 -13.81
C PRO A 7 -8.37 -12.42 -13.04
N PHE A 8 -8.40 -12.19 -11.75
CA PHE A 8 -9.69 -12.23 -10.99
C PHE A 8 -9.56 -11.41 -9.69
N LEU A 9 -9.14 -10.17 -9.81
CA LEU A 9 -8.95 -9.31 -8.60
C LEU A 9 -8.97 -7.83 -9.02
N LYS A 10 -9.96 -7.10 -8.58
CA LYS A 10 -10.06 -5.64 -8.93
C LYS A 10 -9.56 -4.79 -7.76
N CYS A 11 -8.69 -3.83 -8.05
CA CYS A 11 -8.09 -2.98 -6.97
C CYS A 11 -8.54 -1.53 -7.15
N TYR A 12 -8.84 -0.84 -6.07
CA TYR A 12 -9.19 0.61 -6.16
C TYR A 12 -7.93 1.46 -6.13
N CYS A 13 -7.92 2.56 -6.86
CA CYS A 13 -6.69 3.45 -6.91
C CYS A 13 -7.01 4.84 -6.34
N SER A 14 -6.11 5.37 -5.55
CA SER A 14 -6.30 6.74 -4.99
C SER A 14 -5.13 7.65 -5.38
N GLY A 15 -5.40 8.70 -6.12
CA GLY A 15 -4.33 9.65 -6.54
C GLY A 15 -3.64 9.11 -7.79
N HIS A 16 -3.02 7.95 -7.70
CA HIS A 16 -2.28 7.36 -8.86
C HIS A 16 -3.08 6.22 -9.49
N CYS A 17 -3.57 6.43 -10.70
CA CYS A 17 -4.32 5.35 -11.42
C CYS A 17 -3.87 5.33 -12.90
N PRO A 18 -3.67 4.15 -13.47
CA PRO A 18 -3.10 4.06 -14.85
C PRO A 18 -4.02 4.74 -15.88
N ASP A 19 -3.46 5.24 -16.95
CA ASP A 19 -4.27 6.05 -17.94
C ASP A 19 -5.41 5.24 -18.53
N ASP A 20 -5.26 3.93 -18.61
CA ASP A 20 -6.34 3.06 -19.21
C ASP A 20 -7.32 2.55 -18.14
N ALA A 21 -7.31 3.11 -16.95
CA ALA A 21 -8.13 2.55 -15.83
C ALA A 21 -9.60 2.91 -16.03
N ILE A 22 -10.49 2.19 -15.37
CA ILE A 22 -11.96 2.44 -15.53
C ILE A 22 -12.56 2.70 -14.14
N ASN A 23 -13.42 3.70 -14.03
CA ASN A 23 -14.03 4.14 -12.72
C ASN A 23 -13.04 4.04 -11.53
N ASN A 24 -11.82 4.49 -11.73
CA ASN A 24 -10.74 4.44 -10.66
C ASN A 24 -10.55 3.01 -10.13
N THR A 25 -10.52 2.03 -11.02
CA THR A 25 -10.14 0.64 -10.60
C THR A 25 -9.26 -0.01 -11.68
N CYS A 26 -8.56 -1.06 -11.33
CA CYS A 26 -7.71 -1.79 -12.32
C CYS A 26 -7.76 -3.31 -12.07
N ILE A 27 -7.32 -4.09 -13.03
CA ILE A 27 -7.42 -5.57 -12.92
C ILE A 27 -6.01 -6.15 -12.74
N THR A 28 -5.84 -7.05 -11.79
CA THR A 28 -4.49 -7.66 -11.54
C THR A 28 -4.63 -9.17 -11.22
N ASN A 29 -3.61 -9.93 -11.56
CA ASN A 29 -3.52 -11.34 -11.05
C ASN A 29 -2.41 -11.47 -9.99
N GLY A 30 -2.17 -10.40 -9.25
CA GLY A 30 -1.16 -10.46 -8.15
C GLY A 30 -1.83 -10.02 -6.84
N HIS A 31 -1.71 -8.75 -6.50
CA HIS A 31 -2.38 -8.23 -5.27
C HIS A 31 -2.83 -6.78 -5.52
N CYS A 32 -3.57 -6.22 -4.60
CA CYS A 32 -3.76 -4.74 -4.57
C CYS A 32 -2.70 -4.14 -3.64
N PHE A 33 -2.11 -3.02 -4.00
CA PHE A 33 -1.01 -2.43 -3.18
C PHE A 33 -1.26 -0.94 -2.92
N ALA A 34 -0.82 -0.45 -1.78
CA ALA A 34 -0.97 0.99 -1.46
C ALA A 34 0.16 1.43 -0.53
N ILE A 35 0.68 2.62 -0.72
CA ILE A 35 1.88 3.07 0.04
C ILE A 35 1.76 4.56 0.41
N ILE A 36 2.34 4.95 1.52
CA ILE A 36 2.30 6.37 1.97
C ILE A 36 3.67 6.77 2.54
N GLU A 37 4.05 8.01 2.35
CA GLU A 37 5.47 8.42 2.61
C GLU A 37 5.49 9.86 3.12
N GLU A 38 6.35 10.15 4.08
CA GLU A 38 6.41 11.51 4.70
C GLU A 38 7.58 12.31 4.11
N ASP A 39 7.30 13.38 3.41
CA ASP A 39 8.38 14.17 2.73
C ASP A 39 8.97 15.21 3.69
N ASP A 40 9.99 15.92 3.26
CA ASP A 40 10.74 16.85 4.18
C ASP A 40 9.84 17.95 4.75
N GLN A 41 8.69 18.19 4.16
CA GLN A 41 7.74 19.23 4.70
C GLN A 41 6.72 18.61 5.67
N GLY A 42 6.61 17.30 5.72
CA GLY A 42 5.69 16.64 6.71
C GLY A 42 4.31 16.40 6.09
N GLU A 43 4.20 16.38 4.77
CA GLU A 43 2.93 15.95 4.11
C GLU A 43 3.03 14.47 3.71
N THR A 44 1.97 13.73 3.86
CA THR A 44 1.96 12.29 3.46
C THR A 44 1.40 12.13 2.04
N THR A 45 2.14 11.49 1.16
CA THR A 45 1.63 11.24 -0.23
C THR A 45 1.06 9.82 -0.33
N LEU A 46 -0.24 9.72 -0.53
CA LEU A 46 -0.90 8.38 -0.63
C LEU A 46 -1.14 8.00 -2.09
N ALA A 47 -0.75 6.80 -2.47
CA ALA A 47 -1.04 6.30 -3.86
C ALA A 47 -1.21 4.78 -3.84
N SER A 48 -2.08 4.28 -4.69
CA SER A 48 -2.31 2.80 -4.78
C SER A 48 -2.56 2.39 -6.23
N GLY A 49 -2.51 1.10 -6.51
CA GLY A 49 -2.73 0.60 -7.90
C GLY A 49 -2.65 -0.92 -7.94
N CYS A 50 -2.49 -1.48 -9.12
CA CYS A 50 -2.50 -2.97 -9.27
C CYS A 50 -1.06 -3.51 -9.29
N MET A 51 -0.80 -4.55 -8.51
CA MET A 51 0.57 -5.15 -8.47
C MET A 51 0.61 -6.43 -9.31
N LYS A 52 1.52 -6.50 -10.26
CA LYS A 52 1.67 -7.75 -11.09
C LYS A 52 2.15 -8.92 -10.22
N TYR A 53 2.11 -10.12 -10.75
CA TYR A 53 2.55 -11.33 -9.97
C TYR A 53 4.05 -11.25 -9.67
N GLU A 54 4.47 -11.77 -8.54
CA GLU A 54 5.91 -11.71 -8.14
C GLU A 54 6.33 -13.01 -7.47
N GLY A 55 5.55 -13.48 -6.51
CA GLY A 55 5.91 -14.73 -5.77
C GLY A 55 5.65 -14.54 -4.28
N SER A 56 5.88 -13.34 -3.77
CA SER A 56 5.66 -13.07 -2.32
C SER A 56 4.16 -13.04 -2.00
N ASP A 57 3.72 -13.86 -1.07
CA ASP A 57 2.26 -13.90 -0.72
C ASP A 57 1.87 -12.68 0.13
N PHE A 58 2.72 -12.31 1.06
CA PHE A 58 2.42 -11.12 1.93
C PHE A 58 3.72 -10.52 2.49
N GLN A 59 4.81 -10.65 1.76
CA GLN A 59 6.10 -10.03 2.22
C GLN A 59 6.09 -8.52 1.93
N CYS A 60 5.48 -7.75 2.80
CA CYS A 60 5.36 -6.27 2.57
C CYS A 60 5.96 -5.51 3.76
N LYS A 61 6.99 -6.05 4.38
CA LYS A 61 7.63 -5.38 5.55
C LYS A 61 8.62 -4.31 5.08
N ASP A 62 8.96 -3.38 5.95
CA ASP A 62 9.94 -2.30 5.58
C ASP A 62 11.20 -2.40 6.45
N SER A 63 12.34 -2.58 5.83
CA SER A 63 13.63 -2.67 6.61
C SER A 63 14.10 -1.27 7.01
N PRO A 64 14.80 -1.16 8.14
CA PRO A 64 15.41 0.14 8.54
C PRO A 64 16.76 0.36 7.83
N LYS A 65 16.76 0.33 6.52
CA LYS A 65 18.02 0.52 5.73
C LYS A 65 17.69 1.03 4.33
N ALA A 66 16.88 2.07 4.25
CA ALA A 66 16.27 2.46 2.95
C ALA A 66 15.90 3.96 2.96
N GLN A 67 15.16 4.40 1.96
CA GLN A 67 14.82 5.85 1.83
C GLN A 67 13.96 6.30 3.01
N LEU A 68 13.40 7.50 2.92
CA LEU A 68 12.77 8.15 4.12
C LEU A 68 11.55 7.32 4.59
N ARG A 69 11.09 7.56 5.79
CA ARG A 69 10.17 6.58 6.46
C ARG A 69 8.84 6.50 5.71
N ARG A 70 8.15 5.38 5.86
CA ARG A 70 6.88 5.17 5.09
C ARG A 70 6.04 4.07 5.74
N THR A 71 4.79 3.97 5.36
CA THR A 71 3.95 2.79 5.76
C THR A 71 3.34 2.20 4.49
N ILE A 72 3.17 0.89 4.46
CA ILE A 72 2.69 0.21 3.22
C ILE A 72 1.74 -0.94 3.56
N GLU A 73 0.90 -1.31 2.63
CA GLU A 73 -0.07 -2.43 2.87
C GLU A 73 -0.32 -3.19 1.56
N CYS A 74 -0.54 -4.48 1.65
CA CYS A 74 -0.87 -5.30 0.43
C CYS A 74 -1.90 -6.38 0.79
N CYS A 75 -2.77 -6.71 -0.15
CA CYS A 75 -3.94 -7.59 0.18
C CYS A 75 -4.47 -8.28 -1.10
N ARG A 76 -4.69 -9.56 -1.03
CA ARG A 76 -5.13 -10.35 -2.23
C ARG A 76 -6.62 -10.69 -2.13
N THR A 77 -7.44 -9.72 -1.82
CA THR A 77 -8.92 -9.94 -1.80
C THR A 77 -9.62 -8.73 -2.43
N ASN A 78 -10.78 -8.96 -3.01
CA ASN A 78 -11.36 -7.95 -3.96
C ASN A 78 -11.66 -6.61 -3.27
N LEU A 79 -11.24 -5.52 -3.89
CA LEU A 79 -11.47 -4.14 -3.33
C LEU A 79 -10.99 -4.03 -1.87
N CYS A 80 -10.01 -4.83 -1.48
CA CYS A 80 -9.41 -4.69 -0.10
C CYS A 80 -8.75 -3.32 0.09
N ASN A 81 -8.35 -2.67 -0.98
CA ASN A 81 -7.73 -1.31 -0.86
C ASN A 81 -8.79 -0.24 -0.57
N GLN A 82 -10.01 -0.44 -1.03
CA GLN A 82 -11.04 0.66 -0.98
C GLN A 82 -11.33 1.08 0.47
N TYR A 83 -11.40 0.12 1.36
CA TYR A 83 -11.68 0.42 2.81
C TYR A 83 -10.39 0.42 3.65
N LEU A 84 -9.24 0.48 3.03
CA LEU A 84 -7.94 0.39 3.78
C LEU A 84 -7.21 1.72 3.75
N GLN A 85 -7.16 2.41 4.88
CA GLN A 85 -6.36 3.67 4.98
C GLN A 85 -4.99 3.37 5.62
N PRO A 86 -3.90 3.67 4.91
CA PRO A 86 -2.54 3.51 5.52
C PRO A 86 -2.34 4.58 6.61
N THR A 87 -1.70 4.21 7.70
CA THR A 87 -1.45 5.19 8.80
C THR A 87 -0.04 4.98 9.37
N LEU A 88 0.67 6.06 9.61
CA LEU A 88 2.06 5.97 10.18
C LEU A 88 1.97 5.56 11.67
N PRO A 89 3.03 4.95 12.19
CA PRO A 89 3.04 4.54 13.62
C PRO A 89 2.94 5.77 14.55
N PRO A 90 2.38 5.58 15.75
CA PRO A 90 2.18 6.74 16.67
C PRO A 90 3.54 7.29 17.15
N VAL A 91 3.70 8.60 17.11
CA VAL A 91 4.99 9.22 17.57
C VAL A 91 4.96 9.32 19.10
N VAL A 92 6.09 9.58 19.71
CA VAL A 92 6.16 9.71 21.21
C VAL A 92 5.87 11.15 21.63
N ILE A 93 5.22 11.33 22.76
CA ILE A 93 4.86 12.70 23.24
C ILE A 93 6.01 13.25 24.10
N GLY A 94 6.49 14.43 23.80
CA GLY A 94 7.59 15.05 24.59
C GLY A 94 7.05 16.29 25.34
N PRO A 95 6.60 17.30 24.61
CA PRO A 95 6.04 18.54 25.25
C PRO A 95 4.85 18.20 26.16
N PHE A 96 4.43 19.15 26.98
CA PHE A 96 3.28 18.90 27.91
C PHE A 96 1.96 19.12 27.18
N PHE A 97 0.91 18.47 27.63
CA PHE A 97 -0.44 18.62 26.97
C PHE A 97 -1.02 20.00 27.25
N ASP A 98 -1.85 20.49 26.36
CA ASP A 98 -2.46 21.85 26.55
C ASP A 98 -3.68 21.76 27.47
N GLY A 99 -4.39 20.66 27.41
CA GLY A 99 -5.60 20.48 28.28
C GLY A 99 -6.79 21.21 27.67
N SER A 100 -7.17 20.86 26.46
CA SER A 100 -8.32 21.54 25.79
C SER A 100 -9.64 20.98 26.31
N ILE A 101 -10.73 21.68 26.08
CA ILE A 101 -12.07 21.21 26.56
C ILE A 101 -12.72 20.32 25.49
N ARG A 102 -13.36 19.25 25.91
CA ARG A 102 -14.03 18.33 24.94
C ARG A 102 -15.15 17.55 25.63
N GLY A 1 5.98 -23.78 -18.76
CA GLY A 1 4.70 -24.08 -19.44
C GLY A 1 3.52 -23.82 -18.48
N PRO A 2 3.36 -24.68 -17.48
CA PRO A 2 2.25 -24.51 -16.50
C PRO A 2 2.34 -23.15 -15.78
N GLU A 3 1.31 -22.34 -15.91
CA GLU A 3 1.32 -20.97 -15.31
C GLU A 3 -0.13 -20.50 -15.06
N ASP A 4 -0.73 -20.97 -14.00
CA ASP A 4 -2.12 -20.55 -13.66
C ASP A 4 -2.11 -19.17 -12.99
N THR A 5 -2.15 -18.13 -13.79
CA THR A 5 -2.19 -16.74 -13.24
C THR A 5 -3.22 -15.90 -14.00
N LEU A 6 -4.48 -16.25 -13.89
CA LEU A 6 -5.56 -15.51 -14.61
C LEU A 6 -5.89 -14.21 -13.86
N PRO A 7 -6.34 -13.18 -14.58
CA PRO A 7 -6.94 -11.98 -13.92
C PRO A 7 -8.24 -12.35 -13.19
N PHE A 8 -8.29 -12.12 -11.90
CA PHE A 8 -9.60 -12.14 -11.17
C PHE A 8 -9.49 -11.34 -9.85
N LEU A 9 -9.04 -10.11 -9.95
CA LEU A 9 -8.88 -9.25 -8.73
C LEU A 9 -8.88 -7.78 -9.13
N LYS A 10 -9.88 -7.04 -8.69
CA LYS A 10 -9.96 -5.58 -9.02
C LYS A 10 -9.47 -4.75 -7.82
N CYS A 11 -8.58 -3.81 -8.08
CA CYS A 11 -8.01 -2.98 -6.97
C CYS A 11 -8.43 -1.52 -7.14
N TYR A 12 -8.74 -0.85 -6.06
CA TYR A 12 -9.10 0.61 -6.14
C TYR A 12 -7.83 1.46 -6.11
N CYS A 13 -7.81 2.54 -6.86
CA CYS A 13 -6.58 3.39 -6.95
C CYS A 13 -6.83 4.79 -6.36
N SER A 14 -5.89 5.30 -5.60
CA SER A 14 -6.02 6.68 -5.05
C SER A 14 -4.82 7.53 -5.47
N GLY A 15 -5.05 8.77 -5.83
CA GLY A 15 -3.93 9.67 -6.26
C GLY A 15 -3.48 9.30 -7.67
N HIS A 16 -2.90 8.14 -7.83
CA HIS A 16 -2.36 7.72 -9.17
C HIS A 16 -3.16 6.52 -9.71
N CYS A 17 -3.69 6.66 -10.91
CA CYS A 17 -4.39 5.52 -11.57
C CYS A 17 -4.01 5.49 -13.06
N PRO A 18 -3.73 4.31 -13.61
CA PRO A 18 -3.20 4.24 -15.01
C PRO A 18 -4.17 4.85 -16.02
N ASP A 19 -3.66 5.37 -17.12
CA ASP A 19 -4.50 6.15 -18.09
C ASP A 19 -5.65 5.28 -18.65
N ASP A 20 -5.45 3.98 -18.73
CA ASP A 20 -6.50 3.08 -19.31
C ASP A 20 -7.45 2.53 -18.22
N ALA A 21 -7.44 3.10 -17.03
CA ALA A 21 -8.22 2.51 -15.90
C ALA A 21 -9.70 2.86 -16.05
N ILE A 22 -10.56 2.14 -15.36
CA ILE A 22 -12.03 2.39 -15.46
C ILE A 22 -12.60 2.65 -14.07
N ASN A 23 -13.47 3.64 -13.93
CA ASN A 23 -14.05 4.06 -12.60
C ASN A 23 -13.03 3.99 -11.44
N ASN A 24 -11.81 4.45 -11.68
CA ASN A 24 -10.72 4.42 -10.65
C ASN A 24 -10.50 3.00 -10.11
N THR A 25 -10.48 2.02 -10.98
CA THR A 25 -10.07 0.63 -10.57
C THR A 25 -9.19 0.00 -11.66
N CYS A 26 -8.44 -1.03 -11.30
CA CYS A 26 -7.58 -1.74 -12.30
C CYS A 26 -7.63 -3.25 -12.08
N ILE A 27 -7.19 -4.01 -13.05
CA ILE A 27 -7.28 -5.51 -12.97
C ILE A 27 -5.88 -6.09 -12.78
N THR A 28 -5.72 -6.99 -11.83
CA THR A 28 -4.38 -7.61 -11.58
C THR A 28 -4.52 -9.11 -11.28
N ASN A 29 -3.51 -9.88 -11.60
CA ASN A 29 -3.42 -11.30 -11.10
C ASN A 29 -2.33 -11.43 -10.03
N GLY A 30 -2.08 -10.38 -9.28
CA GLY A 30 -1.08 -10.44 -8.16
C GLY A 30 -1.78 -10.05 -6.85
N HIS A 31 -1.69 -8.79 -6.49
CA HIS A 31 -2.40 -8.30 -5.27
C HIS A 31 -2.79 -6.83 -5.46
N CYS A 32 -3.56 -6.28 -4.56
CA CYS A 32 -3.75 -4.80 -4.50
C CYS A 32 -2.71 -4.21 -3.55
N PHE A 33 -2.12 -3.09 -3.88
CA PHE A 33 -1.04 -2.51 -3.03
C PHE A 33 -1.30 -1.02 -2.75
N ALA A 34 -0.85 -0.54 -1.63
CA ALA A 34 -1.00 0.91 -1.29
C ALA A 34 0.14 1.34 -0.35
N ILE A 35 0.63 2.55 -0.53
CA ILE A 35 1.84 2.99 0.23
C ILE A 35 1.71 4.49 0.59
N ILE A 36 2.30 4.88 1.70
CA ILE A 36 2.25 6.31 2.14
C ILE A 36 3.63 6.73 2.68
N GLU A 37 4.02 7.95 2.45
CA GLU A 37 5.45 8.36 2.69
C GLU A 37 5.50 9.82 3.13
N GLU A 38 6.45 10.17 3.99
CA GLU A 38 6.53 11.54 4.54
C GLU A 38 7.60 12.35 3.82
N ASP A 39 7.21 13.42 3.16
CA ASP A 39 8.18 14.23 2.35
C ASP A 39 8.87 15.29 3.22
N ASP A 40 9.82 16.01 2.66
CA ASP A 40 10.64 16.97 3.48
C ASP A 40 9.77 18.06 4.13
N GLN A 41 8.57 18.27 3.66
CA GLN A 41 7.66 19.30 4.28
C GLN A 41 6.74 18.68 5.35
N GLY A 42 6.70 17.37 5.47
CA GLY A 42 5.87 16.71 6.53
C GLY A 42 4.44 16.45 6.02
N GLU A 43 4.23 16.42 4.72
CA GLU A 43 2.92 15.94 4.17
C GLU A 43 3.03 14.46 3.78
N THR A 44 1.97 13.71 3.98
CA THR A 44 1.97 12.26 3.58
C THR A 44 1.36 12.10 2.19
N THR A 45 2.07 11.47 1.28
CA THR A 45 1.54 11.22 -0.09
C THR A 45 0.97 9.80 -0.20
N LEU A 46 -0.33 9.68 -0.36
CA LEU A 46 -0.98 8.34 -0.44
C LEU A 46 -1.20 7.95 -1.90
N ALA A 47 -0.76 6.76 -2.29
CA ALA A 47 -1.01 6.27 -3.67
C ALA A 47 -1.22 4.76 -3.66
N SER A 48 -2.07 4.25 -4.53
CA SER A 48 -2.32 2.78 -4.63
C SER A 48 -2.53 2.38 -6.09
N GLY A 49 -2.50 1.09 -6.37
CA GLY A 49 -2.67 0.61 -7.77
C GLY A 49 -2.60 -0.92 -7.82
N CYS A 50 -2.40 -1.46 -9.01
CA CYS A 50 -2.42 -2.96 -9.18
C CYS A 50 -0.98 -3.50 -9.17
N MET A 51 -0.75 -4.55 -8.42
CA MET A 51 0.61 -5.18 -8.37
C MET A 51 0.61 -6.46 -9.21
N LYS A 52 1.49 -6.54 -10.20
CA LYS A 52 1.60 -7.78 -11.03
C LYS A 52 2.15 -8.94 -10.18
N TYR A 53 1.96 -10.16 -10.65
CA TYR A 53 2.49 -11.35 -9.89
C TYR A 53 4.02 -11.34 -9.88
N GLU A 54 4.62 -11.84 -8.82
CA GLU A 54 6.12 -11.91 -8.76
C GLU A 54 6.58 -13.02 -7.80
N GLY A 55 5.78 -14.05 -7.62
CA GLY A 55 6.20 -15.21 -6.78
C GLY A 55 5.62 -15.08 -5.37
N SER A 56 5.61 -13.89 -4.82
CA SER A 56 5.13 -13.69 -3.41
C SER A 56 3.61 -13.81 -3.34
N ASP A 57 3.11 -14.85 -2.71
CA ASP A 57 1.63 -15.00 -2.54
C ASP A 57 1.14 -14.14 -1.36
N PHE A 58 1.92 -14.06 -0.32
CA PHE A 58 1.52 -13.27 0.89
C PHE A 58 2.77 -12.85 1.67
N GLN A 59 3.47 -11.84 1.18
CA GLN A 59 4.73 -11.38 1.85
C GLN A 59 5.01 -9.92 1.49
N CYS A 60 5.03 -9.06 2.48
CA CYS A 60 5.28 -7.60 2.23
C CYS A 60 6.18 -7.03 3.33
N LYS A 61 7.15 -7.81 3.77
CA LYS A 61 8.04 -7.36 4.90
C LYS A 61 9.06 -6.33 4.41
N ASP A 62 9.77 -5.72 5.33
CA ASP A 62 10.84 -4.73 4.96
C ASP A 62 11.98 -4.76 5.98
N SER A 63 13.20 -4.93 5.52
CA SER A 63 14.38 -4.89 6.44
C SER A 63 14.65 -3.46 6.91
N PRO A 64 15.42 -3.29 7.98
CA PRO A 64 15.62 -1.94 8.59
C PRO A 64 16.72 -1.15 7.85
N LYS A 65 16.56 -0.94 6.57
CA LYS A 65 17.46 -0.01 5.81
C LYS A 65 16.73 0.51 4.57
N ALA A 66 15.44 0.72 4.69
CA ALA A 66 14.58 1.02 3.49
C ALA A 66 14.67 2.50 3.10
N GLN A 67 13.82 2.92 2.20
CA GLN A 67 13.73 4.38 1.83
C GLN A 67 13.24 5.20 3.04
N LEU A 68 12.89 6.44 2.83
CA LEU A 68 12.54 7.36 3.97
C LEU A 68 11.27 6.84 4.66
N ARG A 69 10.94 7.38 5.82
CA ARG A 69 9.99 6.67 6.75
C ARG A 69 8.59 6.62 6.13
N ARG A 70 7.96 5.47 6.18
CA ARG A 70 6.72 5.23 5.39
C ARG A 70 5.94 4.03 5.94
N THR A 71 4.70 3.90 5.54
CA THR A 71 3.92 2.67 5.87
C THR A 71 3.35 2.06 4.58
N ILE A 72 3.20 0.75 4.55
CA ILE A 72 2.75 0.07 3.30
C ILE A 72 1.82 -1.09 3.64
N GLU A 73 0.95 -1.45 2.72
CA GLU A 73 -0.02 -2.58 2.97
C GLU A 73 -0.30 -3.32 1.65
N CYS A 74 -0.61 -4.60 1.76
CA CYS A 74 -0.97 -5.41 0.55
C CYS A 74 -2.08 -6.41 0.91
N CYS A 75 -2.93 -6.76 -0.05
CA CYS A 75 -4.12 -7.60 0.26
C CYS A 75 -4.62 -8.31 -1.01
N ARG A 76 -4.89 -9.59 -0.89
CA ARG A 76 -5.32 -10.41 -2.09
C ARG A 76 -6.82 -10.73 -2.02
N THR A 77 -7.63 -9.71 -1.84
CA THR A 77 -9.12 -9.89 -1.86
C THR A 77 -9.79 -8.68 -2.51
N ASN A 78 -10.92 -8.87 -3.12
CA ASN A 78 -11.46 -7.86 -4.09
C ASN A 78 -11.75 -6.52 -3.40
N LEU A 79 -11.29 -5.44 -3.99
CA LEU A 79 -11.49 -4.06 -3.43
C LEU A 79 -11.05 -3.96 -1.96
N CYS A 80 -10.10 -4.78 -1.55
CA CYS A 80 -9.53 -4.67 -0.17
C CYS A 80 -8.84 -3.31 0.05
N ASN A 81 -8.40 -2.67 -1.01
CA ASN A 81 -7.75 -1.32 -0.88
C ASN A 81 -8.78 -0.23 -0.56
N GLN A 82 -10.00 -0.39 -1.02
CA GLN A 82 -11.01 0.72 -0.96
C GLN A 82 -11.29 1.12 0.49
N TYR A 83 -11.39 0.15 1.37
CA TYR A 83 -11.70 0.43 2.81
C TYR A 83 -10.42 0.41 3.68
N LEU A 84 -9.25 0.48 3.08
CA LEU A 84 -7.98 0.37 3.86
C LEU A 84 -7.23 1.70 3.84
N GLN A 85 -7.16 2.37 4.97
CA GLN A 85 -6.35 3.63 5.08
C GLN A 85 -4.96 3.30 5.68
N PRO A 86 -3.90 3.62 4.94
CA PRO A 86 -2.53 3.47 5.52
C PRO A 86 -2.27 4.56 6.56
N THR A 87 -1.66 4.21 7.68
CA THR A 87 -1.33 5.23 8.72
C THR A 87 0.07 4.95 9.30
N LEU A 88 0.75 5.99 9.74
CA LEU A 88 2.12 5.81 10.32
C LEU A 88 2.02 5.13 11.70
N PRO A 89 3.01 4.31 12.05
CA PRO A 89 2.96 3.59 13.35
C PRO A 89 3.17 4.58 14.51
N PRO A 90 2.57 4.29 15.67
CA PRO A 90 2.76 5.17 16.85
C PRO A 90 4.21 5.08 17.37
N VAL A 91 4.76 6.18 17.81
CA VAL A 91 6.17 6.20 18.35
C VAL A 91 6.28 7.29 19.40
N VAL A 92 7.34 7.26 20.19
CA VAL A 92 7.52 8.29 21.27
C VAL A 92 8.27 9.52 20.72
N ILE A 93 7.80 10.71 21.05
CA ILE A 93 8.48 11.96 20.58
C ILE A 93 8.20 13.09 21.58
N GLY A 94 9.24 13.63 22.17
CA GLY A 94 9.07 14.74 23.17
C GLY A 94 8.41 14.18 24.44
N PRO A 95 7.76 15.04 25.21
CA PRO A 95 7.01 14.58 26.44
C PRO A 95 5.94 13.53 26.08
N PHE A 96 5.80 12.52 26.90
CA PHE A 96 4.79 11.45 26.62
C PHE A 96 3.40 11.87 27.14
N PHE A 97 2.36 11.51 26.44
CA PHE A 97 0.97 11.83 26.90
C PHE A 97 -0.03 10.83 26.28
N ASP A 98 -0.63 10.00 27.11
CA ASP A 98 -1.61 9.00 26.60
C ASP A 98 -2.59 8.61 27.72
N GLY A 99 -3.79 8.22 27.38
CA GLY A 99 -4.80 7.79 28.40
C GLY A 99 -4.89 6.27 28.43
N SER A 100 -3.78 5.59 28.21
CA SER A 100 -3.79 4.09 28.22
C SER A 100 -2.38 3.57 28.56
N ILE A 101 -2.30 2.37 29.08
CA ILE A 101 -0.98 1.76 29.43
C ILE A 101 -0.43 0.99 28.22
N ARG A 102 0.80 1.22 27.86
CA ARG A 102 1.42 0.50 26.69
C ARG A 102 2.07 -0.81 27.15
N GLY A 1 6.06 -24.80 -13.94
CA GLY A 1 4.95 -25.30 -13.08
C GLY A 1 3.61 -24.77 -13.62
N PRO A 2 2.53 -24.98 -12.86
CA PRO A 2 1.18 -24.50 -13.30
C PRO A 2 1.18 -22.97 -13.50
N GLU A 3 0.87 -22.53 -14.70
CA GLU A 3 0.82 -21.05 -14.99
C GLU A 3 -0.59 -20.49 -14.75
N ASP A 4 -1.19 -20.83 -13.63
CA ASP A 4 -2.58 -20.36 -13.33
C ASP A 4 -2.57 -18.90 -12.82
N THR A 5 -2.10 -17.99 -13.64
CA THR A 5 -2.00 -16.56 -13.23
C THR A 5 -3.06 -15.73 -13.98
N LEU A 6 -4.30 -16.17 -13.93
CA LEU A 6 -5.39 -15.44 -14.67
C LEU A 6 -5.80 -14.17 -13.89
N PRO A 7 -6.27 -13.16 -14.59
CA PRO A 7 -6.89 -11.97 -13.90
C PRO A 7 -8.18 -12.38 -13.16
N PHE A 8 -8.23 -12.17 -11.87
CA PHE A 8 -9.53 -12.21 -11.13
C PHE A 8 -9.43 -11.43 -9.81
N LEU A 9 -9.00 -10.18 -9.89
CA LEU A 9 -8.85 -9.34 -8.68
C LEU A 9 -8.87 -7.85 -9.06
N LYS A 10 -9.89 -7.15 -8.62
CA LYS A 10 -10.00 -5.69 -8.96
C LYS A 10 -9.52 -4.84 -7.78
N CYS A 11 -8.68 -3.85 -8.05
CA CYS A 11 -8.12 -3.01 -6.95
C CYS A 11 -8.55 -1.55 -7.13
N TYR A 12 -8.88 -0.87 -6.05
CA TYR A 12 -9.23 0.58 -6.14
C TYR A 12 -7.95 1.43 -6.10
N CYS A 13 -7.92 2.51 -6.86
CA CYS A 13 -6.68 3.35 -6.94
C CYS A 13 -6.95 4.74 -6.35
N SER A 14 -6.00 5.26 -5.59
CA SER A 14 -6.12 6.65 -5.04
C SER A 14 -4.92 7.49 -5.48
N GLY A 15 -5.15 8.74 -5.80
CA GLY A 15 -4.04 9.65 -6.24
C GLY A 15 -3.60 9.27 -7.66
N HIS A 16 -3.00 8.11 -7.80
CA HIS A 16 -2.46 7.70 -9.14
C HIS A 16 -3.24 6.50 -9.69
N CYS A 17 -3.78 6.63 -10.88
CA CYS A 17 -4.46 5.48 -11.55
C CYS A 17 -4.07 5.44 -13.04
N PRO A 18 -3.78 4.26 -13.58
CA PRO A 18 -3.20 4.17 -14.96
C PRO A 18 -4.16 4.79 -15.99
N ASP A 19 -3.63 5.29 -17.09
CA ASP A 19 -4.46 6.06 -18.09
C ASP A 19 -5.59 5.19 -18.65
N ASP A 20 -5.39 3.89 -18.71
CA ASP A 20 -6.43 2.98 -19.31
C ASP A 20 -7.40 2.44 -18.23
N ALA A 21 -7.41 3.03 -17.05
CA ALA A 21 -8.21 2.46 -15.92
C ALA A 21 -9.69 2.82 -16.07
N ILE A 22 -10.56 2.12 -15.38
CA ILE A 22 -12.03 2.38 -15.50
C ILE A 22 -12.60 2.62 -14.11
N ASN A 23 -13.49 3.59 -13.97
CA ASN A 23 -14.12 3.98 -12.65
C ASN A 23 -13.12 3.92 -11.47
N ASN A 24 -11.92 4.42 -11.68
CA ASN A 24 -10.84 4.41 -10.62
C ASN A 24 -10.59 2.99 -10.09
N THR A 25 -10.55 2.02 -10.97
CA THR A 25 -10.16 0.62 -10.57
C THR A 25 -9.30 -0.02 -11.66
N CYS A 26 -8.57 -1.06 -11.29
CA CYS A 26 -7.69 -1.76 -12.28
C CYS A 26 -7.73 -3.29 -12.05
N ILE A 27 -7.26 -4.05 -13.01
CA ILE A 27 -7.34 -5.54 -12.93
C ILE A 27 -5.92 -6.10 -12.73
N THR A 28 -5.75 -7.00 -11.78
CA THR A 28 -4.40 -7.60 -11.52
C THR A 28 -4.51 -9.10 -11.24
N ASN A 29 -3.48 -9.84 -11.56
CA ASN A 29 -3.38 -11.27 -11.10
C ASN A 29 -2.29 -11.40 -10.03
N GLY A 30 -2.07 -10.36 -9.25
CA GLY A 30 -1.08 -10.41 -8.13
C GLY A 30 -1.78 -10.03 -6.83
N HIS A 31 -1.71 -8.77 -6.47
CA HIS A 31 -2.43 -8.27 -5.25
C HIS A 31 -2.83 -6.81 -5.46
N CYS A 32 -3.61 -6.27 -4.55
CA CYS A 32 -3.80 -4.78 -4.51
C CYS A 32 -2.76 -4.19 -3.56
N PHE A 33 -2.18 -3.06 -3.90
CA PHE A 33 -1.10 -2.47 -3.04
C PHE A 33 -1.39 -0.99 -2.75
N ALA A 34 -0.92 -0.51 -1.63
CA ALA A 34 -1.08 0.93 -1.28
C ALA A 34 0.08 1.38 -0.39
N ILE A 35 0.56 2.60 -0.58
CA ILE A 35 1.79 3.05 0.13
C ILE A 35 1.65 4.52 0.54
N ILE A 36 2.28 4.90 1.64
CA ILE A 36 2.25 6.32 2.10
C ILE A 36 3.63 6.70 2.65
N GLU A 37 4.04 7.93 2.46
CA GLU A 37 5.45 8.33 2.76
C GLU A 37 5.50 9.81 3.17
N GLU A 38 6.37 10.15 4.09
CA GLU A 38 6.47 11.56 4.59
C GLU A 38 7.67 12.26 3.94
N ASP A 39 7.41 13.31 3.18
CA ASP A 39 8.51 14.01 2.44
C ASP A 39 9.18 15.07 3.32
N ASP A 40 10.22 15.69 2.83
CA ASP A 40 11.03 16.65 3.67
C ASP A 40 10.18 17.82 4.19
N GLN A 41 9.03 18.07 3.60
CA GLN A 41 8.15 19.18 4.08
C GLN A 41 7.11 18.69 5.10
N GLY A 42 6.95 17.39 5.26
CA GLY A 42 5.99 16.85 6.28
C GLY A 42 4.61 16.61 5.66
N GLU A 43 4.51 16.48 4.35
CA GLU A 43 3.23 16.06 3.72
C GLU A 43 3.26 14.56 3.44
N THR A 44 2.14 13.88 3.66
CA THR A 44 2.07 12.42 3.34
C THR A 44 1.47 12.22 1.95
N THR A 45 2.16 11.49 1.10
CA THR A 45 1.63 11.20 -0.27
C THR A 45 1.00 9.80 -0.30
N LEU A 46 -0.30 9.73 -0.47
CA LEU A 46 -1.01 8.42 -0.51
C LEU A 46 -1.26 8.01 -1.97
N ALA A 47 -0.87 6.81 -2.33
CA ALA A 47 -1.14 6.29 -3.71
C ALA A 47 -1.35 4.78 -3.68
N SER A 48 -2.22 4.28 -4.54
CA SER A 48 -2.45 2.81 -4.63
C SER A 48 -2.69 2.40 -6.08
N GLY A 49 -2.66 1.11 -6.36
CA GLY A 49 -2.85 0.63 -7.77
C GLY A 49 -2.73 -0.89 -7.82
N CYS A 50 -2.54 -1.43 -9.01
CA CYS A 50 -2.50 -2.91 -9.20
C CYS A 50 -1.05 -3.41 -9.22
N MET A 51 -0.75 -4.45 -8.47
CA MET A 51 0.63 -5.02 -8.45
C MET A 51 0.70 -6.25 -9.37
N LYS A 52 1.57 -6.22 -10.35
CA LYS A 52 1.71 -7.37 -11.29
C LYS A 52 2.24 -8.62 -10.56
N TYR A 53 2.14 -9.78 -11.18
CA TYR A 53 2.62 -11.04 -10.52
C TYR A 53 4.14 -11.00 -10.32
N GLU A 54 4.59 -11.21 -9.10
CA GLU A 54 6.05 -11.21 -8.81
C GLU A 54 6.52 -12.62 -8.45
N GLY A 55 5.68 -13.39 -7.79
CA GLY A 55 6.05 -14.77 -7.38
C GLY A 55 6.41 -14.78 -5.89
N SER A 56 7.10 -13.75 -5.43
CA SER A 56 7.46 -13.66 -3.98
C SER A 56 6.24 -13.26 -3.15
N ASP A 57 5.81 -14.13 -2.26
CA ASP A 57 4.61 -13.82 -1.40
C ASP A 57 4.99 -12.89 -0.26
N PHE A 58 6.21 -13.00 0.25
CA PHE A 58 6.62 -12.20 1.44
C PHE A 58 7.08 -10.78 1.05
N GLN A 59 6.98 -10.40 -0.21
CA GLN A 59 7.44 -9.03 -0.63
C GLN A 59 6.43 -7.97 -0.20
N CYS A 60 6.27 -7.78 1.09
CA CYS A 60 5.32 -6.76 1.61
C CYS A 60 5.76 -6.32 3.02
N LYS A 61 6.93 -5.72 3.12
CA LYS A 61 7.47 -5.31 4.46
C LYS A 61 8.47 -4.16 4.29
N ASP A 62 8.75 -3.45 5.36
CA ASP A 62 9.74 -2.33 5.30
C ASP A 62 11.08 -2.80 5.84
N SER A 63 12.12 -2.72 5.05
CA SER A 63 13.45 -3.29 5.45
C SER A 63 14.14 -2.36 6.48
N PRO A 64 14.84 -2.93 7.44
CA PRO A 64 15.60 -2.09 8.42
C PRO A 64 16.90 -1.57 7.79
N LYS A 65 16.79 -0.77 6.75
CA LYS A 65 17.99 -0.24 6.06
C LYS A 65 17.63 1.07 5.33
N ALA A 66 16.90 1.93 6.00
CA ALA A 66 16.50 3.24 5.40
C ALA A 66 16.21 4.26 6.51
N GLN A 67 16.48 5.52 6.25
CA GLN A 67 16.24 6.58 7.28
C GLN A 67 15.03 7.43 6.88
N LEU A 68 13.85 6.85 6.89
CA LEU A 68 12.61 7.60 6.53
C LEU A 68 11.40 6.94 7.20
N ARG A 69 10.39 7.73 7.51
CA ARG A 69 9.15 7.17 8.14
C ARG A 69 8.06 6.96 7.09
N ARG A 70 7.56 5.75 6.97
CA ARG A 70 6.51 5.45 5.94
C ARG A 70 5.77 4.15 6.30
N THR A 71 4.64 3.93 5.66
CA THR A 71 3.86 2.67 5.89
C THR A 71 3.43 2.07 4.55
N ILE A 72 3.31 0.76 4.48
CA ILE A 72 2.87 0.10 3.21
C ILE A 72 1.97 -1.10 3.53
N GLU A 73 1.05 -1.43 2.64
CA GLU A 73 0.07 -2.52 2.91
C GLU A 73 -0.24 -3.29 1.62
N CYS A 74 -0.58 -4.55 1.74
CA CYS A 74 -0.97 -5.38 0.55
C CYS A 74 -2.11 -6.34 0.94
N CYS A 75 -2.94 -6.69 -0.01
CA CYS A 75 -4.13 -7.55 0.30
C CYS A 75 -4.63 -8.28 -0.95
N ARG A 76 -4.92 -9.56 -0.83
CA ARG A 76 -5.27 -10.40 -2.02
C ARG A 76 -6.77 -10.72 -2.03
N THR A 77 -7.60 -9.73 -1.81
CA THR A 77 -9.07 -9.93 -1.84
C THR A 77 -9.75 -8.73 -2.49
N ASN A 78 -10.89 -8.94 -3.11
CA ASN A 78 -11.44 -7.93 -4.07
C ASN A 78 -11.76 -6.60 -3.37
N LEU A 79 -11.33 -5.50 -3.97
CA LEU A 79 -11.56 -4.12 -3.39
C LEU A 79 -11.12 -4.02 -1.93
N CYS A 80 -10.14 -4.82 -1.52
CA CYS A 80 -9.57 -4.69 -0.14
C CYS A 80 -8.90 -3.32 0.06
N ASN A 81 -8.46 -2.68 -1.00
CA ASN A 81 -7.82 -1.33 -0.88
C ASN A 81 -8.84 -0.24 -0.55
N GLN A 82 -10.08 -0.42 -0.98
CA GLN A 82 -11.08 0.70 -0.92
C GLN A 82 -11.34 1.12 0.54
N TYR A 83 -11.41 0.17 1.44
CA TYR A 83 -11.67 0.48 2.89
C TYR A 83 -10.37 0.43 3.72
N LEU A 84 -9.21 0.46 3.07
CA LEU A 84 -7.92 0.32 3.83
C LEU A 84 -7.11 1.62 3.72
N GLN A 85 -7.01 2.36 4.79
CA GLN A 85 -6.11 3.55 4.83
C GLN A 85 -4.79 3.22 5.55
N PRO A 86 -3.66 3.36 4.87
CA PRO A 86 -2.34 3.21 5.54
C PRO A 86 -2.12 4.34 6.55
N THR A 87 -1.57 4.03 7.70
CA THR A 87 -1.30 5.08 8.74
C THR A 87 0.06 4.84 9.39
N LEU A 88 0.72 5.90 9.82
CA LEU A 88 2.06 5.75 10.49
C LEU A 88 1.90 5.12 11.87
N PRO A 89 2.94 4.47 12.38
CA PRO A 89 2.85 3.80 13.71
C PRO A 89 2.71 4.85 14.83
N PRO A 90 1.98 4.53 15.88
CA PRO A 90 1.79 5.51 17.00
C PRO A 90 3.10 5.69 17.77
N VAL A 91 3.29 6.84 18.37
CA VAL A 91 4.51 7.10 19.20
C VAL A 91 4.32 6.45 20.57
N VAL A 92 5.39 6.31 21.33
CA VAL A 92 5.29 5.66 22.68
C VAL A 92 4.95 6.72 23.74
N ILE A 93 3.93 6.47 24.53
CA ILE A 93 3.55 7.42 25.63
C ILE A 93 2.84 6.67 26.76
N GLY A 94 3.37 6.75 27.96
CA GLY A 94 2.77 6.02 29.12
C GLY A 94 1.40 6.62 29.48
N PRO A 95 1.39 7.68 30.28
CA PRO A 95 0.10 8.36 30.65
C PRO A 95 -0.62 8.89 29.40
N PHE A 96 -1.93 8.97 29.44
CA PHE A 96 -2.71 9.48 28.28
C PHE A 96 -4.05 10.06 28.74
N PHE A 97 -4.57 11.04 28.03
CA PHE A 97 -5.85 11.70 28.43
C PHE A 97 -6.51 12.32 27.19
N ASP A 98 -7.45 11.61 26.59
CA ASP A 98 -8.14 12.15 25.38
C ASP A 98 -9.53 11.50 25.24
N GLY A 99 -9.57 10.18 25.20
CA GLY A 99 -10.87 9.47 25.02
C GLY A 99 -11.57 9.36 26.37
N SER A 100 -12.83 8.94 26.35
CA SER A 100 -13.60 8.79 27.63
C SER A 100 -14.72 7.77 27.45
N ILE A 101 -15.28 7.28 28.53
CA ILE A 101 -16.40 6.28 28.45
C ILE A 101 -17.74 7.02 28.42
N ARG A 102 -18.60 6.66 27.50
CA ARG A 102 -19.94 7.33 27.39
C ARG A 102 -20.97 6.59 28.26
N GLY A 1 2.90 -28.08 -19.30
CA GLY A 1 2.96 -26.71 -18.71
C GLY A 1 1.63 -25.99 -18.95
N PRO A 2 0.64 -26.23 -18.09
CA PRO A 2 -0.70 -25.56 -18.23
C PRO A 2 -0.56 -24.03 -18.18
N GLU A 3 -1.04 -23.35 -19.20
CA GLU A 3 -0.97 -21.86 -19.24
C GLU A 3 -2.23 -21.23 -18.61
N ASP A 4 -2.62 -21.72 -17.45
CA ASP A 4 -3.87 -21.22 -16.80
C ASP A 4 -3.61 -19.86 -16.14
N THR A 5 -3.68 -18.80 -16.92
CA THR A 5 -3.47 -17.42 -16.37
C THR A 5 -4.68 -16.54 -16.71
N LEU A 6 -5.48 -16.21 -15.71
CA LEU A 6 -6.66 -15.33 -15.92
C LEU A 6 -6.83 -14.39 -14.71
N PRO A 7 -6.75 -13.08 -14.91
CA PRO A 7 -6.84 -12.12 -13.76
C PRO A 7 -8.18 -12.27 -13.02
N PHE A 8 -8.16 -12.12 -11.70
CA PHE A 8 -9.41 -12.27 -10.89
C PHE A 8 -9.36 -11.39 -9.64
N LEU A 9 -8.98 -10.14 -9.80
CA LEU A 9 -8.79 -9.24 -8.62
C LEU A 9 -8.83 -7.78 -9.06
N LYS A 10 -9.83 -7.04 -8.62
CA LYS A 10 -9.89 -5.57 -8.92
C LYS A 10 -9.40 -4.77 -7.72
N CYS A 11 -8.49 -3.84 -7.95
CA CYS A 11 -7.95 -3.01 -6.83
C CYS A 11 -8.41 -1.56 -7.00
N TYR A 12 -8.76 -0.90 -5.91
CA TYR A 12 -9.13 0.55 -5.98
C TYR A 12 -7.87 1.42 -5.96
N CYS A 13 -7.86 2.49 -6.73
CA CYS A 13 -6.62 3.33 -6.86
C CYS A 13 -6.86 4.73 -6.29
N SER A 14 -5.91 5.26 -5.55
CA SER A 14 -6.03 6.64 -5.00
C SER A 14 -4.84 7.49 -5.46
N GLY A 15 -5.10 8.74 -5.78
CA GLY A 15 -4.00 9.65 -6.23
C GLY A 15 -3.59 9.31 -7.66
N HIS A 16 -3.01 8.15 -7.87
CA HIS A 16 -2.52 7.76 -9.22
C HIS A 16 -3.28 6.55 -9.75
N CYS A 17 -3.88 6.68 -10.92
CA CYS A 17 -4.56 5.51 -11.57
C CYS A 17 -4.24 5.53 -13.08
N PRO A 18 -3.91 4.36 -13.64
CA PRO A 18 -3.36 4.33 -15.03
C PRO A 18 -4.35 4.91 -16.05
N ASP A 19 -3.86 5.44 -17.14
CA ASP A 19 -4.74 6.17 -18.12
C ASP A 19 -5.84 5.27 -18.68
N ASP A 20 -5.59 3.97 -18.75
CA ASP A 20 -6.60 3.02 -19.32
C ASP A 20 -7.51 2.43 -18.22
N ALA A 21 -7.52 3.01 -17.04
CA ALA A 21 -8.26 2.41 -15.89
C ALA A 21 -9.76 2.67 -16.03
N ILE A 22 -10.57 1.91 -15.32
CA ILE A 22 -12.06 2.03 -15.46
C ILE A 22 -12.66 2.28 -14.07
N ASN A 23 -13.60 3.20 -13.97
CA ASN A 23 -14.22 3.62 -12.66
C ASN A 23 -13.20 3.68 -11.49
N ASN A 24 -12.02 4.23 -11.75
CA ASN A 24 -10.94 4.33 -10.71
C ASN A 24 -10.59 2.95 -10.12
N THR A 25 -10.51 1.94 -10.95
CA THR A 25 -10.01 0.61 -10.49
C THR A 25 -9.11 -0.03 -11.56
N CYS A 26 -8.36 -1.04 -11.18
CA CYS A 26 -7.47 -1.75 -12.16
C CYS A 26 -7.50 -3.26 -11.93
N ILE A 27 -7.06 -4.02 -12.90
CA ILE A 27 -7.15 -5.52 -12.82
C ILE A 27 -5.73 -6.10 -12.65
N THR A 28 -5.57 -7.04 -11.73
CA THR A 28 -4.23 -7.67 -11.52
C THR A 28 -4.37 -9.16 -11.18
N ASN A 29 -3.36 -9.94 -11.48
CA ASN A 29 -3.27 -11.34 -10.94
C ASN A 29 -2.20 -11.44 -9.85
N GLY A 30 -1.96 -10.37 -9.13
CA GLY A 30 -0.98 -10.40 -7.99
C GLY A 30 -1.69 -9.98 -6.71
N HIS A 31 -1.50 -8.75 -6.29
CA HIS A 31 -2.21 -8.23 -5.08
C HIS A 31 -2.63 -6.77 -5.32
N CYS A 32 -3.41 -6.22 -4.42
CA CYS A 32 -3.61 -4.74 -4.38
C CYS A 32 -2.57 -4.15 -3.43
N PHE A 33 -1.98 -3.03 -3.77
CA PHE A 33 -0.95 -2.41 -2.89
C PHE A 33 -1.26 -0.93 -2.64
N ALA A 34 -0.92 -0.43 -1.48
CA ALA A 34 -1.11 1.01 -1.16
C ALA A 34 -0.06 1.47 -0.15
N ILE A 35 0.45 2.66 -0.33
CA ILE A 35 1.65 3.11 0.47
C ILE A 35 1.54 4.60 0.81
N ILE A 36 2.10 4.99 1.93
CA ILE A 36 2.16 6.44 2.32
C ILE A 36 3.56 6.77 2.85
N GLU A 37 4.04 7.96 2.58
CA GLU A 37 5.48 8.30 2.84
C GLU A 37 5.60 9.77 3.21
N GLU A 38 6.54 10.10 4.08
CA GLU A 38 6.69 11.50 4.57
C GLU A 38 7.85 12.20 3.86
N ASP A 39 7.55 13.25 3.13
CA ASP A 39 8.60 13.97 2.33
C ASP A 39 9.30 15.03 3.18
N ASP A 40 10.31 15.67 2.63
CA ASP A 40 11.16 16.62 3.45
C ASP A 40 10.33 17.78 4.03
N GLN A 41 9.15 18.04 3.49
CA GLN A 41 8.27 19.14 4.04
C GLN A 41 7.31 18.62 5.12
N GLY A 42 7.17 17.32 5.28
CA GLY A 42 6.30 16.76 6.36
C GLY A 42 4.87 16.54 5.85
N GLU A 43 4.67 16.43 4.55
CA GLU A 43 3.35 16.00 4.01
C GLU A 43 3.38 14.50 3.68
N THR A 44 2.28 13.81 3.89
CA THR A 44 2.20 12.36 3.53
C THR A 44 1.59 12.20 2.13
N THR A 45 2.26 11.46 1.28
CA THR A 45 1.74 11.21 -0.10
C THR A 45 1.02 9.86 -0.17
N LEU A 46 -0.28 9.88 -0.43
CA LEU A 46 -1.07 8.61 -0.50
C LEU A 46 -1.22 8.16 -1.96
N ALA A 47 -0.86 6.93 -2.25
CA ALA A 47 -1.07 6.37 -3.63
C ALA A 47 -1.27 4.85 -3.56
N SER A 48 -2.10 4.32 -4.44
CA SER A 48 -2.30 2.84 -4.52
C SER A 48 -2.48 2.43 -5.98
N GLY A 49 -2.41 1.15 -6.26
CA GLY A 49 -2.55 0.66 -7.68
C GLY A 49 -2.45 -0.86 -7.72
N CYS A 50 -2.30 -1.41 -8.91
CA CYS A 50 -2.28 -2.90 -9.09
C CYS A 50 -0.83 -3.40 -9.14
N MET A 51 -0.54 -4.44 -8.40
CA MET A 51 0.84 -5.03 -8.43
C MET A 51 0.86 -6.24 -9.37
N LYS A 52 1.71 -6.21 -10.38
CA LYS A 52 1.76 -7.31 -11.39
C LYS A 52 2.27 -8.61 -10.75
N TYR A 53 2.09 -9.72 -11.43
CA TYR A 53 2.63 -11.03 -10.92
C TYR A 53 4.16 -11.01 -10.91
N GLU A 54 4.77 -11.71 -9.98
CA GLU A 54 6.26 -11.72 -9.87
C GLU A 54 6.77 -13.12 -9.54
N GLY A 55 6.17 -13.74 -8.54
CA GLY A 55 6.63 -15.09 -8.11
C GLY A 55 6.35 -15.28 -6.61
N SER A 56 6.45 -14.21 -5.84
CA SER A 56 6.15 -14.30 -4.37
C SER A 56 4.65 -14.46 -4.15
N ASP A 57 4.25 -15.51 -3.46
CA ASP A 57 2.80 -15.77 -3.22
C ASP A 57 2.26 -14.82 -2.14
N PHE A 58 3.02 -14.60 -1.10
CA PHE A 58 2.57 -13.68 0.00
C PHE A 58 3.77 -13.11 0.76
N GLN A 59 4.89 -12.93 0.09
CA GLN A 59 6.10 -12.37 0.75
C GLN A 59 5.95 -10.84 0.90
N CYS A 60 5.25 -10.41 1.93
CA CYS A 60 5.05 -8.95 2.17
C CYS A 60 5.68 -8.53 3.50
N LYS A 61 6.76 -9.18 3.89
CA LYS A 61 7.43 -8.86 5.20
C LYS A 61 8.37 -7.65 5.04
N ASP A 62 9.16 -7.37 6.05
CA ASP A 62 10.13 -6.23 5.99
C ASP A 62 11.56 -6.77 5.85
N SER A 63 12.25 -6.40 4.78
CA SER A 63 13.63 -6.92 4.54
C SER A 63 14.65 -6.12 5.36
N PRO A 64 15.89 -6.56 5.37
CA PRO A 64 16.99 -5.77 6.03
C PRO A 64 17.57 -4.72 5.07
N LYS A 65 16.72 -3.92 4.47
CA LYS A 65 17.19 -2.87 3.51
C LYS A 65 16.14 -1.75 3.45
N ALA A 66 15.66 -1.34 4.60
CA ALA A 66 14.38 -0.55 4.65
C ALA A 66 14.60 0.87 4.13
N GLN A 67 13.60 1.72 4.24
CA GLN A 67 13.60 3.03 3.53
C GLN A 67 13.17 4.14 4.50
N LEU A 68 12.90 5.32 3.98
CA LEU A 68 12.50 6.49 4.85
C LEU A 68 11.17 6.17 5.54
N ARG A 69 10.79 6.95 6.53
CA ARG A 69 9.67 6.53 7.46
C ARG A 69 8.34 6.52 6.70
N ARG A 70 7.67 5.40 6.69
CA ARG A 70 6.46 5.21 5.82
C ARG A 70 5.62 4.04 6.32
N THR A 71 4.39 3.95 5.85
CA THR A 71 3.54 2.76 6.15
C THR A 71 3.03 2.16 4.84
N ILE A 72 2.85 0.86 4.79
CA ILE A 72 2.41 0.19 3.53
C ILE A 72 1.44 -0.96 3.84
N GLU A 73 0.61 -1.32 2.90
CA GLU A 73 -0.35 -2.44 3.10
C GLU A 73 -0.48 -3.28 1.82
N CYS A 74 -0.72 -4.57 1.97
CA CYS A 74 -0.82 -5.48 0.80
C CYS A 74 -1.90 -6.54 1.05
N CYS A 75 -2.72 -6.82 0.05
CA CYS A 75 -3.92 -7.70 0.27
C CYS A 75 -4.38 -8.33 -1.06
N ARG A 76 -4.54 -9.64 -1.07
CA ARG A 76 -4.98 -10.34 -2.31
C ARG A 76 -6.46 -10.74 -2.23
N THR A 77 -7.30 -9.80 -1.87
CA THR A 77 -8.77 -10.03 -1.85
C THR A 77 -9.49 -8.83 -2.47
N ASN A 78 -10.63 -9.07 -3.08
CA ASN A 78 -11.22 -8.06 -4.02
C ASN A 78 -11.56 -6.75 -3.31
N LEU A 79 -11.14 -5.63 -3.90
CA LEU A 79 -11.41 -4.27 -3.32
C LEU A 79 -10.96 -4.18 -1.85
N CYS A 80 -9.98 -4.96 -1.47
CA CYS A 80 -9.40 -4.84 -0.07
C CYS A 80 -8.76 -3.45 0.15
N ASN A 81 -8.38 -2.77 -0.92
CA ASN A 81 -7.80 -1.39 -0.78
C ASN A 81 -8.90 -0.35 -0.54
N GLN A 82 -10.09 -0.60 -1.03
CA GLN A 82 -11.14 0.48 -1.07
C GLN A 82 -11.50 0.94 0.36
N TYR A 83 -11.59 0.01 1.27
CA TYR A 83 -11.90 0.36 2.70
C TYR A 83 -10.63 0.38 3.57
N LEU A 84 -9.46 0.43 2.96
CA LEU A 84 -8.19 0.34 3.75
C LEU A 84 -7.40 1.66 3.61
N GLN A 85 -7.35 2.43 4.67
CA GLN A 85 -6.49 3.67 4.66
C GLN A 85 -5.14 3.38 5.36
N PRO A 86 -4.03 3.56 4.65
CA PRO A 86 -2.70 3.45 5.32
C PRO A 86 -2.44 4.69 6.19
N THR A 87 -1.97 4.49 7.40
CA THR A 87 -1.68 5.63 8.31
C THR A 87 -0.38 5.37 9.08
N LEU A 88 0.33 6.43 9.42
CA LEU A 88 1.60 6.27 10.21
C LEU A 88 1.27 5.90 11.66
N PRO A 89 2.20 5.24 12.36
CA PRO A 89 1.97 4.85 13.78
C PRO A 89 1.80 6.11 14.66
N PRO A 90 0.98 6.01 15.70
CA PRO A 90 0.73 7.20 16.57
C PRO A 90 1.99 7.56 17.36
N VAL A 91 2.34 8.83 17.41
CA VAL A 91 3.54 9.27 18.19
C VAL A 91 3.16 9.37 19.67
N VAL A 92 4.15 9.47 20.55
CA VAL A 92 3.86 9.56 22.01
C VAL A 92 3.67 11.03 22.43
N ILE A 93 2.78 11.28 23.37
CA ILE A 93 2.55 12.68 23.84
C ILE A 93 3.46 13.01 25.04
N GLY A 94 4.74 12.78 24.89
CA GLY A 94 5.71 13.03 26.00
C GLY A 94 5.48 12.01 27.13
N PRO A 95 6.44 11.89 28.04
CA PRO A 95 6.30 10.93 29.19
C PRO A 95 5.06 11.25 30.03
N PHE A 96 4.27 10.25 30.35
CA PHE A 96 3.04 10.46 31.18
C PHE A 96 3.38 10.48 32.67
N PHE A 97 2.80 11.41 33.41
CA PHE A 97 3.05 11.47 34.89
C PHE A 97 1.87 12.17 35.58
N ASP A 98 1.61 11.81 36.81
CA ASP A 98 0.48 12.44 37.58
C ASP A 98 0.96 13.79 38.13
N GLY A 99 0.04 14.68 38.40
CA GLY A 99 0.40 16.02 38.95
C GLY A 99 -0.44 17.14 38.31
N SER A 100 -1.74 16.97 38.30
CA SER A 100 -2.64 18.01 37.70
C SER A 100 -2.85 19.16 38.68
N ILE A 101 -3.28 20.30 38.17
CA ILE A 101 -3.52 21.48 39.06
C ILE A 101 -4.97 21.47 39.58
N ARG A 102 -5.17 21.77 40.84
CA ARG A 102 -6.54 21.77 41.43
C ARG A 102 -7.17 23.16 41.27
N GLY A 1 8.53 -17.74 -16.35
CA GLY A 1 8.39 -17.67 -17.83
C GLY A 1 6.90 -17.76 -18.21
N PRO A 2 6.30 -18.94 -18.09
CA PRO A 2 4.85 -19.13 -18.44
C PRO A 2 3.96 -18.20 -17.60
N GLU A 3 3.16 -17.38 -18.26
CA GLU A 3 2.23 -16.45 -17.54
C GLU A 3 0.87 -17.13 -17.30
N ASP A 4 0.87 -18.35 -16.83
CA ASP A 4 -0.40 -19.12 -16.65
C ASP A 4 -1.12 -18.65 -15.37
N THR A 5 -1.65 -17.43 -15.39
CA THR A 5 -2.42 -16.91 -14.23
C THR A 5 -3.52 -15.96 -14.71
N LEU A 6 -4.76 -16.29 -14.44
CA LEU A 6 -5.90 -15.47 -14.97
C LEU A 6 -6.12 -14.23 -14.09
N PRO A 7 -6.60 -13.14 -14.68
CA PRO A 7 -7.14 -12.00 -13.87
C PRO A 7 -8.39 -12.42 -13.10
N PHE A 8 -8.42 -12.19 -11.80
CA PHE A 8 -9.70 -12.24 -11.03
C PHE A 8 -9.60 -11.40 -9.75
N LEU A 9 -9.16 -10.17 -9.89
CA LEU A 9 -8.98 -9.28 -8.71
C LEU A 9 -9.00 -7.81 -9.13
N LYS A 10 -10.00 -7.06 -8.69
CA LYS A 10 -10.07 -5.61 -9.01
C LYS A 10 -9.57 -4.78 -7.83
N CYS A 11 -8.70 -3.83 -8.07
CA CYS A 11 -8.15 -2.98 -6.97
C CYS A 11 -8.60 -1.53 -7.16
N TYR A 12 -8.95 -0.86 -6.08
CA TYR A 12 -9.33 0.59 -6.17
C TYR A 12 -8.08 1.47 -6.05
N CYS A 13 -8.04 2.56 -6.79
CA CYS A 13 -6.82 3.43 -6.81
C CYS A 13 -7.15 4.83 -6.26
N SER A 14 -6.28 5.38 -5.43
CA SER A 14 -6.50 6.75 -4.88
C SER A 14 -5.32 7.66 -5.22
N GLY A 15 -5.58 8.73 -5.93
CA GLY A 15 -4.48 9.68 -6.32
C GLY A 15 -3.77 9.17 -7.56
N HIS A 16 -3.15 8.01 -7.48
CA HIS A 16 -2.39 7.46 -8.64
C HIS A 16 -3.15 6.30 -9.29
N CYS A 17 -3.60 6.50 -10.51
CA CYS A 17 -4.30 5.40 -11.25
C CYS A 17 -3.82 5.41 -12.72
N PRO A 18 -3.55 4.23 -13.29
CA PRO A 18 -2.90 4.17 -14.63
C PRO A 18 -3.76 4.84 -15.70
N ASP A 19 -3.14 5.34 -16.74
CA ASP A 19 -3.89 6.17 -17.77
C ASP A 19 -5.01 5.35 -18.43
N ASP A 20 -4.85 4.04 -18.52
CA ASP A 20 -5.87 3.19 -19.18
C ASP A 20 -6.91 2.64 -18.18
N ALA A 21 -6.96 3.20 -16.98
CA ALA A 21 -7.83 2.61 -15.91
C ALA A 21 -9.30 2.95 -16.18
N ILE A 22 -10.20 2.22 -15.58
CA ILE A 22 -11.67 2.44 -15.80
C ILE A 22 -12.36 2.63 -14.44
N ASN A 23 -13.30 3.55 -14.36
CA ASN A 23 -14.02 3.90 -13.07
C ASN A 23 -13.07 3.90 -11.85
N ASN A 24 -11.89 4.46 -11.99
CA ASN A 24 -10.89 4.53 -10.86
C ASN A 24 -10.58 3.12 -10.30
N THR A 25 -10.46 2.14 -11.17
CA THR A 25 -10.05 0.77 -10.72
C THR A 25 -9.15 0.10 -11.76
N CYS A 26 -8.45 -0.94 -11.37
CA CYS A 26 -7.58 -1.69 -12.33
C CYS A 26 -7.67 -3.21 -12.08
N ILE A 27 -7.20 -3.99 -13.02
CA ILE A 27 -7.34 -5.48 -12.93
C ILE A 27 -5.95 -6.10 -12.75
N THR A 28 -5.81 -7.02 -11.82
CA THR A 28 -4.48 -7.66 -11.56
C THR A 28 -4.63 -9.16 -11.27
N ASN A 29 -3.62 -9.94 -11.55
CA ASN A 29 -3.54 -11.34 -11.05
C ASN A 29 -2.45 -11.48 -9.98
N GLY A 30 -2.21 -10.43 -9.23
CA GLY A 30 -1.22 -10.49 -8.10
C GLY A 30 -1.92 -10.07 -6.81
N HIS A 31 -1.83 -8.81 -6.45
CA HIS A 31 -2.54 -8.29 -5.23
C HIS A 31 -2.90 -6.82 -5.44
N CYS A 32 -3.67 -6.26 -4.53
CA CYS A 32 -3.85 -4.78 -4.50
C CYS A 32 -2.82 -4.20 -3.53
N PHE A 33 -2.22 -3.07 -3.87
CA PHE A 33 -1.15 -2.49 -3.00
C PHE A 33 -1.42 -0.99 -2.74
N ALA A 34 -0.93 -0.50 -1.63
CA ALA A 34 -1.08 0.95 -1.30
C ALA A 34 0.10 1.41 -0.43
N ILE A 35 0.57 2.61 -0.64
CA ILE A 35 1.81 3.08 0.06
C ILE A 35 1.68 4.56 0.43
N ILE A 36 2.31 4.96 1.52
CA ILE A 36 2.27 6.38 1.97
C ILE A 36 3.65 6.81 2.48
N GLU A 37 4.02 8.05 2.26
CA GLU A 37 5.44 8.47 2.49
C GLU A 37 5.48 9.91 2.99
N GLU A 38 6.39 10.22 3.89
CA GLU A 38 6.45 11.59 4.49
C GLU A 38 7.58 12.40 3.84
N ASP A 39 7.23 13.47 3.17
CA ASP A 39 8.24 14.28 2.42
C ASP A 39 8.89 15.34 3.34
N ASP A 40 9.86 16.05 2.84
CA ASP A 40 10.66 16.99 3.71
C ASP A 40 9.78 18.08 4.35
N GLN A 41 8.58 18.31 3.84
CA GLN A 41 7.67 19.33 4.45
C GLN A 41 6.72 18.69 5.47
N GLY A 42 6.64 17.38 5.54
CA GLY A 42 5.79 16.70 6.57
C GLY A 42 4.38 16.45 6.04
N GLU A 43 4.18 16.43 4.73
CA GLU A 43 2.88 15.98 4.15
C GLU A 43 2.99 14.51 3.73
N THR A 44 1.94 13.75 3.91
CA THR A 44 1.94 12.31 3.48
C THR A 44 1.32 12.18 2.09
N THR A 45 2.02 11.55 1.18
CA THR A 45 1.47 11.30 -0.20
C THR A 45 0.89 9.88 -0.29
N LEU A 46 -0.40 9.77 -0.43
CA LEU A 46 -1.06 8.43 -0.51
C LEU A 46 -1.31 8.04 -1.96
N ALA A 47 -0.91 6.85 -2.35
CA ALA A 47 -1.20 6.34 -3.72
C ALA A 47 -1.34 4.81 -3.71
N SER A 48 -2.20 4.27 -4.55
CA SER A 48 -2.38 2.79 -4.63
C SER A 48 -2.63 2.38 -6.08
N GLY A 49 -2.55 1.09 -6.36
CA GLY A 49 -2.72 0.61 -7.77
C GLY A 49 -2.66 -0.92 -7.80
N CYS A 50 -2.47 -1.48 -8.98
CA CYS A 50 -2.48 -2.97 -9.14
C CYS A 50 -1.06 -3.53 -9.14
N MET A 51 -0.82 -4.57 -8.37
CA MET A 51 0.54 -5.19 -8.31
C MET A 51 0.59 -6.44 -9.19
N LYS A 52 1.53 -6.49 -10.12
CA LYS A 52 1.70 -7.71 -10.97
C LYS A 52 2.18 -8.89 -10.12
N TYR A 53 2.24 -10.07 -10.70
CA TYR A 53 2.64 -11.29 -9.91
C TYR A 53 4.09 -11.18 -9.46
N GLU A 54 4.37 -11.54 -8.21
CA GLU A 54 5.77 -11.46 -7.68
C GLU A 54 6.13 -12.78 -6.98
N GLY A 55 5.26 -13.28 -6.14
CA GLY A 55 5.54 -14.56 -5.42
C GLY A 55 5.09 -14.45 -3.96
N SER A 56 5.23 -13.28 -3.38
CA SER A 56 4.85 -13.10 -1.93
C SER A 56 3.32 -13.11 -1.79
N ASP A 57 2.80 -14.09 -1.08
CA ASP A 57 1.32 -14.20 -0.89
C ASP A 57 0.86 -13.23 0.20
N PHE A 58 1.66 -13.05 1.23
CA PHE A 58 1.32 -12.07 2.30
C PHE A 58 2.61 -11.60 3.01
N GLN A 59 3.35 -10.73 2.36
CA GLN A 59 4.64 -10.24 2.94
C GLN A 59 4.99 -8.87 2.33
N CYS A 60 4.78 -7.82 3.09
CA CYS A 60 5.01 -6.43 2.56
C CYS A 60 5.66 -5.56 3.64
N LYS A 61 6.53 -6.13 4.44
CA LYS A 61 7.20 -5.35 5.52
C LYS A 61 8.36 -4.53 4.95
N ASP A 62 8.97 -3.70 5.77
CA ASP A 62 10.10 -2.83 5.28
C ASP A 62 11.25 -2.84 6.31
N SER A 63 12.47 -2.95 5.83
CA SER A 63 13.66 -2.93 6.74
C SER A 63 13.97 -1.48 7.18
N PRO A 64 14.64 -1.32 8.31
CA PRO A 64 15.11 0.03 8.73
C PRO A 64 16.46 0.37 8.07
N LYS A 65 16.53 0.27 6.77
CA LYS A 65 17.82 0.48 6.04
C LYS A 65 17.52 0.91 4.59
N ALA A 66 16.74 1.95 4.43
CA ALA A 66 16.14 2.28 3.11
C ALA A 66 15.82 3.77 3.02
N GLN A 67 15.09 4.16 2.00
CA GLN A 67 14.78 5.62 1.77
C GLN A 67 13.93 6.17 2.91
N LEU A 68 13.40 7.36 2.74
CA LEU A 68 12.79 8.11 3.90
C LEU A 68 11.57 7.35 4.44
N ARG A 69 11.12 7.68 5.63
CA ARG A 69 10.21 6.78 6.38
C ARG A 69 8.85 6.70 5.69
N ARG A 70 8.21 5.55 5.76
CA ARG A 70 6.92 5.34 5.03
C ARG A 70 6.16 4.14 5.62
N THR A 71 4.90 4.01 5.28
CA THR A 71 4.13 2.79 5.65
C THR A 71 3.53 2.17 4.38
N ILE A 72 3.38 0.86 4.36
CA ILE A 72 2.90 0.17 3.12
C ILE A 72 1.98 -1.01 3.50
N GLU A 73 1.07 -1.36 2.62
CA GLU A 73 0.13 -2.49 2.89
C GLU A 73 -0.24 -3.20 1.59
N CYS A 74 -0.55 -4.48 1.67
CA CYS A 74 -1.03 -5.25 0.49
C CYS A 74 -2.10 -6.26 0.91
N CYS A 75 -2.96 -6.65 -0.01
CA CYS A 75 -4.14 -7.50 0.36
C CYS A 75 -4.65 -8.27 -0.87
N ARG A 76 -4.97 -9.53 -0.69
CA ARG A 76 -5.31 -10.43 -1.84
C ARG A 76 -6.81 -10.75 -1.86
N THR A 77 -7.64 -9.73 -1.76
CA THR A 77 -9.11 -9.94 -1.81
C THR A 77 -9.78 -8.74 -2.47
N ASN A 78 -10.92 -8.95 -3.10
CA ASN A 78 -11.46 -7.93 -4.06
C ASN A 78 -11.77 -6.59 -3.36
N LEU A 79 -11.34 -5.50 -3.96
CA LEU A 79 -11.57 -4.12 -3.39
C LEU A 79 -11.12 -4.02 -1.92
N CYS A 80 -10.15 -4.82 -1.53
CA CYS A 80 -9.57 -4.69 -0.14
C CYS A 80 -8.89 -3.32 0.05
N ASN A 81 -8.46 -2.69 -1.02
CA ASN A 81 -7.85 -1.32 -0.90
C ASN A 81 -8.90 -0.27 -0.54
N GLN A 82 -10.15 -0.49 -0.88
CA GLN A 82 -11.22 0.56 -0.68
C GLN A 82 -11.35 0.89 0.83
N TYR A 83 -11.35 -0.11 1.67
CA TYR A 83 -11.56 0.11 3.13
C TYR A 83 -10.23 0.10 3.91
N LEU A 84 -9.11 0.23 3.24
CA LEU A 84 -7.78 0.16 3.92
C LEU A 84 -7.06 1.50 3.84
N GLN A 85 -6.96 2.21 4.94
CA GLN A 85 -6.15 3.47 4.97
C GLN A 85 -4.76 3.20 5.57
N PRO A 86 -3.70 3.48 4.81
CA PRO A 86 -2.32 3.34 5.37
C PRO A 86 -2.06 4.45 6.40
N THR A 87 -1.50 4.09 7.53
CA THR A 87 -1.19 5.10 8.59
C THR A 87 0.17 4.80 9.23
N LEU A 88 0.85 5.83 9.69
CA LEU A 88 2.19 5.63 10.34
C LEU A 88 2.01 4.94 11.71
N PRO A 89 3.04 4.24 12.18
CA PRO A 89 2.92 3.48 13.46
C PRO A 89 2.63 4.43 14.64
N PRO A 90 2.01 3.92 15.70
CA PRO A 90 1.73 4.76 16.89
C PRO A 90 3.03 5.24 17.55
N VAL A 91 2.95 6.28 18.35
CA VAL A 91 4.17 6.82 19.05
C VAL A 91 3.72 7.46 20.38
N VAL A 92 4.65 7.71 21.27
CA VAL A 92 4.29 8.31 22.60
C VAL A 92 4.33 9.84 22.50
N ILE A 93 3.28 10.50 22.96
CA ILE A 93 3.25 11.99 22.95
C ILE A 93 3.82 12.53 24.27
N GLY A 94 4.91 13.24 24.22
CA GLY A 94 5.54 13.81 25.45
C GLY A 94 5.24 15.31 25.52
N PRO A 95 5.49 15.93 26.67
CA PRO A 95 5.25 17.41 26.84
C PRO A 95 6.04 18.22 25.81
N PHE A 96 5.46 19.28 25.29
CA PHE A 96 6.16 20.12 24.26
C PHE A 96 7.06 21.16 24.96
N PHE A 97 8.23 21.39 24.42
CA PHE A 97 9.17 22.40 25.01
C PHE A 97 8.65 23.82 24.73
N ASP A 98 8.97 24.76 25.59
CA ASP A 98 8.53 26.17 25.38
C ASP A 98 9.46 26.90 24.41
N GLY A 99 9.55 26.40 23.19
CA GLY A 99 10.45 27.02 22.16
C GLY A 99 9.66 28.04 21.33
N SER A 100 10.25 28.54 20.28
CA SER A 100 9.54 29.53 19.40
C SER A 100 8.57 28.81 18.46
N ILE A 101 7.68 29.55 17.83
CA ILE A 101 6.69 28.92 16.90
C ILE A 101 7.27 28.87 15.49
N ARG A 102 7.08 27.78 14.78
CA ARG A 102 7.62 27.64 13.39
C ARG A 102 6.60 28.16 12.37
N GLY A 1 6.09 -10.13 -21.04
CA GLY A 1 5.12 -10.47 -22.12
C GLY A 1 4.34 -11.74 -21.73
N PRO A 2 5.01 -12.89 -21.78
CA PRO A 2 4.34 -14.18 -21.42
C PRO A 2 3.78 -14.16 -19.99
N GLU A 3 2.49 -14.33 -19.84
CA GLU A 3 1.84 -14.26 -18.50
C GLU A 3 0.54 -15.08 -18.51
N ASP A 4 0.66 -16.38 -18.38
CA ASP A 4 -0.55 -17.27 -18.35
C ASP A 4 -1.19 -17.23 -16.95
N THR A 5 -2.05 -16.26 -16.72
CA THR A 5 -2.75 -16.17 -15.40
C THR A 5 -4.11 -15.48 -15.58
N LEU A 6 -5.16 -16.12 -15.13
CA LEU A 6 -6.54 -15.54 -15.30
C LEU A 6 -6.80 -14.48 -14.21
N PRO A 7 -7.03 -13.23 -14.59
CA PRO A 7 -7.29 -12.15 -13.58
C PRO A 7 -8.54 -12.45 -12.75
N PHE A 8 -8.50 -12.16 -11.46
CA PHE A 8 -9.73 -12.28 -10.61
C PHE A 8 -9.61 -11.39 -9.36
N LEU A 9 -9.24 -10.14 -9.55
CA LEU A 9 -8.96 -9.23 -8.39
C LEU A 9 -9.01 -7.76 -8.84
N LYS A 10 -9.97 -7.02 -8.35
CA LYS A 10 -10.06 -5.56 -8.69
C LYS A 10 -9.48 -4.71 -7.56
N CYS A 11 -8.62 -3.77 -7.87
CA CYS A 11 -7.98 -2.91 -6.82
C CYS A 11 -8.41 -1.45 -7.03
N TYR A 12 -8.68 -0.74 -5.97
CA TYR A 12 -9.00 0.72 -6.08
C TYR A 12 -7.71 1.54 -6.16
N CYS A 13 -7.70 2.59 -6.95
CA CYS A 13 -6.47 3.44 -7.10
C CYS A 13 -6.71 4.84 -6.55
N SER A 14 -5.75 5.38 -5.83
CA SER A 14 -5.86 6.78 -5.31
C SER A 14 -4.67 7.61 -5.78
N GLY A 15 -4.90 8.83 -6.18
CA GLY A 15 -3.80 9.72 -6.65
C GLY A 15 -3.37 9.30 -8.06
N HIS A 16 -2.79 8.13 -8.19
CA HIS A 16 -2.28 7.66 -9.52
C HIS A 16 -3.09 6.46 -10.01
N CYS A 17 -3.65 6.56 -11.20
CA CYS A 17 -4.35 5.40 -11.82
C CYS A 17 -3.99 5.32 -13.32
N PRO A 18 -3.72 4.13 -13.82
CA PRO A 18 -3.17 4.00 -15.21
C PRO A 18 -4.14 4.59 -16.25
N ASP A 19 -3.62 5.06 -17.36
CA ASP A 19 -4.46 5.80 -18.37
C ASP A 19 -5.60 4.92 -18.90
N ASP A 20 -5.41 3.61 -18.92
CA ASP A 20 -6.45 2.69 -19.47
C ASP A 20 -7.40 2.19 -18.36
N ALA A 21 -7.40 2.81 -17.20
CA ALA A 21 -8.19 2.29 -16.04
C ALA A 21 -9.67 2.68 -16.18
N ILE A 22 -10.54 2.01 -15.47
CA ILE A 22 -12.01 2.28 -15.58
C ILE A 22 -12.56 2.58 -14.18
N ASN A 23 -13.46 3.55 -14.08
CA ASN A 23 -14.07 3.97 -12.76
C ASN A 23 -13.06 3.98 -11.60
N ASN A 24 -11.85 4.48 -11.84
CA ASN A 24 -10.77 4.52 -10.80
C ASN A 24 -10.51 3.13 -10.20
N THR A 25 -10.47 2.11 -11.04
CA THR A 25 -10.07 0.75 -10.57
C THR A 25 -9.23 0.04 -11.64
N CYS A 26 -8.51 -0.99 -11.25
CA CYS A 26 -7.67 -1.76 -12.22
C CYS A 26 -7.76 -3.26 -11.92
N ILE A 27 -7.33 -4.08 -12.86
CA ILE A 27 -7.50 -5.56 -12.75
C ILE A 27 -6.10 -6.22 -12.68
N THR A 28 -5.90 -7.12 -11.74
CA THR A 28 -4.56 -7.77 -11.60
C THR A 28 -4.71 -9.24 -11.18
N ASN A 29 -3.72 -10.05 -11.47
CA ASN A 29 -3.64 -11.42 -10.88
C ASN A 29 -2.50 -11.50 -9.84
N GLY A 30 -2.20 -10.40 -9.19
CA GLY A 30 -1.19 -10.40 -8.08
C GLY A 30 -1.87 -9.98 -6.78
N HIS A 31 -1.64 -8.75 -6.36
CA HIS A 31 -2.33 -8.22 -5.13
C HIS A 31 -2.76 -6.76 -5.38
N CYS A 32 -3.51 -6.20 -4.46
CA CYS A 32 -3.71 -4.72 -4.44
C CYS A 32 -2.68 -4.11 -3.49
N PHE A 33 -2.09 -2.98 -3.85
CA PHE A 33 -1.03 -2.37 -2.99
C PHE A 33 -1.33 -0.90 -2.73
N ALA A 34 -0.91 -0.40 -1.59
CA ALA A 34 -1.05 1.06 -1.28
C ALA A 34 0.08 1.51 -0.36
N ILE A 35 0.56 2.72 -0.55
CA ILE A 35 1.79 3.17 0.17
C ILE A 35 1.67 4.66 0.53
N ILE A 36 2.29 5.07 1.62
CA ILE A 36 2.24 6.51 2.04
C ILE A 36 3.62 6.95 2.55
N GLU A 37 4.21 7.94 1.88
CA GLU A 37 5.58 8.42 2.26
C GLU A 37 5.48 9.78 2.98
N GLU A 38 6.36 10.02 3.93
CA GLU A 38 6.33 11.31 4.68
C GLU A 38 7.44 12.24 4.16
N ASP A 39 7.06 13.37 3.60
CA ASP A 39 8.07 14.28 2.96
C ASP A 39 8.68 15.22 4.01
N ASP A 40 9.65 16.01 3.62
CA ASP A 40 10.41 16.85 4.61
C ASP A 40 9.50 17.85 5.36
N GLN A 41 8.32 18.11 4.84
CA GLN A 41 7.37 19.04 5.53
C GLN A 41 6.40 18.28 6.46
N GLY A 42 6.35 16.97 6.38
CA GLY A 42 5.47 16.18 7.30
C GLY A 42 4.07 15.97 6.68
N GLU A 43 3.93 16.17 5.38
CA GLU A 43 2.66 15.76 4.68
C GLU A 43 2.79 14.35 4.09
N THR A 44 1.69 13.63 4.02
CA THR A 44 1.72 12.27 3.39
C THR A 44 1.33 12.33 1.92
N THR A 45 2.07 11.65 1.07
CA THR A 45 1.63 11.46 -0.34
C THR A 45 1.07 10.05 -0.49
N LEU A 46 -0.23 9.94 -0.70
CA LEU A 46 -0.89 8.60 -0.75
C LEU A 46 -1.07 8.14 -2.21
N ALA A 47 -0.71 6.92 -2.51
CA ALA A 47 -0.93 6.35 -3.87
C ALA A 47 -1.20 4.86 -3.79
N SER A 48 -2.05 4.35 -4.66
CA SER A 48 -2.32 2.88 -4.71
C SER A 48 -2.54 2.43 -6.16
N GLY A 49 -2.52 1.14 -6.41
CA GLY A 49 -2.73 0.64 -7.81
C GLY A 49 -2.63 -0.89 -7.84
N CYS A 50 -2.47 -1.46 -9.01
CA CYS A 50 -2.47 -2.95 -9.16
C CYS A 50 -1.03 -3.47 -9.18
N MET A 51 -0.75 -4.51 -8.41
CA MET A 51 0.59 -5.14 -8.42
C MET A 51 0.58 -6.42 -9.26
N LYS A 52 1.41 -6.49 -10.28
CA LYS A 52 1.50 -7.73 -11.12
C LYS A 52 2.07 -8.89 -10.29
N TYR A 53 1.95 -10.10 -10.79
CA TYR A 53 2.48 -11.30 -10.05
C TYR A 53 4.00 -11.24 -9.96
N GLU A 54 4.57 -11.73 -8.88
CA GLU A 54 6.05 -11.68 -8.70
C GLU A 54 6.55 -12.96 -8.03
N GLY A 55 5.91 -13.38 -6.96
CA GLY A 55 6.38 -14.59 -6.21
C GLY A 55 6.19 -14.36 -4.70
N SER A 56 6.36 -13.15 -4.24
CA SER A 56 6.19 -12.84 -2.79
C SER A 56 4.71 -12.91 -2.41
N ASP A 57 4.38 -13.73 -1.43
CA ASP A 57 2.95 -13.88 -1.01
C ASP A 57 2.51 -12.69 -0.16
N PHE A 58 3.37 -12.22 0.71
CA PHE A 58 3.01 -11.10 1.64
C PHE A 58 4.26 -10.35 2.10
N GLN A 59 5.26 -10.26 1.24
CA GLN A 59 6.51 -9.50 1.60
C GLN A 59 6.25 -7.99 1.53
N CYS A 60 5.38 -7.50 2.40
CA CYS A 60 5.03 -6.04 2.38
C CYS A 60 5.56 -5.34 3.64
N LYS A 61 6.67 -5.82 4.18
CA LYS A 61 7.25 -5.21 5.42
C LYS A 61 8.13 -4.00 5.06
N ASP A 62 8.73 -3.38 6.06
CA ASP A 62 9.66 -2.24 5.80
C ASP A 62 10.79 -2.22 6.83
N SER A 63 12.01 -2.48 6.39
CA SER A 63 13.19 -2.47 7.32
C SER A 63 13.65 -1.02 7.58
N PRO A 64 14.25 -0.79 8.74
CA PRO A 64 14.86 0.55 9.02
C PRO A 64 16.29 0.64 8.43
N LYS A 65 16.42 0.39 7.14
CA LYS A 65 17.76 0.43 6.48
C LYS A 65 17.58 0.72 4.99
N ALA A 66 16.78 1.72 4.68
CA ALA A 66 16.23 1.86 3.29
C ALA A 66 15.87 3.32 3.00
N GLN A 67 15.17 3.55 1.91
CA GLN A 67 14.82 4.95 1.49
C GLN A 67 13.89 5.60 2.53
N LEU A 68 13.32 6.73 2.20
CA LEU A 68 12.73 7.63 3.25
C LEU A 68 11.54 6.93 3.93
N ARG A 69 11.23 7.34 5.14
CA ARG A 69 10.31 6.54 6.02
C ARG A 69 8.89 6.57 5.46
N ARG A 70 8.21 5.45 5.48
CA ARG A 70 6.83 5.37 4.92
C ARG A 70 6.12 4.14 5.47
N THR A 71 4.81 4.08 5.31
CA THR A 71 4.05 2.84 5.65
C THR A 71 3.49 2.22 4.37
N ILE A 72 3.35 0.92 4.32
CA ILE A 72 2.85 0.24 3.09
C ILE A 72 1.95 -0.94 3.47
N GLU A 73 1.06 -1.32 2.58
CA GLU A 73 0.11 -2.45 2.88
C GLU A 73 -0.14 -3.28 1.61
N CYS A 74 -0.39 -4.56 1.79
CA CYS A 74 -0.61 -5.48 0.63
C CYS A 74 -1.72 -6.48 0.96
N CYS A 75 -2.60 -6.77 0.01
CA CYS A 75 -3.77 -7.66 0.30
C CYS A 75 -4.31 -8.28 -0.99
N ARG A 76 -4.52 -9.58 -0.98
CA ARG A 76 -4.97 -10.30 -2.21
C ARG A 76 -6.46 -10.66 -2.12
N THR A 77 -7.27 -9.70 -1.74
CA THR A 77 -8.75 -9.92 -1.71
C THR A 77 -9.47 -8.70 -2.30
N ASN A 78 -10.63 -8.89 -2.87
CA ASN A 78 -11.22 -7.86 -3.79
C ASN A 78 -11.49 -6.54 -3.06
N LEU A 79 -11.06 -5.44 -3.66
CA LEU A 79 -11.27 -4.06 -3.06
C LEU A 79 -10.76 -3.99 -1.62
N CYS A 80 -9.80 -4.82 -1.25
CA CYS A 80 -9.22 -4.74 0.14
C CYS A 80 -8.52 -3.38 0.38
N ASN A 81 -8.13 -2.70 -0.67
CA ASN A 81 -7.48 -1.35 -0.51
C ASN A 81 -8.54 -0.22 -0.54
N GLN A 82 -9.69 -0.46 -1.13
CA GLN A 82 -10.72 0.63 -1.28
C GLN A 82 -11.17 1.15 0.08
N TYR A 83 -11.31 0.26 1.05
CA TYR A 83 -11.71 0.68 2.43
C TYR A 83 -10.50 0.73 3.37
N LEU A 84 -9.28 0.76 2.84
CA LEU A 84 -8.06 0.69 3.70
C LEU A 84 -7.29 2.01 3.63
N GLN A 85 -7.26 2.75 4.72
CA GLN A 85 -6.39 3.96 4.80
C GLN A 85 -5.05 3.61 5.48
N PRO A 86 -3.93 3.81 4.80
CA PRO A 86 -2.61 3.55 5.43
C PRO A 86 -2.31 4.61 6.50
N THR A 87 -1.68 4.21 7.57
CA THR A 87 -1.33 5.17 8.67
C THR A 87 0.07 4.89 9.21
N LEU A 88 0.75 5.91 9.68
CA LEU A 88 2.14 5.73 10.22
C LEU A 88 2.09 4.99 11.57
N PRO A 89 3.13 4.22 11.88
CA PRO A 89 3.16 3.49 13.18
C PRO A 89 3.31 4.49 14.34
N PRO A 90 2.82 4.12 15.52
CA PRO A 90 2.94 5.02 16.71
C PRO A 90 4.41 5.15 17.14
N VAL A 91 4.84 6.35 17.45
CA VAL A 91 6.27 6.57 17.88
C VAL A 91 6.42 6.11 19.34
N VAL A 92 5.44 6.38 20.16
CA VAL A 92 5.49 5.98 21.61
C VAL A 92 4.92 4.57 21.78
N ILE A 93 5.59 3.73 22.53
CA ILE A 93 5.08 2.34 22.78
C ILE A 93 4.18 2.35 24.03
N GLY A 94 2.91 2.10 23.85
CA GLY A 94 1.95 2.09 25.00
C GLY A 94 0.75 3.01 24.69
N PRO A 95 -0.10 3.25 25.67
CA PRO A 95 -1.28 4.17 25.47
C PRO A 95 -0.84 5.56 25.03
N PHE A 96 -1.68 6.26 24.30
CA PHE A 96 -1.34 7.63 23.81
C PHE A 96 -2.60 8.44 23.55
N PHE A 97 -2.47 9.74 23.42
CA PHE A 97 -3.67 10.61 23.16
C PHE A 97 -3.22 11.92 22.48
N ASP A 98 -3.88 12.29 21.41
CA ASP A 98 -3.51 13.55 20.68
C ASP A 98 -4.73 14.07 19.89
N GLY A 99 -5.91 13.88 20.42
CA GLY A 99 -7.16 14.33 19.72
C GLY A 99 -7.21 15.86 19.68
N SER A 100 -6.74 16.50 20.74
CA SER A 100 -6.76 18.00 20.80
C SER A 100 -5.58 18.57 20.02
N ILE A 101 -5.81 19.58 19.21
CA ILE A 101 -4.71 20.22 18.42
C ILE A 101 -4.12 21.38 19.23
N ARG A 102 -2.80 21.46 19.28
CA ARG A 102 -2.13 22.56 20.05
C ARG A 102 -1.90 23.77 19.12
N GLY A 1 8.69 -18.21 -12.65
CA GLY A 1 9.05 -17.77 -14.02
C GLY A 1 7.77 -17.59 -14.86
N PRO A 2 7.12 -18.70 -15.22
CA PRO A 2 5.86 -18.64 -16.03
C PRO A 2 4.78 -17.82 -15.31
N GLU A 3 4.27 -16.79 -15.94
CA GLU A 3 3.21 -15.94 -15.33
C GLU A 3 1.81 -16.47 -15.68
N ASP A 4 1.61 -17.75 -15.52
CA ASP A 4 0.29 -18.38 -15.90
C ASP A 4 -0.75 -18.08 -14.82
N THR A 5 -1.35 -16.91 -14.87
CA THR A 5 -2.39 -16.52 -13.87
C THR A 5 -3.43 -15.61 -14.53
N LEU A 6 -4.69 -16.00 -14.47
CA LEU A 6 -5.78 -15.19 -15.10
C LEU A 6 -6.09 -13.96 -14.22
N PRO A 7 -6.54 -12.88 -14.83
CA PRO A 7 -7.08 -11.72 -14.03
C PRO A 7 -8.34 -12.12 -13.25
N PHE A 8 -8.33 -11.95 -11.95
CA PHE A 8 -9.59 -11.99 -11.16
C PHE A 8 -9.42 -11.22 -9.83
N LEU A 9 -8.96 -9.99 -9.92
CA LEU A 9 -8.75 -9.15 -8.69
C LEU A 9 -8.76 -7.67 -9.06
N LYS A 10 -9.75 -6.94 -8.57
CA LYS A 10 -9.85 -5.48 -8.87
C LYS A 10 -9.31 -4.66 -7.70
N CYS A 11 -8.41 -3.75 -7.95
CA CYS A 11 -7.80 -2.93 -6.85
C CYS A 11 -8.18 -1.45 -7.03
N TYR A 12 -8.47 -0.77 -5.95
CA TYR A 12 -8.79 0.71 -6.04
C TYR A 12 -7.49 1.51 -6.10
N CYS A 13 -7.49 2.61 -6.83
CA CYS A 13 -6.23 3.38 -7.06
C CYS A 13 -6.31 4.78 -6.43
N SER A 14 -5.17 5.37 -6.16
CA SER A 14 -5.12 6.83 -5.80
C SER A 14 -5.56 7.68 -6.99
N GLY A 15 -5.91 8.93 -6.76
CA GLY A 15 -6.51 9.81 -7.84
C GLY A 15 -5.64 9.79 -9.12
N HIS A 16 -4.40 9.39 -9.03
CA HIS A 16 -3.63 9.01 -10.26
C HIS A 16 -3.93 7.56 -10.63
N CYS A 17 -4.60 7.35 -11.74
CA CYS A 17 -5.05 5.98 -12.15
C CYS A 17 -4.82 5.82 -13.66
N PRO A 18 -4.28 4.67 -14.09
CA PRO A 18 -3.74 4.57 -15.47
C PRO A 18 -4.80 4.91 -16.53
N ASP A 19 -4.37 5.36 -17.69
CA ASP A 19 -5.32 5.98 -18.68
C ASP A 19 -6.39 4.98 -19.13
N ASP A 20 -6.06 3.71 -19.16
CA ASP A 20 -7.03 2.67 -19.64
C ASP A 20 -7.86 2.08 -18.48
N ALA A 21 -7.86 2.72 -17.33
CA ALA A 21 -8.55 2.13 -16.13
C ALA A 21 -10.03 2.52 -16.12
N ILE A 22 -10.82 1.80 -15.36
CA ILE A 22 -12.30 2.05 -15.34
C ILE A 22 -12.75 2.37 -13.92
N ASN A 23 -13.66 3.32 -13.76
CA ASN A 23 -14.18 3.76 -12.41
C ASN A 23 -13.07 3.84 -11.34
N ASN A 24 -11.92 4.37 -11.68
CA ASN A 24 -10.76 4.48 -10.73
C ASN A 24 -10.39 3.11 -10.12
N THR A 25 -10.39 2.08 -10.93
CA THR A 25 -9.92 0.74 -10.46
C THR A 25 -9.08 0.06 -11.55
N CYS A 26 -8.13 -0.75 -11.16
CA CYS A 26 -7.28 -1.49 -12.15
C CYS A 26 -7.42 -3.01 -11.95
N ILE A 27 -7.06 -3.77 -12.96
CA ILE A 27 -7.23 -5.27 -12.90
C ILE A 27 -5.85 -5.91 -12.79
N THR A 28 -5.69 -6.86 -11.88
CA THR A 28 -4.36 -7.53 -11.69
C THR A 28 -4.52 -9.03 -11.43
N ASN A 29 -3.51 -9.80 -11.76
CA ASN A 29 -3.44 -11.21 -11.28
C ASN A 29 -2.34 -11.36 -10.20
N GLY A 30 -2.09 -10.32 -9.44
CA GLY A 30 -1.08 -10.38 -8.34
C GLY A 30 -1.75 -10.00 -7.03
N HIS A 31 -1.63 -8.76 -6.62
CA HIS A 31 -2.29 -8.30 -5.35
C HIS A 31 -2.67 -6.83 -5.47
N CYS A 32 -3.39 -6.30 -4.52
CA CYS A 32 -3.60 -4.82 -4.43
C CYS A 32 -2.57 -4.23 -3.46
N PHE A 33 -1.99 -3.10 -3.77
CA PHE A 33 -0.95 -2.50 -2.87
C PHE A 33 -1.23 -1.02 -2.63
N ALA A 34 -0.82 -0.51 -1.49
CA ALA A 34 -0.97 0.94 -1.18
C ALA A 34 0.12 1.36 -0.19
N ILE A 35 0.63 2.56 -0.33
CA ILE A 35 1.82 2.98 0.46
C ILE A 35 1.70 4.47 0.87
N ILE A 36 2.27 4.82 2.01
CA ILE A 36 2.27 6.24 2.46
C ILE A 36 3.67 6.60 3.01
N GLU A 37 4.10 7.83 2.80
CA GLU A 37 5.51 8.21 3.10
C GLU A 37 5.57 9.69 3.50
N GLU A 38 6.47 10.03 4.40
CA GLU A 38 6.58 11.44 4.88
C GLU A 38 7.76 12.13 4.20
N ASP A 39 7.49 13.17 3.44
CA ASP A 39 8.57 13.85 2.66
C ASP A 39 9.25 14.94 3.50
N ASP A 40 10.28 15.55 2.97
CA ASP A 40 11.11 16.51 3.79
C ASP A 40 10.28 17.70 4.32
N GLN A 41 9.13 17.96 3.74
CA GLN A 41 8.25 19.07 4.22
C GLN A 41 7.23 18.59 5.27
N GLY A 42 7.08 17.29 5.45
CA GLY A 42 6.15 16.75 6.49
C GLY A 42 4.74 16.54 5.93
N GLU A 43 4.59 16.46 4.63
CA GLU A 43 3.29 16.02 4.03
C GLU A 43 3.33 14.53 3.71
N THR A 44 2.22 13.84 3.86
CA THR A 44 2.18 12.38 3.53
C THR A 44 1.66 12.18 2.09
N THR A 45 2.38 11.40 1.31
CA THR A 45 1.94 11.11 -0.10
C THR A 45 1.21 9.77 -0.15
N LEU A 46 -0.06 9.78 -0.49
CA LEU A 46 -0.85 8.51 -0.58
C LEU A 46 -0.92 8.04 -2.04
N ALA A 47 -0.51 6.81 -2.28
CA ALA A 47 -0.63 6.23 -3.65
C ALA A 47 -0.98 4.74 -3.58
N SER A 48 -1.79 4.27 -4.50
CA SER A 48 -2.12 2.82 -4.57
C SER A 48 -2.25 2.39 -6.03
N GLY A 49 -2.28 1.10 -6.28
CA GLY A 49 -2.43 0.60 -7.69
C GLY A 49 -2.35 -0.93 -7.73
N CYS A 50 -2.14 -1.48 -8.91
CA CYS A 50 -2.18 -2.97 -9.08
C CYS A 50 -0.76 -3.54 -9.08
N MET A 51 -0.54 -4.60 -8.32
CA MET A 51 0.79 -5.28 -8.29
C MET A 51 0.74 -6.56 -9.13
N LYS A 52 1.73 -6.78 -9.98
CA LYS A 52 1.77 -8.03 -10.80
C LYS A 52 1.98 -9.25 -9.90
N TYR A 53 1.88 -10.44 -10.46
CA TYR A 53 2.08 -11.70 -9.66
C TYR A 53 3.52 -11.78 -9.15
N GLU A 54 3.72 -12.36 -7.99
CA GLU A 54 5.08 -12.39 -7.36
C GLU A 54 5.36 -13.77 -6.76
N GLY A 55 4.43 -14.29 -5.99
CA GLY A 55 4.65 -15.61 -5.31
C GLY A 55 3.90 -15.63 -3.98
N SER A 56 3.31 -16.74 -3.63
CA SER A 56 2.53 -16.83 -2.35
C SER A 56 3.43 -16.99 -1.12
N ASP A 57 4.74 -17.03 -1.29
CA ASP A 57 5.66 -17.15 -0.11
C ASP A 57 5.81 -15.82 0.60
N PHE A 58 5.73 -14.73 -0.13
CA PHE A 58 5.79 -13.36 0.50
C PHE A 58 5.09 -12.35 -0.42
N GLN A 59 3.78 -12.34 -0.42
CA GLN A 59 3.00 -11.44 -1.33
C GLN A 59 2.96 -10.00 -0.79
N CYS A 60 4.12 -9.39 -0.62
CA CYS A 60 4.17 -7.97 -0.13
C CYS A 60 5.47 -7.31 -0.59
N LYS A 61 5.38 -6.24 -1.35
CA LYS A 61 6.61 -5.52 -1.82
C LYS A 61 7.15 -4.62 -0.71
N ASP A 62 8.37 -4.89 -0.26
CA ASP A 62 9.01 -4.03 0.77
C ASP A 62 10.54 -4.04 0.58
N SER A 63 11.10 -2.93 0.16
CA SER A 63 12.57 -2.87 -0.10
C SER A 63 13.34 -2.66 1.21
N PRO A 64 14.14 -3.64 1.63
CA PRO A 64 15.01 -3.44 2.83
C PRO A 64 16.22 -2.54 2.49
N LYS A 65 15.96 -1.32 2.09
CA LYS A 65 17.07 -0.38 1.71
C LYS A 65 16.58 1.07 1.88
N ALA A 66 15.91 1.34 2.97
CA ALA A 66 15.21 2.65 3.14
C ALA A 66 15.02 2.97 4.62
N GLN A 67 15.55 4.08 5.07
CA GLN A 67 15.44 4.46 6.52
C GLN A 67 14.53 5.68 6.68
N LEU A 68 13.34 5.61 6.12
CA LEU A 68 12.38 6.75 6.21
C LEU A 68 11.10 6.30 6.91
N ARG A 69 10.51 7.17 7.71
CA ARG A 69 9.25 6.82 8.44
C ARG A 69 8.09 6.67 7.44
N ARG A 70 7.55 5.48 7.31
CA ARG A 70 6.48 5.23 6.30
C ARG A 70 5.71 3.94 6.63
N THR A 71 4.57 3.76 6.01
CA THR A 71 3.75 2.52 6.24
C THR A 71 3.28 1.97 4.89
N ILE A 72 3.12 0.67 4.80
CA ILE A 72 2.66 0.04 3.52
C ILE A 72 1.72 -1.14 3.81
N GLU A 73 0.88 -1.48 2.86
CA GLU A 73 -0.10 -2.59 3.07
C GLU A 73 -0.28 -3.40 1.78
N CYS A 74 -0.51 -4.69 1.90
CA CYS A 74 -0.67 -5.57 0.71
C CYS A 74 -1.74 -6.64 0.99
N CYS A 75 -2.60 -6.91 0.03
CA CYS A 75 -3.79 -7.81 0.29
C CYS A 75 -4.30 -8.41 -1.03
N ARG A 76 -4.55 -9.71 -1.01
CA ARG A 76 -5.00 -10.42 -2.25
C ARG A 76 -6.49 -10.76 -2.18
N THR A 77 -7.31 -9.77 -1.90
CA THR A 77 -8.80 -9.98 -1.91
C THR A 77 -9.48 -8.73 -2.49
N ASN A 78 -10.64 -8.91 -3.09
CA ASN A 78 -11.19 -7.84 -3.99
C ASN A 78 -11.45 -6.52 -3.23
N LEU A 79 -10.99 -5.43 -3.79
CA LEU A 79 -11.17 -4.06 -3.17
C LEU A 79 -10.70 -4.03 -1.71
N CYS A 80 -9.77 -4.88 -1.35
CA CYS A 80 -9.20 -4.84 0.05
C CYS A 80 -8.48 -3.50 0.33
N ASN A 81 -8.06 -2.81 -0.70
CA ASN A 81 -7.41 -1.46 -0.51
C ASN A 81 -8.45 -0.33 -0.53
N GLN A 82 -9.60 -0.55 -1.14
CA GLN A 82 -10.62 0.56 -1.29
C GLN A 82 -11.09 1.06 0.08
N TYR A 83 -11.26 0.15 1.02
CA TYR A 83 -11.67 0.54 2.40
C TYR A 83 -10.46 0.58 3.37
N LEU A 84 -9.25 0.60 2.84
CA LEU A 84 -8.04 0.53 3.72
C LEU A 84 -7.27 1.84 3.68
N GLN A 85 -7.26 2.57 4.78
CA GLN A 85 -6.41 3.81 4.87
C GLN A 85 -5.07 3.47 5.56
N PRO A 86 -3.95 3.70 4.89
CA PRO A 86 -2.63 3.50 5.55
C PRO A 86 -2.39 4.60 6.59
N THR A 87 -1.84 4.23 7.73
CA THR A 87 -1.54 5.25 8.80
C THR A 87 -0.18 4.94 9.44
N LEU A 88 0.50 5.96 9.91
CA LEU A 88 1.83 5.76 10.57
C LEU A 88 1.62 5.14 11.98
N PRO A 89 2.04 3.88 12.16
CA PRO A 89 1.87 3.23 13.50
C PRO A 89 2.79 3.90 14.54
N PRO A 90 2.39 3.90 15.81
CA PRO A 90 3.25 4.46 16.88
C PRO A 90 4.55 3.66 17.01
N VAL A 91 5.64 4.32 17.35
CA VAL A 91 6.96 3.63 17.52
C VAL A 91 7.78 4.40 18.56
N VAL A 92 8.84 3.79 19.06
CA VAL A 92 9.68 4.45 20.11
C VAL A 92 10.81 5.24 19.44
N ILE A 93 11.00 6.47 19.83
CA ILE A 93 12.10 7.30 19.26
C ILE A 93 12.55 8.37 20.28
N GLY A 94 13.79 8.32 20.68
CA GLY A 94 14.33 9.31 21.66
C GLY A 94 13.67 9.08 23.04
N PRO A 95 14.17 9.73 24.08
CA PRO A 95 13.57 9.60 25.45
C PRO A 95 12.09 10.02 25.45
N PHE A 96 11.23 9.21 26.04
CA PHE A 96 9.78 9.54 26.08
C PHE A 96 9.47 10.44 27.28
N PHE A 97 8.81 11.56 27.05
CA PHE A 97 8.44 12.48 28.17
C PHE A 97 7.35 11.85 29.04
N ASP A 98 7.54 11.85 30.34
CA ASP A 98 6.54 11.24 31.27
C ASP A 98 5.39 12.22 31.54
N GLY A 99 4.30 11.73 32.09
CA GLY A 99 3.14 12.61 32.41
C GLY A 99 2.43 13.03 31.12
N SER A 100 2.39 12.15 30.15
CA SER A 100 1.72 12.47 28.84
C SER A 100 0.20 12.27 28.96
N ILE A 101 -0.57 13.22 28.49
CA ILE A 101 -2.06 13.10 28.53
C ILE A 101 -2.56 12.44 27.23
N ARG A 102 -3.39 11.43 27.35
CA ARG A 102 -3.93 10.74 26.14
C ARG A 102 -5.25 10.04 26.48
N GLY A 1 1.31 -28.37 -14.83
CA GLY A 1 0.73 -28.85 -16.11
C GLY A 1 -0.33 -27.86 -16.61
N PRO A 2 -1.48 -27.80 -15.93
CA PRO A 2 -2.57 -26.86 -16.34
C PRO A 2 -2.09 -25.40 -16.33
N GLU A 3 -2.20 -24.71 -17.44
CA GLU A 3 -1.78 -23.28 -17.52
C GLU A 3 -2.94 -22.34 -17.17
N ASP A 4 -3.63 -22.63 -16.08
CA ASP A 4 -4.83 -21.81 -15.69
C ASP A 4 -4.38 -20.49 -15.07
N THR A 5 -4.09 -19.51 -15.90
CA THR A 5 -3.68 -18.17 -15.38
C THR A 5 -4.58 -17.08 -15.96
N LEU A 6 -5.45 -16.53 -15.15
CA LEU A 6 -6.38 -15.45 -15.60
C LEU A 6 -6.56 -14.41 -14.49
N PRO A 7 -6.78 -13.15 -14.86
CA PRO A 7 -7.06 -12.08 -13.83
C PRO A 7 -8.33 -12.40 -13.04
N PHE A 8 -8.33 -12.12 -11.75
CA PHE A 8 -9.58 -12.24 -10.94
C PHE A 8 -9.49 -11.38 -9.66
N LEU A 9 -9.12 -10.12 -9.81
CA LEU A 9 -8.91 -9.24 -8.62
C LEU A 9 -8.94 -7.77 -9.04
N LYS A 10 -9.94 -7.04 -8.59
CA LYS A 10 -10.01 -5.58 -8.91
C LYS A 10 -9.51 -4.75 -7.72
N CYS A 11 -8.62 -3.81 -7.97
CA CYS A 11 -8.05 -2.97 -6.86
C CYS A 11 -8.50 -1.52 -7.05
N TYR A 12 -8.82 -0.85 -5.95
CA TYR A 12 -9.18 0.61 -6.02
C TYR A 12 -7.91 1.46 -5.99
N CYS A 13 -7.88 2.52 -6.76
CA CYS A 13 -6.64 3.38 -6.84
C CYS A 13 -6.92 4.77 -6.26
N SER A 14 -5.99 5.30 -5.51
CA SER A 14 -6.13 6.69 -4.96
C SER A 14 -4.94 7.55 -5.39
N GLY A 15 -5.19 8.78 -5.74
CA GLY A 15 -4.09 9.70 -6.18
C GLY A 15 -3.60 9.29 -7.57
N HIS A 16 -2.97 8.15 -7.68
CA HIS A 16 -2.39 7.71 -8.98
C HIS A 16 -3.17 6.51 -9.54
N CYS A 17 -3.69 6.65 -10.74
CA CYS A 17 -4.36 5.50 -11.42
C CYS A 17 -3.96 5.47 -12.91
N PRO A 18 -3.64 4.30 -13.45
CA PRO A 18 -3.03 4.23 -14.82
C PRO A 18 -3.97 4.84 -15.87
N ASP A 19 -3.41 5.36 -16.95
CA ASP A 19 -4.22 6.13 -17.96
C ASP A 19 -5.33 5.25 -18.57
N ASP A 20 -5.12 3.96 -18.62
CA ASP A 20 -6.14 3.04 -19.24
C ASP A 20 -7.13 2.50 -18.19
N ALA A 21 -7.17 3.09 -17.01
CA ALA A 21 -7.99 2.50 -15.89
C ALA A 21 -9.46 2.86 -16.09
N ILE A 22 -10.35 2.14 -15.42
CA ILE A 22 -11.82 2.37 -15.58
C ILE A 22 -12.44 2.61 -14.20
N ASN A 23 -13.37 3.54 -14.10
CA ASN A 23 -14.04 3.92 -12.80
C ASN A 23 -13.07 3.91 -11.59
N ASN A 24 -11.88 4.45 -11.78
CA ASN A 24 -10.84 4.50 -10.68
C ASN A 24 -10.54 3.10 -10.12
N THR A 25 -10.43 2.11 -10.98
CA THR A 25 -10.01 0.75 -10.55
C THR A 25 -9.14 0.08 -11.62
N CYS A 26 -8.42 -0.95 -11.24
CA CYS A 26 -7.54 -1.68 -12.21
C CYS A 26 -7.62 -3.19 -11.96
N ILE A 27 -7.15 -3.97 -12.92
CA ILE A 27 -7.29 -5.47 -12.83
C ILE A 27 -5.89 -6.09 -12.69
N THR A 28 -5.73 -7.01 -11.77
CA THR A 28 -4.39 -7.66 -11.57
C THR A 28 -4.55 -9.15 -11.23
N ASN A 29 -3.55 -9.94 -11.53
CA ASN A 29 -3.47 -11.34 -11.00
C ASN A 29 -2.38 -11.46 -9.93
N GLY A 30 -2.12 -10.39 -9.21
CA GLY A 30 -1.11 -10.44 -8.10
C GLY A 30 -1.79 -10.01 -6.79
N HIS A 31 -1.63 -8.76 -6.41
CA HIS A 31 -2.31 -8.23 -5.19
C HIS A 31 -2.75 -6.79 -5.42
N CYS A 32 -3.52 -6.23 -4.52
CA CYS A 32 -3.70 -4.75 -4.47
C CYS A 32 -2.66 -4.17 -3.52
N PHE A 33 -2.06 -3.04 -3.86
CA PHE A 33 -0.99 -2.46 -2.99
C PHE A 33 -1.27 -0.97 -2.72
N ALA A 34 -0.89 -0.49 -1.57
CA ALA A 34 -1.09 0.95 -1.22
C ALA A 34 0.00 1.40 -0.25
N ILE A 35 0.48 2.61 -0.40
CA ILE A 35 1.67 3.06 0.39
C ILE A 35 1.54 4.55 0.75
N ILE A 36 2.10 4.94 1.88
CA ILE A 36 2.10 6.37 2.30
C ILE A 36 3.50 6.76 2.79
N GLU A 37 3.91 7.98 2.55
CA GLU A 37 5.35 8.36 2.74
C GLU A 37 5.44 9.83 3.17
N GLU A 38 6.41 10.15 4.00
CA GLU A 38 6.53 11.54 4.54
C GLU A 38 7.61 12.32 3.78
N ASP A 39 7.23 13.37 3.09
CA ASP A 39 8.20 14.14 2.25
C ASP A 39 8.92 15.21 3.07
N ASP A 40 9.86 15.90 2.48
CA ASP A 40 10.73 16.86 3.26
C ASP A 40 9.91 17.98 3.92
N GLN A 41 8.68 18.21 3.47
CA GLN A 41 7.82 19.26 4.09
C GLN A 41 6.92 18.69 5.21
N GLY A 42 6.84 17.37 5.33
CA GLY A 42 6.04 16.75 6.43
C GLY A 42 4.58 16.50 5.99
N GLU A 43 4.32 16.46 4.70
CA GLU A 43 2.98 16.00 4.21
C GLU A 43 3.05 14.52 3.82
N THR A 44 1.99 13.79 4.03
CA THR A 44 1.97 12.33 3.65
C THR A 44 1.33 12.17 2.27
N THR A 45 2.01 11.47 1.38
CA THR A 45 1.46 11.23 0.01
C THR A 45 0.80 9.85 -0.07
N LEU A 46 -0.49 9.82 -0.35
CA LEU A 46 -1.22 8.52 -0.46
C LEU A 46 -1.33 8.09 -1.93
N ALA A 47 -0.92 6.88 -2.24
CA ALA A 47 -1.09 6.34 -3.62
C ALA A 47 -1.30 4.82 -3.58
N SER A 48 -2.12 4.31 -4.48
CA SER A 48 -2.33 2.83 -4.57
C SER A 48 -2.51 2.42 -6.04
N GLY A 49 -2.45 1.14 -6.32
CA GLY A 49 -2.59 0.66 -7.73
C GLY A 49 -2.53 -0.87 -7.78
N CYS A 50 -2.36 -1.42 -8.96
CA CYS A 50 -2.37 -2.92 -9.12
C CYS A 50 -0.94 -3.45 -9.15
N MET A 51 -0.67 -4.49 -8.41
CA MET A 51 0.70 -5.12 -8.40
C MET A 51 0.72 -6.37 -9.28
N LYS A 52 1.59 -6.39 -10.25
CA LYS A 52 1.67 -7.59 -11.17
C LYS A 52 2.15 -8.83 -10.41
N TYR A 53 2.04 -9.99 -11.01
CA TYR A 53 2.47 -11.26 -10.33
C TYR A 53 3.99 -11.26 -10.11
N GLU A 54 4.44 -11.88 -9.03
CA GLU A 54 5.90 -11.89 -8.72
C GLU A 54 6.30 -13.26 -8.15
N GLY A 55 5.56 -13.75 -7.18
CA GLY A 55 5.89 -15.05 -6.52
C GLY A 55 5.58 -14.97 -5.02
N SER A 56 5.77 -13.81 -4.43
CA SER A 56 5.49 -13.66 -2.96
C SER A 56 3.98 -13.69 -2.70
N ASP A 57 3.54 -14.57 -1.84
CA ASP A 57 2.07 -14.67 -1.52
C ASP A 57 1.65 -13.52 -0.61
N PHE A 58 2.44 -13.24 0.41
CA PHE A 58 2.13 -12.08 1.31
C PHE A 58 3.42 -11.59 2.00
N GLN A 59 4.55 -11.73 1.34
CA GLN A 59 5.85 -11.25 1.95
C GLN A 59 5.97 -9.73 1.77
N CYS A 60 5.37 -8.97 2.67
CA CYS A 60 5.44 -7.48 2.60
C CYS A 60 6.28 -6.94 3.77
N LYS A 61 7.26 -7.70 4.22
CA LYS A 61 8.12 -7.25 5.38
C LYS A 61 9.22 -6.32 4.88
N ASP A 62 10.00 -5.78 5.80
CA ASP A 62 11.16 -4.92 5.42
C ASP A 62 12.22 -4.93 6.53
N SER A 63 13.48 -4.92 6.16
CA SER A 63 14.58 -4.87 7.17
C SER A 63 14.73 -3.44 7.72
N PRO A 64 15.41 -3.29 8.85
CA PRO A 64 15.51 -1.95 9.52
C PRO A 64 16.65 -1.10 8.92
N LYS A 65 16.63 -0.89 7.62
CA LYS A 65 17.59 0.06 6.97
C LYS A 65 17.00 0.58 5.66
N ALA A 66 15.70 0.79 5.65
CA ALA A 66 14.98 0.99 4.35
C ALA A 66 15.07 2.46 3.89
N GLN A 67 14.30 2.80 2.88
CA GLN A 67 14.20 4.23 2.43
C GLN A 67 13.54 5.08 3.53
N LEU A 68 13.18 6.30 3.21
CA LEU A 68 12.68 7.26 4.26
C LEU A 68 11.36 6.73 4.86
N ARG A 69 10.94 7.26 5.97
CA ARG A 69 9.93 6.56 6.83
C ARG A 69 8.58 6.51 6.13
N ARG A 70 7.91 5.37 6.18
CA ARG A 70 6.64 5.19 5.42
C ARG A 70 5.85 3.99 5.99
N THR A 71 4.60 3.90 5.64
CA THR A 71 3.79 2.68 5.98
C THR A 71 3.20 2.09 4.69
N ILE A 72 3.05 0.79 4.65
CA ILE A 72 2.59 0.11 3.40
C ILE A 72 1.64 -1.06 3.73
N GLU A 73 0.80 -1.43 2.79
CA GLU A 73 -0.14 -2.57 3.02
C GLU A 73 -0.35 -3.35 1.72
N CYS A 74 -0.59 -4.64 1.82
CA CYS A 74 -0.83 -5.48 0.60
C CYS A 74 -1.91 -6.53 0.90
N CYS A 75 -2.76 -6.81 -0.07
CA CYS A 75 -3.95 -7.70 0.18
C CYS A 75 -4.45 -8.32 -1.13
N ARG A 76 -4.64 -9.62 -1.13
CA ARG A 76 -5.08 -10.34 -2.37
C ARG A 76 -6.57 -10.71 -2.27
N THR A 77 -7.39 -9.76 -1.88
CA THR A 77 -8.88 -9.99 -1.86
C THR A 77 -9.60 -8.78 -2.47
N ASN A 78 -10.75 -9.00 -3.05
CA ASN A 78 -11.33 -7.98 -3.99
C ASN A 78 -11.64 -6.66 -3.28
N LEU A 79 -11.22 -5.56 -3.87
CA LEU A 79 -11.45 -4.19 -3.28
C LEU A 79 -10.99 -4.10 -1.82
N CYS A 80 -10.00 -4.90 -1.44
CA CYS A 80 -9.41 -4.79 -0.06
C CYS A 80 -8.76 -3.41 0.16
N ASN A 81 -8.36 -2.74 -0.90
CA ASN A 81 -7.75 -1.38 -0.76
C ASN A 81 -8.82 -0.32 -0.46
N GLN A 82 -10.03 -0.53 -0.93
CA GLN A 82 -11.08 0.56 -0.88
C GLN A 82 -11.37 0.96 0.57
N TYR A 83 -11.43 0.00 1.46
CA TYR A 83 -11.69 0.29 2.90
C TYR A 83 -10.41 0.29 3.73
N LEU A 84 -9.25 0.36 3.10
CA LEU A 84 -7.96 0.27 3.85
C LEU A 84 -7.15 1.56 3.68
N GLN A 85 -7.06 2.35 4.73
CA GLN A 85 -6.20 3.57 4.70
C GLN A 85 -4.83 3.29 5.36
N PRO A 86 -3.75 3.46 4.62
CA PRO A 86 -2.40 3.35 5.25
C PRO A 86 -2.13 4.56 6.15
N THR A 87 -1.63 4.32 7.35
CA THR A 87 -1.36 5.43 8.30
C THR A 87 -0.03 5.19 9.03
N LEU A 88 0.68 6.25 9.35
CA LEU A 88 1.95 6.10 10.14
C LEU A 88 1.64 5.74 11.60
N PRO A 89 2.58 5.09 12.29
CA PRO A 89 2.34 4.68 13.70
C PRO A 89 2.10 5.92 14.60
N PRO A 90 1.27 5.77 15.62
CA PRO A 90 0.91 6.94 16.48
C PRO A 90 2.12 7.39 17.30
N VAL A 91 2.28 8.69 17.49
CA VAL A 91 3.41 9.22 18.31
C VAL A 91 2.96 10.54 18.96
N VAL A 92 3.70 11.02 19.94
CA VAL A 92 3.32 12.29 20.63
C VAL A 92 3.97 13.50 19.92
N ILE A 93 3.26 14.61 19.87
CA ILE A 93 3.82 15.83 19.22
C ILE A 93 4.55 16.69 20.28
N GLY A 94 5.84 16.87 20.11
CA GLY A 94 6.62 17.71 21.07
C GLY A 94 6.69 17.00 22.44
N PRO A 95 7.39 17.60 23.39
CA PRO A 95 7.49 17.02 24.77
C PRO A 95 6.10 16.84 25.40
N PHE A 96 6.01 16.01 26.41
CA PHE A 96 4.69 15.76 27.09
C PHE A 96 4.93 15.29 28.54
N PHE A 97 3.91 15.38 29.36
CA PHE A 97 4.04 14.97 30.80
C PHE A 97 2.67 14.59 31.36
N ASP A 98 2.65 14.00 32.53
CA ASP A 98 1.36 13.58 33.16
C ASP A 98 1.51 13.50 34.69
N GLY A 99 2.58 12.89 35.16
CA GLY A 99 2.81 12.78 36.62
C GLY A 99 2.18 11.49 37.15
N SER A 100 2.24 10.43 36.37
CA SER A 100 1.67 9.12 36.82
C SER A 100 2.35 7.97 36.08
N ILE A 101 3.27 7.30 36.74
CA ILE A 101 4.00 6.16 36.09
C ILE A 101 3.24 4.85 36.38
N ARG A 102 3.14 3.99 35.39
CA ARG A 102 2.42 2.68 35.58
C ARG A 102 3.40 1.61 36.07
N GLY A 1 3.43 -27.51 -12.10
CA GLY A 1 2.24 -27.10 -11.31
C GLY A 1 1.29 -26.26 -12.19
N PRO A 2 0.03 -26.19 -11.82
CA PRO A 2 -0.97 -25.39 -12.60
C PRO A 2 -0.55 -23.91 -12.69
N GLU A 3 -0.36 -23.42 -13.90
CA GLU A 3 0.04 -21.97 -14.09
C GLU A 3 -1.21 -21.09 -14.23
N ASP A 4 -2.17 -21.25 -13.36
CA ASP A 4 -3.44 -20.48 -13.46
C ASP A 4 -3.23 -19.05 -12.95
N THR A 5 -2.70 -18.18 -13.79
CA THR A 5 -2.49 -16.76 -13.40
C THR A 5 -3.52 -15.86 -14.10
N LEU A 6 -4.78 -16.22 -14.01
CA LEU A 6 -5.86 -15.44 -14.70
C LEU A 6 -6.18 -14.15 -13.90
N PRO A 7 -6.61 -13.11 -14.58
CA PRO A 7 -7.17 -11.91 -13.87
C PRO A 7 -8.45 -12.27 -13.10
N PHE A 8 -8.47 -12.04 -11.81
CA PHE A 8 -9.75 -12.05 -11.05
C PHE A 8 -9.60 -11.26 -9.74
N LEU A 9 -9.13 -10.02 -9.84
CA LEU A 9 -8.91 -9.18 -8.63
C LEU A 9 -8.90 -7.69 -9.01
N LYS A 10 -9.86 -6.94 -8.56
CA LYS A 10 -9.91 -5.48 -8.87
C LYS A 10 -9.37 -4.67 -7.69
N CYS A 11 -8.47 -3.74 -7.96
CA CYS A 11 -7.87 -2.92 -6.85
C CYS A 11 -8.22 -1.44 -7.07
N TYR A 12 -8.52 -0.73 -6.00
CA TYR A 12 -8.85 0.73 -6.13
C TYR A 12 -7.56 1.55 -6.19
N CYS A 13 -7.58 2.64 -6.93
CA CYS A 13 -6.34 3.49 -7.08
C CYS A 13 -6.58 4.88 -6.48
N SER A 14 -5.60 5.39 -5.75
CA SER A 14 -5.72 6.77 -5.18
C SER A 14 -4.56 7.64 -5.66
N GLY A 15 -4.85 8.86 -6.07
CA GLY A 15 -3.77 9.78 -6.55
C GLY A 15 -3.35 9.38 -7.97
N HIS A 16 -2.74 8.22 -8.12
CA HIS A 16 -2.24 7.78 -9.45
C HIS A 16 -3.05 6.59 -9.97
N CYS A 17 -3.63 6.70 -11.14
CA CYS A 17 -4.35 5.56 -11.78
C CYS A 17 -4.01 5.51 -13.27
N PRO A 18 -3.75 4.32 -13.81
CA PRO A 18 -3.25 4.22 -15.22
C PRO A 18 -4.26 4.82 -16.22
N ASP A 19 -3.77 5.31 -17.34
CA ASP A 19 -4.66 6.07 -18.30
C ASP A 19 -5.81 5.18 -18.81
N ASP A 20 -5.61 3.88 -18.86
CA ASP A 20 -6.66 2.96 -19.39
C ASP A 20 -7.58 2.43 -18.26
N ALA A 21 -7.53 3.03 -17.09
CA ALA A 21 -8.27 2.46 -15.91
C ALA A 21 -9.76 2.80 -16.02
N ILE A 22 -10.59 2.10 -15.28
CA ILE A 22 -12.07 2.32 -15.34
C ILE A 22 -12.60 2.61 -13.94
N ASN A 23 -13.48 3.59 -13.81
CA ASN A 23 -14.03 4.02 -12.46
C ASN A 23 -12.98 4.00 -11.33
N ASN A 24 -11.77 4.47 -11.61
CA ASN A 24 -10.65 4.48 -10.61
C ASN A 24 -10.39 3.07 -10.05
N THR A 25 -10.40 2.07 -10.90
CA THR A 25 -9.97 0.70 -10.48
C THR A 25 -9.11 0.04 -11.57
N CYS A 26 -8.36 -0.97 -11.21
CA CYS A 26 -7.51 -1.69 -12.21
C CYS A 26 -7.60 -3.21 -11.98
N ILE A 27 -7.21 -3.98 -12.98
CA ILE A 27 -7.35 -5.47 -12.90
C ILE A 27 -5.95 -6.09 -12.75
N THR A 28 -5.80 -6.99 -11.80
CA THR A 28 -4.46 -7.63 -11.57
C THR A 28 -4.63 -9.13 -11.26
N ASN A 29 -3.63 -9.92 -11.60
CA ASN A 29 -3.57 -11.34 -11.11
C ASN A 29 -2.48 -11.50 -10.05
N GLY A 30 -2.21 -10.44 -9.30
CA GLY A 30 -1.20 -10.52 -8.19
C GLY A 30 -1.87 -10.13 -6.88
N HIS A 31 -1.74 -8.88 -6.48
CA HIS A 31 -2.42 -8.38 -5.25
C HIS A 31 -2.77 -6.90 -5.40
N CYS A 32 -3.50 -6.35 -4.47
CA CYS A 32 -3.68 -4.86 -4.41
C CYS A 32 -2.65 -4.29 -3.45
N PHE A 33 -2.05 -3.17 -3.78
CA PHE A 33 -1.01 -2.57 -2.89
C PHE A 33 -1.31 -1.09 -2.62
N ALA A 34 -0.90 -0.59 -1.48
CA ALA A 34 -1.05 0.87 -1.17
C ALA A 34 0.07 1.31 -0.22
N ILE A 35 0.56 2.51 -0.39
CA ILE A 35 1.77 2.95 0.37
C ILE A 35 1.64 4.45 0.73
N ILE A 36 2.21 4.84 1.84
CA ILE A 36 2.18 6.28 2.26
C ILE A 36 3.57 6.71 2.77
N GLU A 37 3.96 7.93 2.54
CA GLU A 37 5.38 8.35 2.75
C GLU A 37 5.43 9.82 3.18
N GLU A 38 6.38 10.16 4.04
CA GLU A 38 6.46 11.56 4.57
C GLU A 38 7.54 12.36 3.84
N ASP A 39 7.16 13.40 3.16
CA ASP A 39 8.14 14.19 2.34
C ASP A 39 8.80 15.28 3.20
N ASP A 40 9.75 15.99 2.63
CA ASP A 40 10.57 16.97 3.44
C ASP A 40 9.69 18.07 4.07
N GLN A 41 8.47 18.26 3.59
CA GLN A 41 7.56 19.28 4.19
C GLN A 41 6.67 18.69 5.29
N GLY A 42 6.62 17.37 5.42
CA GLY A 42 5.83 16.74 6.51
C GLY A 42 4.39 16.43 6.05
N GLU A 43 4.15 16.35 4.76
CA GLU A 43 2.83 15.86 4.25
C GLU A 43 2.94 14.37 3.88
N THR A 44 1.89 13.62 4.13
CA THR A 44 1.88 12.18 3.73
C THR A 44 1.22 12.01 2.36
N THR A 45 1.92 11.41 1.43
CA THR A 45 1.34 11.16 0.07
C THR A 45 0.81 9.73 -0.03
N LEU A 46 -0.50 9.58 -0.17
CA LEU A 46 -1.12 8.23 -0.25
C LEU A 46 -1.36 7.84 -1.72
N ALA A 47 -0.90 6.68 -2.11
CA ALA A 47 -1.15 6.18 -3.51
C ALA A 47 -1.34 4.67 -3.50
N SER A 48 -2.16 4.16 -4.40
CA SER A 48 -2.39 2.69 -4.50
C SER A 48 -2.56 2.29 -5.98
N GLY A 49 -2.49 1.01 -6.27
CA GLY A 49 -2.62 0.54 -7.69
C GLY A 49 -2.53 -0.99 -7.75
N CYS A 50 -2.36 -1.52 -8.94
CA CYS A 50 -2.36 -3.00 -9.13
C CYS A 50 -0.92 -3.53 -9.16
N MET A 51 -0.64 -4.58 -8.41
CA MET A 51 0.72 -5.21 -8.43
C MET A 51 0.71 -6.43 -9.35
N LYS A 52 1.56 -6.43 -10.36
CA LYS A 52 1.60 -7.57 -11.34
C LYS A 52 2.09 -8.85 -10.65
N TYR A 53 1.90 -9.99 -11.28
CA TYR A 53 2.39 -11.29 -10.70
C TYR A 53 3.93 -11.30 -10.64
N GLU A 54 4.47 -11.57 -9.46
CA GLU A 54 5.96 -11.58 -9.30
C GLU A 54 6.42 -12.95 -8.77
N GLY A 55 5.73 -13.49 -7.79
CA GLY A 55 6.15 -14.77 -7.17
C GLY A 55 6.00 -14.69 -5.65
N SER A 56 6.21 -13.52 -5.08
CA SER A 56 6.06 -13.35 -3.60
C SER A 56 4.58 -13.40 -3.22
N ASP A 57 4.23 -14.29 -2.31
CA ASP A 57 2.79 -14.47 -1.94
C ASP A 57 2.30 -13.33 -1.05
N PHE A 58 3.13 -12.90 -0.11
CA PHE A 58 2.69 -11.83 0.85
C PHE A 58 3.91 -11.09 1.42
N GLN A 59 4.94 -10.93 0.61
CA GLN A 59 6.15 -10.17 1.07
C GLN A 59 5.85 -8.66 1.08
N CYS A 60 5.24 -8.17 2.13
CA CYS A 60 4.96 -6.70 2.26
C CYS A 60 5.57 -6.16 3.56
N LYS A 61 6.64 -6.76 4.03
CA LYS A 61 7.27 -6.31 5.32
C LYS A 61 8.24 -5.15 5.06
N ASP A 62 8.94 -4.72 6.09
CA ASP A 62 9.95 -3.62 5.94
C ASP A 62 11.07 -3.79 6.96
N SER A 63 12.28 -4.02 6.50
CA SER A 63 13.45 -4.12 7.43
C SER A 63 13.89 -2.72 7.87
N PRO A 64 14.62 -2.63 8.97
CA PRO A 64 14.96 -1.31 9.57
C PRO A 64 16.20 -0.67 8.90
N LYS A 65 16.16 -0.51 7.60
CA LYS A 65 17.21 0.28 6.88
C LYS A 65 16.66 0.83 5.55
N ALA A 66 15.38 1.11 5.53
CA ALA A 66 14.67 1.40 4.23
C ALA A 66 14.84 2.87 3.82
N GLN A 67 14.10 3.29 2.82
CA GLN A 67 14.02 4.75 2.46
C GLN A 67 13.36 5.53 3.60
N LEU A 68 13.01 6.77 3.35
CA LEU A 68 12.50 7.67 4.46
C LEU A 68 11.19 7.11 5.01
N ARG A 69 10.74 7.59 6.14
CA ARG A 69 9.78 6.80 6.98
C ARG A 69 8.43 6.70 6.28
N ARG A 70 7.83 5.52 6.31
CA ARG A 70 6.61 5.25 5.49
C ARG A 70 5.86 4.03 6.02
N THR A 71 4.64 3.86 5.59
CA THR A 71 3.87 2.62 5.93
C THR A 71 3.30 2.02 4.63
N ILE A 72 3.16 0.71 4.59
CA ILE A 72 2.68 0.04 3.34
C ILE A 72 1.77 -1.14 3.69
N GLU A 73 0.91 -1.53 2.77
CA GLU A 73 -0.03 -2.66 3.03
C GLU A 73 -0.25 -3.49 1.76
N CYS A 74 -0.54 -4.76 1.91
CA CYS A 74 -0.76 -5.66 0.73
C CYS A 74 -1.90 -6.64 1.06
N CYS A 75 -2.75 -6.93 0.09
CA CYS A 75 -3.96 -7.78 0.37
C CYS A 75 -4.48 -8.45 -0.91
N ARG A 76 -4.84 -9.70 -0.81
CA ARG A 76 -5.21 -10.50 -2.03
C ARG A 76 -6.71 -10.78 -2.07
N THR A 77 -7.51 -9.76 -1.82
CA THR A 77 -9.00 -9.93 -1.87
C THR A 77 -9.64 -8.67 -2.47
N ASN A 78 -10.78 -8.82 -3.09
CA ASN A 78 -11.31 -7.74 -4.01
C ASN A 78 -11.56 -6.43 -3.24
N LEU A 79 -11.09 -5.33 -3.80
CA LEU A 79 -11.26 -3.97 -3.18
C LEU A 79 -10.81 -3.94 -1.71
N CYS A 80 -9.88 -4.80 -1.35
CA CYS A 80 -9.30 -4.75 0.04
C CYS A 80 -8.58 -3.43 0.32
N ASN A 81 -8.14 -2.73 -0.70
CA ASN A 81 -7.47 -1.41 -0.51
C ASN A 81 -8.48 -0.26 -0.56
N GLN A 82 -9.63 -0.46 -1.19
CA GLN A 82 -10.63 0.66 -1.34
C GLN A 82 -11.11 1.15 0.04
N TYR A 83 -11.28 0.24 0.97
CA TYR A 83 -11.69 0.63 2.36
C TYR A 83 -10.49 0.66 3.32
N LEU A 84 -9.27 0.69 2.80
CA LEU A 84 -8.06 0.60 3.68
C LEU A 84 -7.28 1.92 3.62
N GLN A 85 -7.24 2.65 4.72
CA GLN A 85 -6.38 3.87 4.80
C GLN A 85 -5.04 3.52 5.47
N PRO A 86 -3.92 3.73 4.78
CA PRO A 86 -2.59 3.52 5.43
C PRO A 86 -2.31 4.61 6.47
N THR A 87 -1.75 4.24 7.59
CA THR A 87 -1.41 5.25 8.64
C THR A 87 -0.05 4.93 9.27
N LEU A 88 0.66 5.94 9.72
CA LEU A 88 1.99 5.72 10.36
C LEU A 88 1.82 5.08 11.76
N PRO A 89 2.21 3.82 11.92
CA PRO A 89 2.04 3.15 13.24
C PRO A 89 2.98 3.79 14.29
N PRO A 90 2.58 3.77 15.55
CA PRO A 90 3.45 4.33 16.63
C PRO A 90 4.68 3.45 16.81
N VAL A 91 5.76 4.01 17.32
CA VAL A 91 7.02 3.23 17.55
C VAL A 91 6.87 2.40 18.83
N VAL A 92 7.75 1.43 19.02
CA VAL A 92 7.65 0.54 20.23
C VAL A 92 8.47 1.15 21.37
N ILE A 93 7.89 1.25 22.55
CA ILE A 93 8.63 1.79 23.74
C ILE A 93 9.34 0.63 24.47
N GLY A 94 10.64 0.65 24.50
CA GLY A 94 11.41 -0.42 25.21
C GLY A 94 11.35 -1.72 24.39
N PRO A 95 11.66 -2.85 25.01
CA PRO A 95 11.63 -4.17 24.31
C PRO A 95 10.24 -4.47 23.74
N PHE A 96 10.17 -5.18 22.63
CA PHE A 96 8.85 -5.51 22.02
C PHE A 96 8.23 -6.75 22.71
N PHE A 97 6.92 -6.85 22.69
CA PHE A 97 6.23 -8.01 23.34
C PHE A 97 4.86 -8.24 22.69
N ASP A 98 4.32 -9.42 22.84
CA ASP A 98 2.98 -9.74 22.24
C ASP A 98 1.86 -9.25 23.18
N GLY A 99 2.01 -9.46 24.46
CA GLY A 99 0.97 -9.02 25.44
C GLY A 99 1.65 -8.70 26.78
N SER A 100 0.89 -8.22 27.73
CA SER A 100 1.44 -7.87 29.08
C SER A 100 0.35 -7.91 30.14
N ILE A 101 0.67 -8.37 31.33
CA ILE A 101 -0.33 -8.44 32.44
C ILE A 101 -0.31 -7.13 33.22
N ARG A 102 -1.47 -6.63 33.61
CA ARG A 102 -1.54 -5.35 34.37
C ARG A 102 -1.46 -5.62 35.88
N GLY A 1 6.34 -24.41 -16.05
CA GLY A 1 5.06 -25.16 -16.25
C GLY A 1 3.99 -24.21 -16.83
N PRO A 2 2.75 -24.67 -16.90
CA PRO A 2 1.65 -23.81 -17.44
C PRO A 2 1.49 -22.52 -16.62
N GLU A 3 1.64 -21.38 -17.25
CA GLU A 3 1.48 -20.06 -16.55
C GLU A 3 0.02 -19.57 -16.62
N ASP A 4 -0.91 -20.45 -16.34
CA ASP A 4 -2.37 -20.07 -16.43
C ASP A 4 -2.78 -19.23 -15.22
N THR A 5 -2.44 -17.96 -15.23
CA THR A 5 -2.81 -17.04 -14.10
C THR A 5 -3.89 -16.05 -14.58
N LEU A 6 -5.14 -16.34 -14.27
CA LEU A 6 -6.26 -15.49 -14.78
C LEU A 6 -6.43 -14.23 -13.90
N PRO A 7 -6.90 -13.14 -14.48
CA PRO A 7 -7.38 -11.98 -13.66
C PRO A 7 -8.61 -12.37 -12.83
N PHE A 8 -8.59 -12.09 -11.55
CA PHE A 8 -9.85 -12.10 -10.74
C PHE A 8 -9.69 -11.24 -9.48
N LEU A 9 -9.23 -10.02 -9.65
CA LEU A 9 -8.98 -9.13 -8.48
C LEU A 9 -8.97 -7.66 -8.92
N LYS A 10 -9.92 -6.89 -8.44
CA LYS A 10 -9.97 -5.42 -8.76
C LYS A 10 -9.39 -4.62 -7.59
N CYS A 11 -8.50 -3.69 -7.88
CA CYS A 11 -7.88 -2.85 -6.81
C CYS A 11 -8.25 -1.38 -7.02
N TYR A 12 -8.53 -0.67 -5.95
CA TYR A 12 -8.83 0.80 -6.07
C TYR A 12 -7.53 1.60 -6.16
N CYS A 13 -7.50 2.64 -6.97
CA CYS A 13 -6.24 3.44 -7.16
C CYS A 13 -6.42 4.85 -6.59
N SER A 14 -5.42 5.35 -5.89
CA SER A 14 -5.47 6.74 -5.36
C SER A 14 -4.28 7.54 -5.88
N GLY A 15 -4.48 8.81 -6.18
CA GLY A 15 -3.37 9.67 -6.67
C GLY A 15 -3.04 9.30 -8.12
N HIS A 16 -2.50 8.12 -8.33
CA HIS A 16 -2.09 7.70 -9.70
C HIS A 16 -2.92 6.50 -10.18
N CYS A 17 -3.53 6.61 -11.34
CA CYS A 17 -4.26 5.46 -11.94
C CYS A 17 -3.97 5.40 -13.45
N PRO A 18 -3.71 4.21 -13.99
CA PRO A 18 -3.22 4.11 -15.40
C PRO A 18 -4.24 4.70 -16.39
N ASP A 19 -3.76 5.18 -17.52
CA ASP A 19 -4.65 5.92 -18.49
C ASP A 19 -5.80 5.02 -18.98
N ASP A 20 -5.60 3.73 -19.01
CA ASP A 20 -6.66 2.79 -19.51
C ASP A 20 -7.56 2.29 -18.37
N ALA A 21 -7.51 2.90 -17.21
CA ALA A 21 -8.25 2.36 -16.02
C ALA A 21 -9.74 2.73 -16.11
N ILE A 22 -10.56 2.04 -15.36
CA ILE A 22 -12.04 2.26 -15.44
C ILE A 22 -12.57 2.60 -14.04
N ASN A 23 -13.44 3.60 -13.94
CA ASN A 23 -13.99 4.09 -12.63
C ASN A 23 -12.93 4.10 -11.49
N ASN A 24 -11.73 4.55 -11.79
CA ASN A 24 -10.60 4.58 -10.78
C ASN A 24 -10.35 3.19 -10.17
N THR A 25 -10.35 2.16 -10.98
CA THR A 25 -9.93 0.80 -10.52
C THR A 25 -9.09 0.11 -11.58
N CYS A 26 -8.35 -0.91 -11.19
CA CYS A 26 -7.51 -1.66 -12.18
C CYS A 26 -7.61 -3.17 -11.92
N ILE A 27 -7.27 -3.97 -12.91
CA ILE A 27 -7.43 -5.46 -12.80
C ILE A 27 -6.04 -6.11 -12.71
N THR A 28 -5.87 -7.03 -11.78
CA THR A 28 -4.55 -7.71 -11.60
C THR A 28 -4.72 -9.18 -11.22
N ASN A 29 -3.74 -10.00 -11.52
CA ASN A 29 -3.69 -11.39 -10.95
C ASN A 29 -2.58 -11.49 -9.90
N GLY A 30 -2.27 -10.40 -9.23
CA GLY A 30 -1.24 -10.43 -8.14
C GLY A 30 -1.89 -10.00 -6.82
N HIS A 31 -1.67 -8.78 -6.40
CA HIS A 31 -2.30 -8.24 -5.16
C HIS A 31 -2.71 -6.78 -5.37
N CYS A 32 -3.47 -6.22 -4.46
CA CYS A 32 -3.65 -4.74 -4.41
C CYS A 32 -2.62 -4.16 -3.46
N PHE A 33 -2.03 -3.03 -3.79
CA PHE A 33 -1.01 -2.40 -2.90
C PHE A 33 -1.34 -0.92 -2.66
N ALA A 34 -0.98 -0.40 -1.51
CA ALA A 34 -1.18 1.04 -1.22
C ALA A 34 -0.13 1.52 -0.22
N ILE A 35 0.42 2.69 -0.43
CA ILE A 35 1.62 3.11 0.36
C ILE A 35 1.48 4.58 0.80
N ILE A 36 2.07 4.90 1.93
CA ILE A 36 2.04 6.31 2.45
C ILE A 36 3.45 6.72 2.88
N GLU A 37 3.79 7.97 2.68
CA GLU A 37 5.22 8.42 2.84
C GLU A 37 5.26 9.88 3.31
N GLU A 38 6.20 10.23 4.16
CA GLU A 38 6.27 11.61 4.72
C GLU A 38 7.37 12.41 4.00
N ASP A 39 6.99 13.47 3.32
CA ASP A 39 7.97 14.26 2.51
C ASP A 39 8.65 15.32 3.38
N ASP A 40 9.61 16.03 2.82
CA ASP A 40 10.44 17.00 3.63
C ASP A 40 9.57 18.10 4.27
N GLN A 41 8.37 18.31 3.79
CA GLN A 41 7.46 19.35 4.40
C GLN A 41 6.54 18.74 5.48
N GLY A 42 6.48 17.43 5.59
CA GLY A 42 5.63 16.79 6.65
C GLY A 42 4.21 16.53 6.14
N GLU A 43 4.01 16.48 4.84
CA GLU A 43 2.70 16.01 4.28
C GLU A 43 2.80 14.53 3.90
N THR A 44 1.73 13.79 4.10
CA THR A 44 1.72 12.34 3.73
C THR A 44 1.13 12.16 2.32
N THR A 45 1.84 11.50 1.44
CA THR A 45 1.32 11.26 0.06
C THR A 45 0.71 9.87 -0.05
N LEU A 46 -0.56 9.79 -0.34
CA LEU A 46 -1.26 8.46 -0.46
C LEU A 46 -1.35 8.04 -1.92
N ALA A 47 -0.92 6.85 -2.24
CA ALA A 47 -1.06 6.31 -3.63
C ALA A 47 -1.27 4.80 -3.60
N SER A 48 -2.08 4.29 -4.51
CA SER A 48 -2.30 2.81 -4.60
C SER A 48 -2.45 2.39 -6.07
N GLY A 49 -2.40 1.11 -6.35
CA GLY A 49 -2.51 0.63 -7.76
C GLY A 49 -2.46 -0.90 -7.80
N CYS A 50 -2.33 -1.47 -8.99
CA CYS A 50 -2.33 -2.96 -9.14
C CYS A 50 -0.90 -3.49 -9.17
N MET A 51 -0.62 -4.53 -8.42
CA MET A 51 0.71 -5.19 -8.47
C MET A 51 0.66 -6.43 -9.36
N LYS A 52 1.48 -6.48 -10.40
CA LYS A 52 1.47 -7.65 -11.33
C LYS A 52 1.97 -8.92 -10.61
N TYR A 53 1.71 -10.08 -11.19
CA TYR A 53 2.17 -11.36 -10.55
C TYR A 53 3.70 -11.45 -10.53
N GLU A 54 4.24 -12.07 -9.52
CA GLU A 54 5.73 -12.21 -9.41
C GLU A 54 6.10 -13.54 -8.75
N GLY A 55 5.47 -13.86 -7.64
CA GLY A 55 5.77 -15.13 -6.91
C GLY A 55 5.84 -14.87 -5.41
N SER A 56 4.78 -14.37 -4.83
CA SER A 56 4.75 -14.08 -3.37
C SER A 56 3.32 -14.17 -2.83
N ASP A 57 3.08 -15.12 -1.94
CA ASP A 57 1.72 -15.25 -1.33
C ASP A 57 1.48 -14.14 -0.30
N PHE A 58 2.50 -13.80 0.46
CA PHE A 58 2.38 -12.67 1.43
C PHE A 58 3.77 -12.08 1.74
N GLN A 59 4.68 -12.13 0.78
CA GLN A 59 6.06 -11.58 1.01
C GLN A 59 6.05 -10.06 0.88
N CYS A 60 5.70 -9.37 1.95
CA CYS A 60 5.71 -7.88 1.95
C CYS A 60 6.79 -7.36 2.90
N LYS A 61 7.91 -8.04 2.96
CA LYS A 61 8.99 -7.66 3.93
C LYS A 61 9.80 -6.49 3.39
N ASP A 62 10.89 -6.15 4.06
CA ASP A 62 11.73 -4.99 3.63
C ASP A 62 13.18 -5.41 3.35
N SER A 63 13.77 -4.87 2.31
CA SER A 63 15.20 -5.16 1.99
C SER A 63 16.13 -4.36 2.92
N PRO A 64 17.42 -4.60 2.83
CA PRO A 64 18.42 -3.77 3.58
C PRO A 64 18.77 -2.56 2.70
N LYS A 65 17.79 -1.83 2.23
CA LYS A 65 18.02 -0.63 1.39
C LYS A 65 16.81 0.31 1.50
N ALA A 66 16.31 0.48 2.70
CA ALA A 66 14.92 1.01 2.88
C ALA A 66 14.87 2.51 2.53
N GLN A 67 13.67 3.02 2.33
CA GLN A 67 13.50 4.44 1.93
C GLN A 67 13.13 5.28 3.17
N LEU A 68 12.71 6.52 2.96
CA LEU A 68 12.34 7.42 4.11
C LEU A 68 11.10 6.83 4.82
N ARG A 69 10.74 7.35 5.97
CA ARG A 69 9.80 6.61 6.88
C ARG A 69 8.40 6.53 6.25
N ARG A 70 7.84 5.34 6.22
CA ARG A 70 6.60 5.10 5.41
C ARG A 70 5.89 3.83 5.90
N THR A 71 4.65 3.65 5.48
CA THR A 71 3.92 2.38 5.75
C THR A 71 3.33 1.84 4.45
N ILE A 72 3.22 0.54 4.32
CA ILE A 72 2.72 -0.06 3.04
C ILE A 72 1.85 -1.29 3.34
N GLU A 73 0.65 -1.33 2.80
CA GLU A 73 -0.25 -2.50 2.99
C GLU A 73 -0.32 -3.34 1.71
N CYS A 74 -0.51 -4.63 1.85
CA CYS A 74 -0.65 -5.53 0.65
C CYS A 74 -1.69 -6.63 0.92
N CYS A 75 -2.58 -6.87 -0.02
CA CYS A 75 -3.75 -7.76 0.24
C CYS A 75 -4.31 -8.34 -1.06
N ARG A 76 -4.53 -9.64 -1.09
CA ARG A 76 -5.00 -10.32 -2.34
C ARG A 76 -6.50 -10.67 -2.22
N THR A 77 -7.30 -9.72 -1.81
CA THR A 77 -8.78 -9.92 -1.79
C THR A 77 -9.48 -8.67 -2.36
N ASN A 78 -10.64 -8.85 -2.95
CA ASN A 78 -11.21 -7.79 -3.85
C ASN A 78 -11.46 -6.48 -3.09
N LEU A 79 -11.02 -5.37 -3.67
CA LEU A 79 -11.20 -4.01 -3.06
C LEU A 79 -10.70 -3.95 -1.61
N CYS A 80 -9.76 -4.80 -1.25
CA CYS A 80 -9.18 -4.76 0.13
C CYS A 80 -8.46 -3.42 0.39
N ASN A 81 -8.04 -2.72 -0.64
CA ASN A 81 -7.38 -1.38 -0.45
C ASN A 81 -8.39 -0.25 -0.53
N GLN A 82 -9.53 -0.45 -1.16
CA GLN A 82 -10.54 0.66 -1.32
C GLN A 82 -11.03 1.16 0.05
N TYR A 83 -11.21 0.25 0.98
CA TYR A 83 -11.67 0.65 2.36
C TYR A 83 -10.49 0.69 3.35
N LEU A 84 -9.26 0.71 2.87
CA LEU A 84 -8.08 0.63 3.79
C LEU A 84 -7.32 1.95 3.80
N GLN A 85 -7.25 2.60 4.95
CA GLN A 85 -6.39 3.81 5.10
C GLN A 85 -5.03 3.40 5.72
N PRO A 86 -3.93 3.66 5.02
CA PRO A 86 -2.59 3.39 5.62
C PRO A 86 -2.30 4.38 6.75
N THR A 87 -1.60 3.93 7.78
CA THR A 87 -1.25 4.83 8.92
C THR A 87 0.18 4.57 9.38
N LEU A 88 0.86 5.59 9.84
CA LEU A 88 2.27 5.41 10.34
C LEU A 88 2.27 4.67 11.69
N PRO A 89 3.36 3.99 12.01
CA PRO A 89 3.45 3.26 13.30
C PRO A 89 3.47 4.25 14.48
N PRO A 90 2.91 3.85 15.62
CA PRO A 90 2.86 4.77 16.79
C PRO A 90 4.27 5.03 17.34
N VAL A 91 4.55 6.25 17.74
CA VAL A 91 5.89 6.58 18.31
C VAL A 91 5.92 6.14 19.79
N VAL A 92 7.10 6.10 20.37
CA VAL A 92 7.22 5.67 21.80
C VAL A 92 7.09 6.89 22.72
N ILE A 93 6.18 6.84 23.66
CA ILE A 93 5.99 7.97 24.62
C ILE A 93 6.87 7.74 25.86
N GLY A 94 7.81 8.62 26.11
CA GLY A 94 8.67 8.50 27.33
C GLY A 94 10.05 7.95 26.93
N PRO A 95 10.92 8.78 26.39
CA PRO A 95 12.31 8.34 26.04
C PRO A 95 13.05 7.80 27.27
N PHE A 96 14.30 7.43 27.10
CA PHE A 96 15.11 6.89 28.24
C PHE A 96 16.61 7.10 27.98
N PHE A 97 17.15 8.18 28.50
CA PHE A 97 18.61 8.46 28.33
C PHE A 97 19.44 7.51 29.21
N ASP A 98 20.66 7.25 28.81
CA ASP A 98 21.55 6.34 29.62
C ASP A 98 22.18 7.13 30.77
N GLY A 99 22.48 8.39 30.56
CA GLY A 99 23.08 9.24 31.63
C GLY A 99 24.61 9.09 31.62
N SER A 100 25.30 9.97 32.30
CA SER A 100 26.80 9.88 32.36
C SER A 100 27.24 8.84 33.40
N ILE A 101 28.44 8.34 33.26
CA ILE A 101 28.95 7.31 34.23
C ILE A 101 29.67 8.03 35.39
N ARG A 102 29.40 7.63 36.61
CA ARG A 102 30.05 8.27 37.79
C ARG A 102 31.37 7.56 38.12
N GLY A 1 3.62 -24.48 -22.53
CA GLY A 1 2.93 -25.30 -21.50
C GLY A 1 1.51 -24.76 -21.29
N PRO A 2 0.83 -25.25 -20.25
CA PRO A 2 -0.57 -24.78 -19.95
C PRO A 2 -0.62 -23.25 -19.73
N GLU A 3 -1.37 -22.56 -20.56
CA GLU A 3 -1.50 -21.07 -20.41
C GLU A 3 -2.66 -20.70 -19.49
N ASP A 4 -2.74 -21.35 -18.34
CA ASP A 4 -3.89 -21.10 -17.40
C ASP A 4 -3.65 -19.80 -16.63
N THR A 5 -3.96 -18.68 -17.24
CA THR A 5 -3.80 -17.35 -16.56
C THR A 5 -5.02 -16.48 -16.81
N LEU A 6 -5.76 -16.17 -15.77
CA LEU A 6 -6.97 -15.29 -15.90
C LEU A 6 -7.08 -14.38 -14.66
N PRO A 7 -7.01 -13.06 -14.84
CA PRO A 7 -7.08 -12.12 -13.68
C PRO A 7 -8.40 -12.28 -12.91
N PHE A 8 -8.37 -12.12 -11.60
CA PHE A 8 -9.60 -12.25 -10.78
C PHE A 8 -9.52 -11.38 -9.51
N LEU A 9 -9.14 -10.14 -9.67
CA LEU A 9 -8.90 -9.25 -8.48
C LEU A 9 -8.94 -7.78 -8.91
N LYS A 10 -9.90 -7.03 -8.43
CA LYS A 10 -9.99 -5.58 -8.75
C LYS A 10 -9.43 -4.75 -7.59
N CYS A 11 -8.58 -3.79 -7.90
CA CYS A 11 -7.95 -2.94 -6.83
C CYS A 11 -8.35 -1.48 -7.03
N TYR A 12 -8.62 -0.75 -5.96
CA TYR A 12 -8.93 0.71 -6.09
C TYR A 12 -7.63 1.51 -6.15
N CYS A 13 -7.61 2.58 -6.92
CA CYS A 13 -6.38 3.42 -7.05
C CYS A 13 -6.60 4.82 -6.48
N SER A 14 -5.64 5.34 -5.75
CA SER A 14 -5.73 6.74 -5.24
C SER A 14 -4.52 7.55 -5.71
N GLY A 15 -4.72 8.80 -6.06
CA GLY A 15 -3.60 9.66 -6.52
C GLY A 15 -3.19 9.24 -7.94
N HIS A 16 -2.62 8.07 -8.07
CA HIS A 16 -2.12 7.60 -9.41
C HIS A 16 -2.95 6.42 -9.91
N CYS A 17 -3.52 6.57 -11.10
CA CYS A 17 -4.25 5.44 -11.74
C CYS A 17 -3.91 5.40 -13.24
N PRO A 18 -3.67 4.21 -13.79
CA PRO A 18 -3.17 4.11 -15.20
C PRO A 18 -4.17 4.71 -16.19
N ASP A 19 -3.69 5.21 -17.32
CA ASP A 19 -4.57 5.96 -18.27
C ASP A 19 -5.73 5.10 -18.78
N ASP A 20 -5.55 3.80 -18.84
CA ASP A 20 -6.62 2.89 -19.37
C ASP A 20 -7.53 2.37 -18.24
N ALA A 21 -7.49 2.97 -17.07
CA ALA A 21 -8.25 2.41 -15.90
C ALA A 21 -9.73 2.78 -16.01
N ILE A 22 -10.57 2.09 -15.29
CA ILE A 22 -12.05 2.33 -15.37
C ILE A 22 -12.59 2.65 -13.97
N ASN A 23 -13.45 3.64 -13.86
CA ASN A 23 -14.01 4.12 -12.53
C ASN A 23 -12.97 4.08 -11.38
N ASN A 24 -11.76 4.53 -11.66
CA ASN A 24 -10.65 4.53 -10.64
C ASN A 24 -10.43 3.11 -10.06
N THR A 25 -10.41 2.11 -10.91
CA THR A 25 -10.00 0.74 -10.46
C THR A 25 -9.16 0.05 -11.55
N CYS A 26 -8.43 -0.98 -11.18
CA CYS A 26 -7.60 -1.72 -12.17
C CYS A 26 -7.67 -3.24 -11.91
N ILE A 27 -7.23 -4.02 -12.87
CA ILE A 27 -7.35 -5.52 -12.76
C ILE A 27 -5.95 -6.12 -12.62
N THR A 28 -5.76 -7.01 -11.67
CA THR A 28 -4.42 -7.64 -11.46
C THR A 28 -4.56 -9.13 -11.14
N ASN A 29 -3.55 -9.91 -11.46
CA ASN A 29 -3.46 -11.32 -10.95
C ASN A 29 -2.36 -11.45 -9.89
N GLY A 30 -2.09 -10.39 -9.16
CA GLY A 30 -1.09 -10.45 -8.05
C GLY A 30 -1.76 -10.02 -6.75
N HIS A 31 -1.62 -8.76 -6.38
CA HIS A 31 -2.30 -8.24 -5.16
C HIS A 31 -2.75 -6.80 -5.39
N CYS A 32 -3.52 -6.25 -4.48
CA CYS A 32 -3.71 -4.77 -4.43
C CYS A 32 -2.68 -4.18 -3.46
N PHE A 33 -2.10 -3.05 -3.80
CA PHE A 33 -1.05 -2.44 -2.91
C PHE A 33 -1.36 -0.97 -2.65
N ALA A 34 -0.96 -0.47 -1.50
CA ALA A 34 -1.12 0.97 -1.18
C ALA A 34 -0.01 1.41 -0.22
N ILE A 35 0.48 2.61 -0.37
CA ILE A 35 1.68 3.05 0.41
C ILE A 35 1.55 4.53 0.81
N ILE A 36 2.13 4.90 1.93
CA ILE A 36 2.11 6.32 2.39
C ILE A 36 3.52 6.73 2.87
N GLU A 37 3.89 7.96 2.65
CA GLU A 37 5.31 8.38 2.86
C GLU A 37 5.36 9.85 3.29
N GLU A 38 6.30 10.18 4.15
CA GLU A 38 6.38 11.58 4.69
C GLU A 38 7.49 12.36 3.96
N ASP A 39 7.11 13.41 3.27
CA ASP A 39 8.11 14.17 2.43
C ASP A 39 8.79 15.26 3.28
N ASP A 40 9.76 15.95 2.72
CA ASP A 40 10.59 16.92 3.51
C ASP A 40 9.73 18.04 4.12
N GLN A 41 8.53 18.25 3.63
CA GLN A 41 7.64 19.31 4.22
C GLN A 41 6.71 18.74 5.31
N GLY A 42 6.64 17.42 5.45
CA GLY A 42 5.80 16.80 6.53
C GLY A 42 4.36 16.55 6.04
N GLU A 43 4.15 16.49 4.74
CA GLU A 43 2.83 16.01 4.22
C GLU A 43 2.92 14.54 3.83
N THR A 44 1.85 13.80 4.02
CA THR A 44 1.85 12.35 3.63
C THR A 44 1.27 12.18 2.23
N THR A 45 1.98 11.46 1.38
CA THR A 45 1.48 11.21 -0.01
C THR A 45 0.82 9.82 -0.09
N LEU A 46 -0.46 9.79 -0.41
CA LEU A 46 -1.18 8.48 -0.52
C LEU A 46 -1.26 8.04 -1.98
N ALA A 47 -0.83 6.83 -2.26
CA ALA A 47 -0.97 6.27 -3.65
C ALA A 47 -1.24 4.76 -3.59
N SER A 48 -2.07 4.27 -4.48
CA SER A 48 -2.33 2.80 -4.57
C SER A 48 -2.51 2.39 -6.04
N GLY A 49 -2.48 1.10 -6.31
CA GLY A 49 -2.66 0.61 -7.72
C GLY A 49 -2.57 -0.92 -7.77
N CYS A 50 -2.41 -1.46 -8.96
CA CYS A 50 -2.39 -2.95 -9.14
C CYS A 50 -0.95 -3.46 -9.15
N MET A 51 -0.67 -4.50 -8.40
CA MET A 51 0.70 -5.12 -8.41
C MET A 51 0.72 -6.34 -9.32
N LYS A 52 1.58 -6.33 -10.32
CA LYS A 52 1.65 -7.49 -11.27
C LYS A 52 2.18 -8.74 -10.56
N TYR A 53 2.01 -9.90 -11.18
CA TYR A 53 2.53 -11.17 -10.58
C TYR A 53 4.07 -11.16 -10.55
N GLU A 54 4.65 -11.81 -9.56
CA GLU A 54 6.13 -11.82 -9.44
C GLU A 54 6.63 -13.21 -9.01
N GLY A 55 6.01 -13.78 -8.00
CA GLY A 55 6.46 -15.11 -7.48
C GLY A 55 6.22 -15.18 -5.97
N SER A 56 6.35 -14.06 -5.28
CA SER A 56 6.12 -14.05 -3.80
C SER A 56 4.62 -14.20 -3.52
N ASP A 57 4.25 -15.17 -2.71
CA ASP A 57 2.81 -15.38 -2.37
C ASP A 57 2.33 -14.30 -1.40
N PHE A 58 3.13 -13.95 -0.42
CA PHE A 58 2.74 -12.89 0.56
C PHE A 58 4.00 -12.24 1.17
N GLN A 59 5.10 -12.22 0.46
CA GLN A 59 6.36 -11.62 1.00
C GLN A 59 6.31 -10.09 0.88
N CYS A 60 5.71 -9.42 1.85
CA CYS A 60 5.69 -7.93 1.88
C CYS A 60 6.75 -7.42 2.86
N LYS A 61 7.87 -8.11 2.97
CA LYS A 61 8.93 -7.73 3.96
C LYS A 61 9.78 -6.58 3.42
N ASP A 62 10.84 -6.24 4.11
CA ASP A 62 11.71 -5.09 3.69
C ASP A 62 13.12 -5.57 3.31
N SER A 63 13.65 -5.06 2.21
CA SER A 63 15.02 -5.44 1.77
C SER A 63 16.07 -4.66 2.60
N PRO A 64 17.34 -4.97 2.40
CA PRO A 64 18.43 -4.17 3.05
C PRO A 64 18.79 -2.99 2.14
N LYS A 65 17.79 -2.21 1.75
CA LYS A 65 18.03 -1.01 0.90
C LYS A 65 16.88 -0.02 1.10
N ALA A 66 16.47 0.17 2.33
CA ALA A 66 15.14 0.79 2.61
C ALA A 66 15.14 2.28 2.28
N GLN A 67 14.09 2.97 2.65
CA GLN A 67 13.88 4.38 2.19
C GLN A 67 13.41 5.24 3.37
N LEU A 68 12.97 6.45 3.10
CA LEU A 68 12.51 7.38 4.20
C LEU A 68 11.26 6.78 4.87
N ARG A 69 10.88 7.30 6.02
CA ARG A 69 9.90 6.57 6.90
C ARG A 69 8.53 6.51 6.25
N ARG A 70 7.90 5.37 6.29
CA ARG A 70 6.64 5.14 5.51
C ARG A 70 5.87 3.94 6.05
N THR A 71 4.63 3.81 5.67
CA THR A 71 3.84 2.57 5.99
C THR A 71 3.25 2.00 4.70
N ILE A 72 3.09 0.69 4.62
CA ILE A 72 2.62 0.05 3.36
C ILE A 72 1.68 -1.13 3.68
N GLU A 73 0.82 -1.48 2.74
CA GLU A 73 -0.12 -2.62 2.96
C GLU A 73 -0.28 -3.43 1.67
N CYS A 74 -0.49 -4.72 1.80
CA CYS A 74 -0.67 -5.60 0.59
C CYS A 74 -1.71 -6.68 0.89
N CYS A 75 -2.60 -6.95 -0.05
CA CYS A 75 -3.78 -7.84 0.23
C CYS A 75 -4.34 -8.44 -1.06
N ARG A 76 -4.57 -9.73 -1.07
CA ARG A 76 -5.06 -10.42 -2.32
C ARG A 76 -6.55 -10.76 -2.19
N THR A 77 -7.35 -9.79 -1.79
CA THR A 77 -8.84 -9.99 -1.76
C THR A 77 -9.53 -8.75 -2.34
N ASN A 78 -10.70 -8.93 -2.91
CA ASN A 78 -11.27 -7.87 -3.82
C ASN A 78 -11.51 -6.55 -3.07
N LEU A 79 -11.06 -5.45 -3.67
CA LEU A 79 -11.24 -4.09 -3.07
C LEU A 79 -10.74 -4.02 -1.62
N CYS A 80 -9.80 -4.87 -1.26
CA CYS A 80 -9.20 -4.81 0.13
C CYS A 80 -8.48 -3.47 0.38
N ASN A 81 -8.08 -2.78 -0.67
CA ASN A 81 -7.42 -1.45 -0.50
C ASN A 81 -8.46 -0.31 -0.56
N GLN A 82 -9.60 -0.54 -1.19
CA GLN A 82 -10.62 0.56 -1.33
C GLN A 82 -11.10 1.05 0.04
N TYR A 83 -11.25 0.14 0.98
CA TYR A 83 -11.67 0.53 2.37
C TYR A 83 -10.47 0.60 3.32
N LEU A 84 -9.25 0.65 2.81
CA LEU A 84 -8.04 0.60 3.69
C LEU A 84 -7.25 1.91 3.56
N GLN A 85 -7.23 2.70 4.61
CA GLN A 85 -6.34 3.91 4.64
C GLN A 85 -5.02 3.57 5.37
N PRO A 86 -3.88 3.71 4.71
CA PRO A 86 -2.57 3.47 5.40
C PRO A 86 -2.26 4.63 6.36
N THR A 87 -1.85 4.31 7.56
CA THR A 87 -1.47 5.36 8.55
C THR A 87 -0.22 4.93 9.32
N LEU A 88 0.61 5.88 9.70
CA LEU A 88 1.86 5.54 10.47
C LEU A 88 1.50 5.13 11.90
N PRO A 89 2.15 4.08 12.43
CA PRO A 89 1.84 3.63 13.81
C PRO A 89 2.48 4.59 14.84
N PRO A 90 1.82 4.77 15.99
CA PRO A 90 2.42 5.61 17.06
C PRO A 90 3.60 4.87 17.70
N VAL A 91 4.72 5.55 17.87
CA VAL A 91 5.92 4.90 18.49
C VAL A 91 5.76 4.91 20.03
N VAL A 92 6.56 4.14 20.72
CA VAL A 92 6.46 4.08 22.21
C VAL A 92 7.39 5.14 22.85
N ILE A 93 6.81 6.12 23.51
CA ILE A 93 7.63 7.15 24.22
C ILE A 93 6.80 7.78 25.37
N GLY A 94 6.16 6.94 26.15
CA GLY A 94 5.32 7.45 27.29
C GLY A 94 4.10 8.21 26.73
N PRO A 95 3.22 7.50 26.03
CA PRO A 95 2.02 8.16 25.40
C PRO A 95 1.17 8.90 26.44
N PHE A 96 0.50 9.95 26.02
CA PHE A 96 -0.37 10.73 26.96
C PHE A 96 -1.47 11.46 26.19
N PHE A 97 -2.53 11.85 26.86
CA PHE A 97 -3.69 12.52 26.18
C PHE A 97 -4.45 13.38 27.19
N ASP A 98 -3.72 14.16 27.97
CA ASP A 98 -4.37 15.02 29.01
C ASP A 98 -4.81 16.35 28.39
N GLY A 99 -6.10 16.58 28.33
CA GLY A 99 -6.62 17.86 27.75
C GLY A 99 -6.54 17.81 26.23
N SER A 100 -6.56 18.96 25.59
CA SER A 100 -6.48 19.01 24.10
C SER A 100 -5.91 20.36 23.64
N ILE A 101 -5.15 20.36 22.58
CA ILE A 101 -4.54 21.63 22.06
C ILE A 101 -5.50 22.29 21.06
N ARG A 102 -5.72 23.57 21.18
CA ARG A 102 -6.64 24.30 20.24
C ARG A 102 -6.29 25.78 20.20
N GLY A 1 8.06 -19.02 -14.40
CA GLY A 1 7.64 -20.11 -15.32
C GLY A 1 6.33 -19.71 -16.03
N PRO A 2 5.50 -20.68 -16.38
CA PRO A 2 4.20 -20.38 -17.07
C PRO A 2 3.33 -19.43 -16.24
N GLU A 3 2.99 -18.29 -16.78
CA GLU A 3 2.13 -17.31 -16.05
C GLU A 3 0.64 -17.55 -16.35
N ASP A 4 0.20 -18.79 -16.28
CA ASP A 4 -1.22 -19.13 -16.62
C ASP A 4 -2.13 -18.75 -15.44
N THR A 5 -2.48 -17.49 -15.33
CA THR A 5 -3.38 -17.03 -14.23
C THR A 5 -4.36 -15.99 -14.76
N LEU A 6 -5.64 -16.28 -14.69
CA LEU A 6 -6.68 -15.31 -15.15
C LEU A 6 -6.91 -14.22 -14.09
N PRO A 7 -7.18 -12.99 -14.51
CA PRO A 7 -7.49 -11.89 -13.53
C PRO A 7 -8.76 -12.22 -12.72
N PHE A 8 -8.74 -11.95 -11.43
CA PHE A 8 -9.98 -12.08 -10.59
C PHE A 8 -9.91 -11.17 -9.36
N LEU A 9 -9.54 -9.93 -9.55
CA LEU A 9 -9.29 -9.00 -8.40
C LEU A 9 -9.38 -7.55 -8.85
N LYS A 10 -10.48 -6.89 -8.55
CA LYS A 10 -10.65 -5.45 -8.90
C LYS A 10 -10.37 -4.58 -7.68
N CYS A 11 -9.37 -3.71 -7.77
CA CYS A 11 -9.01 -2.83 -6.60
C CYS A 11 -9.10 -1.35 -6.99
N TYR A 12 -9.59 -0.53 -6.09
CA TYR A 12 -9.75 0.93 -6.40
C TYR A 12 -8.41 1.65 -6.25
N CYS A 13 -8.23 2.77 -6.93
CA CYS A 13 -6.94 3.53 -6.85
C CYS A 13 -7.17 4.94 -6.30
N SER A 14 -6.27 5.42 -5.48
CA SER A 14 -6.39 6.81 -4.93
C SER A 14 -5.14 7.62 -5.28
N GLY A 15 -5.32 8.86 -5.65
CA GLY A 15 -4.15 9.74 -5.98
C GLY A 15 -3.58 9.33 -7.34
N HIS A 16 -2.98 8.17 -7.42
CA HIS A 16 -2.31 7.71 -8.68
C HIS A 16 -3.06 6.51 -9.28
N CYS A 17 -3.45 6.62 -10.53
CA CYS A 17 -4.10 5.48 -11.23
C CYS A 17 -3.55 5.37 -12.66
N PRO A 18 -3.27 4.15 -13.14
CA PRO A 18 -2.60 3.99 -14.47
C PRO A 18 -3.47 4.58 -15.60
N ASP A 19 -2.83 5.04 -16.65
CA ASP A 19 -3.58 5.77 -17.74
C ASP A 19 -4.67 4.90 -18.37
N ASP A 20 -4.49 3.59 -18.34
CA ASP A 20 -5.48 2.67 -18.98
C ASP A 20 -6.55 2.21 -17.98
N ALA A 21 -6.67 2.85 -16.83
CA ALA A 21 -7.59 2.35 -15.76
C ALA A 21 -9.03 2.75 -16.07
N ILE A 22 -9.99 2.11 -15.44
CA ILE A 22 -11.43 2.41 -15.70
C ILE A 22 -12.13 2.73 -14.39
N ASN A 23 -13.02 3.71 -14.39
CA ASN A 23 -13.76 4.16 -13.14
C ASN A 23 -12.88 4.16 -11.86
N ASN A 24 -11.65 4.62 -12.00
CA ASN A 24 -10.67 4.66 -10.84
C ASN A 24 -10.50 3.27 -10.21
N THR A 25 -10.41 2.25 -11.03
CA THR A 25 -10.11 0.87 -10.52
C THR A 25 -9.15 0.14 -11.47
N CYS A 26 -8.51 -0.89 -10.98
CA CYS A 26 -7.56 -1.68 -11.84
C CYS A 26 -7.72 -3.18 -11.59
N ILE A 27 -7.21 -3.98 -12.49
CA ILE A 27 -7.52 -5.45 -12.49
C ILE A 27 -6.20 -6.23 -12.56
N THR A 28 -5.98 -7.14 -11.62
CA THR A 28 -4.70 -7.91 -11.60
C THR A 28 -4.93 -9.35 -11.14
N ASN A 29 -4.01 -10.23 -11.49
CA ASN A 29 -3.96 -11.59 -10.83
C ASN A 29 -2.72 -11.70 -9.92
N GLY A 30 -2.28 -10.58 -9.37
CA GLY A 30 -1.09 -10.59 -8.45
C GLY A 30 -1.57 -10.23 -7.04
N HIS A 31 -1.31 -9.01 -6.61
CA HIS A 31 -1.91 -8.50 -5.34
C HIS A 31 -2.16 -6.99 -5.47
N CYS A 32 -3.04 -6.47 -4.66
CA CYS A 32 -3.30 -4.99 -4.66
C CYS A 32 -2.48 -4.34 -3.55
N PHE A 33 -1.90 -3.19 -3.81
CA PHE A 33 -0.93 -2.59 -2.84
C PHE A 33 -1.30 -1.13 -2.54
N ALA A 34 -0.84 -0.62 -1.42
CA ALA A 34 -1.07 0.80 -1.06
C ALA A 34 0.09 1.30 -0.20
N ILE A 35 0.48 2.54 -0.36
CA ILE A 35 1.73 3.04 0.28
C ILE A 35 1.55 4.49 0.77
N ILE A 36 2.23 4.85 1.83
CA ILE A 36 2.15 6.25 2.37
C ILE A 36 3.56 6.72 2.77
N GLU A 37 3.85 7.99 2.59
CA GLU A 37 5.25 8.50 2.73
C GLU A 37 5.23 9.95 3.21
N GLU A 38 6.14 10.31 4.09
CA GLU A 38 6.20 11.71 4.61
C GLU A 38 7.33 12.47 3.92
N ASP A 39 6.99 13.50 3.18
CA ASP A 39 8.02 14.25 2.38
C ASP A 39 8.68 15.35 3.24
N ASP A 40 9.66 16.02 2.70
CA ASP A 40 10.48 17.00 3.51
C ASP A 40 9.61 18.13 4.08
N GLN A 41 8.43 18.34 3.55
CA GLN A 41 7.52 19.41 4.09
C GLN A 41 6.56 18.86 5.16
N GLY A 42 6.47 17.55 5.31
CA GLY A 42 5.61 16.95 6.38
C GLY A 42 4.18 16.69 5.87
N GLU A 43 3.99 16.60 4.58
CA GLU A 43 2.69 16.13 4.03
C GLU A 43 2.77 14.63 3.69
N THR A 44 1.70 13.90 3.92
CA THR A 44 1.69 12.44 3.58
C THR A 44 1.07 12.23 2.19
N THR A 45 1.75 11.51 1.34
CA THR A 45 1.20 11.20 -0.02
C THR A 45 0.55 9.81 -0.03
N LEU A 46 -0.74 9.75 -0.22
CA LEU A 46 -1.46 8.43 -0.25
C LEU A 46 -1.65 7.97 -1.69
N ALA A 47 -1.17 6.79 -2.02
CA ALA A 47 -1.36 6.25 -3.40
C ALA A 47 -1.55 4.73 -3.36
N SER A 48 -2.33 4.20 -4.29
CA SER A 48 -2.50 2.72 -4.38
C SER A 48 -2.61 2.31 -5.86
N GLY A 49 -2.47 1.03 -6.14
CA GLY A 49 -2.51 0.55 -7.55
C GLY A 49 -2.47 -0.98 -7.60
N CYS A 50 -2.47 -1.54 -8.78
CA CYS A 50 -2.49 -3.03 -8.94
C CYS A 50 -1.07 -3.55 -9.26
N MET A 51 -0.64 -4.58 -8.58
CA MET A 51 0.69 -5.19 -8.87
C MET A 51 0.52 -6.44 -9.75
N LYS A 52 1.16 -6.47 -10.90
CA LYS A 52 1.10 -7.68 -11.78
C LYS A 52 1.79 -8.88 -11.10
N TYR A 53 1.65 -10.06 -11.68
CA TYR A 53 2.27 -11.28 -11.07
C TYR A 53 3.80 -11.18 -11.09
N GLU A 54 4.45 -11.69 -10.07
CA GLU A 54 5.94 -11.61 -9.99
C GLU A 54 6.50 -12.83 -9.27
N GLY A 55 5.93 -13.18 -8.14
CA GLY A 55 6.43 -14.34 -7.34
C GLY A 55 6.24 -14.08 -5.86
N SER A 56 6.39 -12.84 -5.44
CA SER A 56 6.22 -12.49 -3.98
C SER A 56 4.74 -12.54 -3.61
N ASP A 57 4.39 -13.33 -2.62
CA ASP A 57 2.96 -13.44 -2.19
C ASP A 57 2.56 -12.24 -1.33
N PHE A 58 3.39 -11.88 -0.39
CA PHE A 58 3.08 -10.71 0.51
C PHE A 58 4.36 -10.12 1.08
N GLN A 59 5.44 -10.15 0.32
CA GLN A 59 6.74 -9.58 0.80
C GLN A 59 6.70 -8.04 0.73
N CYS A 60 5.84 -7.43 1.51
CA CYS A 60 5.71 -5.94 1.50
C CYS A 60 6.22 -5.36 2.82
N LYS A 61 7.22 -5.97 3.40
CA LYS A 61 7.76 -5.48 4.71
C LYS A 61 8.71 -4.30 4.49
N ASP A 62 9.11 -3.65 5.56
CA ASP A 62 10.05 -2.48 5.44
C ASP A 62 11.42 -2.86 6.01
N SER A 63 12.47 -2.55 5.28
CA SER A 63 13.85 -2.99 5.71
C SER A 63 14.36 -2.06 6.83
N PRO A 64 15.08 -2.61 7.80
CA PRO A 64 15.73 -1.76 8.84
C PRO A 64 17.01 -1.11 8.29
N LYS A 65 16.88 -0.31 7.26
CA LYS A 65 18.08 0.32 6.62
C LYS A 65 17.67 1.62 5.91
N ALA A 66 16.89 2.44 6.58
CA ALA A 66 16.42 3.72 5.97
C ALA A 66 16.08 4.73 7.08
N GLN A 67 16.35 6.00 6.84
CA GLN A 67 16.11 7.04 7.88
C GLN A 67 14.94 7.94 7.47
N LEU A 68 13.76 7.36 7.32
CA LEU A 68 12.55 8.14 6.95
C LEU A 68 11.29 7.41 7.42
N ARG A 69 10.22 8.14 7.67
CA ARG A 69 8.94 7.50 8.12
C ARG A 69 8.12 7.05 6.92
N ARG A 70 7.72 5.81 6.90
CA ARG A 70 6.95 5.27 5.74
C ARG A 70 6.22 3.97 6.14
N THR A 71 5.05 3.76 5.59
CA THR A 71 4.33 2.46 5.79
C THR A 71 3.79 1.94 4.45
N ILE A 72 3.71 0.64 4.30
CA ILE A 72 3.14 0.04 3.06
C ILE A 72 2.33 -1.22 3.41
N GLU A 73 1.39 -1.59 2.56
CA GLU A 73 0.52 -2.77 2.83
C GLU A 73 0.16 -3.49 1.53
N CYS A 74 -0.16 -4.76 1.62
CA CYS A 74 -0.57 -5.54 0.41
C CYS A 74 -1.70 -6.50 0.76
N CYS A 75 -2.51 -6.87 -0.22
CA CYS A 75 -3.77 -7.63 0.08
C CYS A 75 -4.24 -8.41 -1.15
N ARG A 76 -4.59 -9.66 -0.97
CA ARG A 76 -5.04 -10.52 -2.12
C ARG A 76 -6.55 -10.80 -2.00
N THR A 77 -7.33 -9.79 -1.72
CA THR A 77 -8.82 -9.94 -1.66
C THR A 77 -9.50 -8.76 -2.34
N ASN A 78 -10.68 -8.96 -2.87
CA ASN A 78 -11.32 -7.92 -3.74
C ASN A 78 -11.61 -6.63 -2.96
N LEU A 79 -11.39 -5.50 -3.58
CA LEU A 79 -11.65 -4.15 -2.93
C LEU A 79 -10.93 -4.02 -1.58
N CYS A 80 -9.85 -4.75 -1.37
CA CYS A 80 -9.03 -4.53 -0.13
C CYS A 80 -8.34 -3.15 -0.15
N ASN A 81 -8.11 -2.60 -1.32
CA ASN A 81 -7.43 -1.26 -1.42
C ASN A 81 -8.45 -0.14 -1.19
N GLN A 82 -9.68 -0.33 -1.61
CA GLN A 82 -10.73 0.74 -1.48
C GLN A 82 -11.00 1.06 0.01
N TYR A 83 -11.05 0.05 0.84
CA TYR A 83 -11.43 0.26 2.28
C TYR A 83 -10.21 0.24 3.20
N LEU A 84 -9.01 0.38 2.67
CA LEU A 84 -7.77 0.30 3.52
C LEU A 84 -6.92 1.55 3.33
N GLN A 85 -6.86 2.40 4.33
CA GLN A 85 -5.93 3.57 4.30
C GLN A 85 -4.65 3.26 5.09
N PRO A 86 -3.49 3.32 4.45
CA PRO A 86 -2.20 3.12 5.19
C PRO A 86 -1.95 4.31 6.13
N THR A 87 -1.32 4.05 7.26
CA THR A 87 -1.02 5.13 8.24
C THR A 87 0.38 4.94 8.82
N LEU A 88 1.03 6.03 9.19
CA LEU A 88 2.40 5.94 9.78
C LEU A 88 2.34 5.35 11.19
N PRO A 89 3.43 4.74 11.66
CA PRO A 89 3.46 4.19 13.04
C PRO A 89 3.34 5.32 14.08
N PRO A 90 2.88 4.99 15.29
CA PRO A 90 2.78 6.03 16.37
C PRO A 90 4.18 6.47 16.81
N VAL A 91 4.32 7.72 17.20
CA VAL A 91 5.65 8.24 17.64
C VAL A 91 5.94 7.74 19.06
N VAL A 92 4.92 7.68 19.89
CA VAL A 92 5.09 7.21 21.30
C VAL A 92 4.88 5.69 21.36
N ILE A 93 5.72 4.99 22.10
CA ILE A 93 5.60 3.51 22.20
C ILE A 93 6.17 3.02 23.54
N GLY A 94 5.49 3.34 24.63
CA GLY A 94 5.95 2.90 25.98
C GLY A 94 4.76 3.24 26.89
N PRO A 95 4.83 4.35 27.62
CA PRO A 95 3.70 4.78 28.50
C PRO A 95 2.31 4.56 27.91
N PHE A 96 1.34 4.27 28.75
CA PHE A 96 -0.07 4.07 28.25
C PHE A 96 -0.80 5.42 28.13
N PHE A 97 -1.52 5.62 27.05
CA PHE A 97 -2.29 6.88 26.86
C PHE A 97 -3.47 6.65 25.90
N ASP A 98 -4.41 7.55 25.88
CA ASP A 98 -5.61 7.40 24.99
C ASP A 98 -6.20 8.78 24.68
N GLY A 99 -6.91 8.89 23.57
CA GLY A 99 -7.54 10.18 23.19
C GLY A 99 -6.53 11.04 22.42
N SER A 100 -6.98 12.13 21.85
CA SER A 100 -6.05 13.04 21.09
C SER A 100 -5.31 13.96 22.04
N ILE A 101 -4.19 14.50 21.61
CA ILE A 101 -3.38 15.43 22.48
C ILE A 101 -3.87 16.87 22.26
N ARG A 102 -4.11 17.60 23.33
CA ARG A 102 -4.58 19.01 23.22
C ARG A 102 -3.38 19.97 23.17
N GLY A 1 8.31 -14.62 -19.61
CA GLY A 1 7.34 -14.73 -20.74
C GLY A 1 6.17 -15.63 -20.33
N PRO A 2 6.41 -16.93 -20.20
CA PRO A 2 5.33 -17.89 -19.81
C PRO A 2 4.72 -17.51 -18.45
N GLU A 3 3.43 -17.25 -18.43
CA GLU A 3 2.75 -16.81 -17.18
C GLU A 3 1.26 -17.16 -17.24
N ASP A 4 0.93 -18.42 -17.00
CA ASP A 4 -0.51 -18.85 -17.03
C ASP A 4 -1.22 -18.45 -15.74
N THR A 5 -1.73 -17.24 -15.68
CA THR A 5 -2.49 -16.77 -14.49
C THR A 5 -3.62 -15.83 -14.92
N LEU A 6 -4.84 -16.18 -14.61
CA LEU A 6 -6.02 -15.37 -15.07
C LEU A 6 -6.21 -14.15 -14.17
N PRO A 7 -6.71 -13.05 -14.72
CA PRO A 7 -7.20 -11.92 -13.87
C PRO A 7 -8.43 -12.35 -13.06
N PHE A 8 -8.42 -12.14 -11.76
CA PHE A 8 -9.68 -12.20 -10.96
C PHE A 8 -9.53 -11.37 -9.67
N LEU A 9 -9.10 -10.14 -9.80
CA LEU A 9 -8.89 -9.26 -8.60
C LEU A 9 -8.92 -7.78 -9.01
N LYS A 10 -9.91 -7.06 -8.54
CA LYS A 10 -10.00 -5.60 -8.85
C LYS A 10 -9.47 -4.78 -7.67
N CYS A 11 -8.58 -3.84 -7.94
CA CYS A 11 -8.00 -3.00 -6.86
C CYS A 11 -8.43 -1.54 -7.03
N TYR A 12 -8.74 -0.86 -5.95
CA TYR A 12 -9.10 0.60 -6.03
C TYR A 12 -7.83 1.45 -6.02
N CYS A 13 -7.82 2.52 -6.78
CA CYS A 13 -6.60 3.39 -6.88
C CYS A 13 -6.87 4.78 -6.26
N SER A 14 -5.93 5.29 -5.51
CA SER A 14 -6.09 6.66 -4.90
C SER A 14 -4.93 7.55 -5.33
N GLY A 15 -5.24 8.77 -5.75
CA GLY A 15 -4.18 9.73 -6.19
C GLY A 15 -3.69 9.34 -7.58
N HIS A 16 -3.04 8.20 -7.71
CA HIS A 16 -2.48 7.78 -9.03
C HIS A 16 -3.26 6.58 -9.59
N CYS A 17 -3.78 6.72 -10.78
CA CYS A 17 -4.46 5.58 -11.45
C CYS A 17 -4.07 5.55 -12.94
N PRO A 18 -3.76 4.38 -13.49
CA PRO A 18 -3.16 4.30 -14.86
C PRO A 18 -4.10 4.91 -15.91
N ASP A 19 -3.54 5.42 -16.99
CA ASP A 19 -4.34 6.18 -18.00
C ASP A 19 -5.45 5.31 -18.60
N ASP A 20 -5.25 4.01 -18.66
CA ASP A 20 -6.28 3.10 -19.26
C ASP A 20 -7.26 2.55 -18.20
N ALA A 21 -7.28 3.14 -17.02
CA ALA A 21 -8.08 2.55 -15.90
C ALA A 21 -9.58 2.85 -16.08
N ILE A 22 -10.42 2.12 -15.40
CA ILE A 22 -11.90 2.30 -15.57
C ILE A 22 -12.54 2.54 -14.19
N ASN A 23 -13.47 3.48 -14.11
CA ASN A 23 -14.11 3.90 -12.80
C ASN A 23 -13.12 3.91 -11.62
N ASN A 24 -11.93 4.44 -11.84
CA ASN A 24 -10.87 4.53 -10.76
C ASN A 24 -10.57 3.14 -10.17
N THR A 25 -10.46 2.14 -11.01
CA THR A 25 -9.97 0.80 -10.54
C THR A 25 -9.08 0.14 -11.60
N CYS A 26 -8.35 -0.88 -11.21
CA CYS A 26 -7.51 -1.64 -12.19
C CYS A 26 -7.61 -3.14 -11.95
N ILE A 27 -7.20 -3.93 -12.92
CA ILE A 27 -7.36 -5.42 -12.83
C ILE A 27 -5.97 -6.06 -12.71
N THR A 28 -5.81 -6.98 -11.77
CA THR A 28 -4.47 -7.62 -11.56
C THR A 28 -4.62 -9.13 -11.28
N ASN A 29 -3.61 -9.89 -11.62
CA ASN A 29 -3.53 -11.32 -11.14
C ASN A 29 -2.42 -11.46 -10.09
N GLY A 30 -2.16 -10.42 -9.32
CA GLY A 30 -1.17 -10.50 -8.21
C GLY A 30 -1.83 -10.09 -6.90
N HIS A 31 -1.69 -8.83 -6.52
CA HIS A 31 -2.36 -8.33 -5.28
C HIS A 31 -2.74 -6.86 -5.48
N CYS A 32 -3.48 -6.31 -4.54
CA CYS A 32 -3.65 -4.81 -4.49
C CYS A 32 -2.61 -4.24 -3.54
N PHE A 33 -2.01 -3.12 -3.88
CA PHE A 33 -0.95 -2.52 -3.01
C PHE A 33 -1.23 -1.03 -2.76
N ALA A 34 -0.83 -0.54 -1.60
CA ALA A 34 -1.02 0.91 -1.29
C ALA A 34 0.07 1.36 -0.30
N ILE A 35 0.55 2.57 -0.46
CA ILE A 35 1.74 3.03 0.33
C ILE A 35 1.61 4.52 0.68
N ILE A 36 2.16 4.91 1.81
CA ILE A 36 2.17 6.36 2.21
C ILE A 36 3.56 6.73 2.75
N GLU A 37 4.00 7.95 2.50
CA GLU A 37 5.42 8.33 2.77
C GLU A 37 5.50 9.81 3.16
N GLU A 38 6.45 10.15 4.00
CA GLU A 38 6.54 11.55 4.51
C GLU A 38 7.64 12.32 3.77
N ASP A 39 7.28 13.36 3.07
CA ASP A 39 8.27 14.12 2.22
C ASP A 39 8.97 15.20 3.06
N ASP A 40 9.92 15.88 2.48
CA ASP A 40 10.77 16.85 3.26
C ASP A 40 9.93 17.99 3.87
N GLN A 41 8.73 18.20 3.39
CA GLN A 41 7.85 19.27 3.97
C GLN A 41 6.92 18.71 5.07
N GLY A 42 6.84 17.40 5.22
CA GLY A 42 6.02 16.80 6.31
C GLY A 42 4.57 16.54 5.84
N GLU A 43 4.33 16.47 4.54
CA GLU A 43 3.02 16.00 4.03
C GLU A 43 3.10 14.53 3.66
N THR A 44 2.04 13.78 3.86
CA THR A 44 2.01 12.34 3.48
C THR A 44 1.42 12.16 2.09
N THR A 45 2.11 11.45 1.23
CA THR A 45 1.59 11.19 -0.15
C THR A 45 0.94 9.80 -0.22
N LEU A 46 -0.35 9.75 -0.48
CA LEU A 46 -1.07 8.45 -0.56
C LEU A 46 -1.21 8.01 -2.02
N ALA A 47 -0.78 6.81 -2.34
CA ALA A 47 -0.97 6.26 -3.72
C ALA A 47 -1.21 4.75 -3.66
N SER A 48 -2.03 4.25 -4.55
CA SER A 48 -2.28 2.77 -4.62
C SER A 48 -2.46 2.35 -6.08
N GLY A 49 -2.40 1.07 -6.36
CA GLY A 49 -2.55 0.59 -7.77
C GLY A 49 -2.48 -0.95 -7.81
N CYS A 50 -2.33 -1.50 -9.00
CA CYS A 50 -2.34 -2.99 -9.17
C CYS A 50 -0.92 -3.54 -9.20
N MET A 51 -0.65 -4.58 -8.45
CA MET A 51 0.71 -5.21 -8.45
C MET A 51 0.72 -6.45 -9.36
N LYS A 52 1.60 -6.47 -10.34
CA LYS A 52 1.67 -7.63 -11.29
C LYS A 52 2.09 -8.91 -10.55
N TYR A 53 2.03 -10.04 -11.22
CA TYR A 53 2.39 -11.35 -10.56
C TYR A 53 3.87 -11.38 -10.18
N GLU A 54 4.20 -12.07 -9.11
CA GLU A 54 5.62 -12.19 -8.68
C GLU A 54 5.96 -13.65 -8.37
N GLY A 55 5.11 -14.32 -7.63
CA GLY A 55 5.35 -15.75 -7.28
C GLY A 55 5.69 -15.87 -5.79
N SER A 56 5.11 -15.03 -4.97
CA SER A 56 5.35 -15.10 -3.49
C SER A 56 4.18 -14.48 -2.74
N ASP A 57 3.40 -15.30 -2.07
CA ASP A 57 2.20 -14.79 -1.33
C ASP A 57 2.61 -14.15 0.00
N PHE A 58 3.50 -14.80 0.72
CA PHE A 58 3.88 -14.32 2.09
C PHE A 58 4.87 -13.13 2.04
N GLN A 59 5.45 -12.85 0.89
CA GLN A 59 6.53 -11.83 0.81
C GLN A 59 5.93 -10.41 0.90
N CYS A 60 5.73 -9.94 2.11
CA CYS A 60 5.30 -8.53 2.32
C CYS A 60 5.79 -8.00 3.68
N LYS A 61 6.89 -8.54 4.17
CA LYS A 61 7.41 -8.11 5.51
C LYS A 61 8.34 -6.90 5.36
N ASP A 62 9.04 -6.55 6.41
CA ASP A 62 10.03 -5.42 6.34
C ASP A 62 11.46 -5.97 6.27
N SER A 63 12.17 -5.64 5.21
CA SER A 63 13.52 -6.25 4.97
C SER A 63 14.59 -5.53 5.79
N PRO A 64 15.80 -6.06 5.81
CA PRO A 64 16.94 -5.35 6.47
C PRO A 64 17.59 -4.33 5.52
N LYS A 65 16.81 -3.45 4.95
CA LYS A 65 17.34 -2.39 4.04
C LYS A 65 16.37 -1.20 4.02
N ALA A 66 15.89 -0.81 5.18
CA ALA A 66 14.65 0.03 5.25
C ALA A 66 14.94 1.46 4.77
N GLN A 67 14.00 2.35 4.95
CA GLN A 67 14.02 3.66 4.23
C GLN A 67 13.40 4.74 5.13
N LEU A 68 13.12 5.90 4.57
CA LEU A 68 12.53 7.03 5.37
C LEU A 68 11.13 6.63 5.86
N ARG A 69 10.60 7.35 6.82
CA ARG A 69 9.43 6.81 7.61
C ARG A 69 8.19 6.71 6.72
N ARG A 70 7.58 5.54 6.68
CA ARG A 70 6.44 5.30 5.76
C ARG A 70 5.63 4.08 6.22
N THR A 71 4.45 3.91 5.69
CA THR A 71 3.64 2.68 5.97
C THR A 71 3.16 2.08 4.63
N ILE A 72 3.01 0.77 4.59
CA ILE A 72 2.57 0.11 3.33
C ILE A 72 1.64 -1.07 3.65
N GLU A 73 0.80 -1.44 2.71
CA GLU A 73 -0.17 -2.55 2.95
C GLU A 73 -0.35 -3.40 1.67
N CYS A 74 -0.63 -4.66 1.84
CA CYS A 74 -0.78 -5.59 0.67
C CYS A 74 -1.90 -6.61 0.95
N CYS A 75 -2.74 -6.88 -0.03
CA CYS A 75 -3.95 -7.73 0.22
C CYS A 75 -4.44 -8.37 -1.08
N ARG A 76 -4.70 -9.66 -1.06
CA ARG A 76 -5.10 -10.41 -2.29
C ARG A 76 -6.61 -10.73 -2.25
N THR A 77 -7.41 -9.77 -1.87
CA THR A 77 -8.90 -9.98 -1.84
C THR A 77 -9.60 -8.76 -2.45
N ASN A 78 -10.75 -8.97 -3.03
CA ASN A 78 -11.33 -7.96 -3.97
C ASN A 78 -11.62 -6.63 -3.26
N LEU A 79 -11.19 -5.52 -3.85
CA LEU A 79 -11.41 -4.16 -3.27
C LEU A 79 -10.94 -4.07 -1.80
N CYS A 80 -9.97 -4.88 -1.42
CA CYS A 80 -9.37 -4.76 -0.05
C CYS A 80 -8.70 -3.39 0.15
N ASN A 81 -8.30 -2.74 -0.91
CA ASN A 81 -7.69 -1.37 -0.79
C ASN A 81 -8.75 -0.30 -0.50
N GLN A 82 -9.96 -0.51 -0.97
CA GLN A 82 -10.99 0.59 -0.95
C GLN A 82 -11.29 1.02 0.50
N TYR A 83 -11.38 0.06 1.40
CA TYR A 83 -11.66 0.39 2.83
C TYR A 83 -10.38 0.38 3.68
N LEU A 84 -9.22 0.45 3.07
CA LEU A 84 -7.94 0.35 3.83
C LEU A 84 -7.14 1.64 3.71
N GLN A 85 -7.05 2.41 4.77
CA GLN A 85 -6.18 3.62 4.78
C GLN A 85 -4.85 3.31 5.50
N PRO A 86 -3.72 3.47 4.80
CA PRO A 86 -2.40 3.34 5.47
C PRO A 86 -2.19 4.51 6.43
N THR A 87 -1.66 4.24 7.62
CA THR A 87 -1.40 5.33 8.60
C THR A 87 -0.06 5.08 9.30
N LEU A 88 0.64 6.14 9.66
CA LEU A 88 1.95 5.99 10.36
C LEU A 88 1.73 5.51 11.80
N PRO A 89 2.68 4.76 12.35
CA PRO A 89 2.52 4.22 13.73
C PRO A 89 2.56 5.36 14.76
N PRO A 90 1.80 5.23 15.85
CA PRO A 90 1.77 6.31 16.87
C PRO A 90 3.11 6.38 17.61
N VAL A 91 3.53 7.57 17.98
CA VAL A 91 4.82 7.74 18.74
C VAL A 91 4.56 7.39 20.22
N VAL A 92 5.63 7.19 20.97
CA VAL A 92 5.49 6.81 22.42
C VAL A 92 6.70 7.29 23.21
N ILE A 93 6.48 7.84 24.38
CA ILE A 93 7.61 8.33 25.24
C ILE A 93 7.18 8.33 26.72
N GLY A 94 6.97 7.15 27.28
CA GLY A 94 6.52 7.05 28.70
C GLY A 94 5.00 7.26 28.77
N PRO A 95 4.45 7.38 29.98
CA PRO A 95 2.98 7.60 30.15
C PRO A 95 2.52 8.88 29.44
N PHE A 96 1.33 8.85 28.88
CA PHE A 96 0.79 10.05 28.15
C PHE A 96 0.15 11.02 29.14
N PHE A 97 0.24 12.31 28.88
CA PHE A 97 -0.37 13.33 29.79
C PHE A 97 -0.64 14.63 29.01
N ASP A 98 -1.29 14.50 27.87
CA ASP A 98 -1.60 15.70 27.03
C ASP A 98 -2.83 15.42 26.15
N GLY A 99 -3.77 14.66 26.65
CA GLY A 99 -5.00 14.34 25.87
C GLY A 99 -4.72 13.17 24.92
N SER A 100 -5.75 12.63 24.30
CA SER A 100 -5.56 11.49 23.35
C SER A 100 -5.14 12.02 21.97
N ILE A 101 -4.23 11.32 21.32
CA ILE A 101 -3.76 11.74 19.96
C ILE A 101 -4.64 11.09 18.89
N ARG A 102 -5.04 11.84 17.88
CA ARG A 102 -5.90 11.29 16.79
C ARG A 102 -5.02 10.71 15.67
N GLY A 1 6.20 -12.16 -19.84
CA GLY A 1 7.00 -13.40 -19.64
C GLY A 1 6.08 -14.53 -19.13
N PRO A 2 6.67 -15.65 -18.73
CA PRO A 2 5.85 -16.80 -18.21
C PRO A 2 5.00 -16.38 -17.00
N GLU A 3 3.70 -16.46 -17.13
CA GLU A 3 2.78 -16.02 -16.03
C GLU A 3 1.43 -16.73 -16.16
N ASP A 4 1.38 -17.98 -15.73
CA ASP A 4 0.10 -18.76 -15.80
C ASP A 4 -0.84 -18.35 -14.66
N THR A 5 -1.43 -17.18 -14.77
CA THR A 5 -2.39 -16.69 -13.72
C THR A 5 -3.47 -15.83 -14.37
N LEU A 6 -4.72 -16.21 -14.20
CA LEU A 6 -5.85 -15.46 -14.83
C LEU A 6 -6.14 -14.17 -14.04
N PRO A 7 -6.65 -13.15 -14.71
CA PRO A 7 -7.21 -11.95 -13.99
C PRO A 7 -8.44 -12.35 -13.17
N PHE A 8 -8.41 -12.08 -11.87
CA PHE A 8 -9.66 -12.11 -11.05
C PHE A 8 -9.44 -11.35 -9.74
N LEU A 9 -9.02 -10.11 -9.83
CA LEU A 9 -8.78 -9.27 -8.61
C LEU A 9 -8.84 -7.80 -8.98
N LYS A 10 -9.80 -7.08 -8.45
CA LYS A 10 -9.95 -5.62 -8.78
C LYS A 10 -9.36 -4.76 -7.66
N CYS A 11 -8.54 -3.80 -8.02
CA CYS A 11 -7.84 -2.96 -6.99
C CYS A 11 -8.20 -1.49 -7.19
N TYR A 12 -8.40 -0.77 -6.12
CA TYR A 12 -8.69 0.71 -6.24
C TYR A 12 -7.37 1.48 -6.36
N CYS A 13 -7.35 2.54 -7.14
CA CYS A 13 -6.09 3.32 -7.37
C CYS A 13 -6.26 4.76 -6.87
N SER A 14 -5.25 5.27 -6.20
CA SER A 14 -5.29 6.70 -5.72
C SER A 14 -4.10 7.47 -6.26
N GLY A 15 -4.30 8.71 -6.64
CA GLY A 15 -3.18 9.55 -7.17
C GLY A 15 -2.86 9.13 -8.61
N HIS A 16 -2.35 7.94 -8.79
CA HIS A 16 -1.94 7.47 -10.15
C HIS A 16 -2.78 6.27 -10.58
N CYS A 17 -3.44 6.36 -11.71
CA CYS A 17 -4.19 5.20 -12.28
C CYS A 17 -3.96 5.14 -13.81
N PRO A 18 -3.72 3.96 -14.35
CA PRO A 18 -3.31 3.85 -15.79
C PRO A 18 -4.40 4.42 -16.72
N ASP A 19 -4.00 4.91 -17.87
CA ASP A 19 -4.96 5.63 -18.78
C ASP A 19 -6.13 4.71 -19.19
N ASP A 20 -5.92 3.41 -19.19
CA ASP A 20 -7.00 2.46 -19.65
C ASP A 20 -7.89 2.00 -18.49
N ALA A 21 -7.83 2.66 -17.34
CA ALA A 21 -8.60 2.19 -16.15
C ALA A 21 -10.05 2.69 -16.23
N ILE A 22 -10.93 2.08 -15.49
CA ILE A 22 -12.38 2.48 -15.51
C ILE A 22 -12.84 2.78 -14.08
N ASN A 23 -13.64 3.83 -13.91
CA ASN A 23 -14.14 4.28 -12.56
C ASN A 23 -13.08 4.16 -11.45
N ASN A 24 -11.84 4.53 -11.75
CA ASN A 24 -10.71 4.44 -10.76
C ASN A 24 -10.56 3.01 -10.20
N THR A 25 -10.67 2.02 -11.06
CA THR A 25 -10.37 0.62 -10.64
C THR A 25 -9.62 -0.13 -11.76
N CYS A 26 -8.91 -1.17 -11.41
CA CYS A 26 -8.02 -1.88 -12.39
C CYS A 26 -7.98 -3.38 -12.11
N ILE A 27 -7.48 -4.15 -13.05
CA ILE A 27 -7.66 -5.63 -13.00
C ILE A 27 -6.28 -6.30 -13.04
N THR A 28 -5.95 -7.07 -12.03
CA THR A 28 -4.58 -7.66 -11.94
C THR A 28 -4.64 -9.14 -11.53
N ASN A 29 -3.63 -9.89 -11.92
CA ASN A 29 -3.49 -11.29 -11.40
C ASN A 29 -2.41 -11.36 -10.31
N GLY A 30 -2.22 -10.28 -9.58
CA GLY A 30 -1.31 -10.30 -8.39
C GLY A 30 -2.09 -9.89 -7.15
N HIS A 31 -1.84 -8.70 -6.64
CA HIS A 31 -2.51 -8.25 -5.38
C HIS A 31 -2.84 -6.76 -5.50
N CYS A 32 -3.58 -6.23 -4.55
CA CYS A 32 -3.78 -4.75 -4.48
C CYS A 32 -2.79 -4.18 -3.46
N PHE A 33 -2.17 -3.04 -3.75
CA PHE A 33 -1.14 -2.49 -2.82
C PHE A 33 -1.34 -0.99 -2.60
N ALA A 34 -0.86 -0.48 -1.49
CA ALA A 34 -1.01 0.98 -1.17
C ALA A 34 0.16 1.42 -0.30
N ILE A 35 0.53 2.68 -0.39
CA ILE A 35 1.77 3.16 0.29
C ILE A 35 1.56 4.59 0.82
N ILE A 36 2.23 4.92 1.91
CA ILE A 36 2.14 6.30 2.49
C ILE A 36 3.54 6.75 2.93
N GLU A 37 3.85 8.03 2.78
CA GLU A 37 5.24 8.52 3.00
C GLU A 37 5.21 9.96 3.51
N GLU A 38 6.10 10.29 4.42
CA GLU A 38 6.15 11.68 4.98
C GLU A 38 7.31 12.46 4.33
N ASP A 39 6.99 13.50 3.60
CA ASP A 39 8.03 14.27 2.85
C ASP A 39 8.68 15.34 3.75
N ASP A 40 9.68 16.02 3.24
CA ASP A 40 10.48 16.98 4.09
C ASP A 40 9.60 18.11 4.67
N GLN A 41 8.43 18.33 4.11
CA GLN A 41 7.52 19.40 4.65
C GLN A 41 6.53 18.82 5.69
N GLY A 42 6.43 17.51 5.80
CA GLY A 42 5.55 16.89 6.84
C GLY A 42 4.13 16.66 6.29
N GLU A 43 3.96 16.59 4.98
CA GLU A 43 2.67 16.14 4.39
C GLU A 43 2.77 14.65 4.02
N THR A 44 1.69 13.92 4.22
CA THR A 44 1.68 12.46 3.84
C THR A 44 1.08 12.29 2.45
N THR A 45 1.76 11.57 1.59
CA THR A 45 1.23 11.28 0.22
C THR A 45 0.57 9.89 0.19
N LEU A 46 -0.72 9.85 0.02
CA LEU A 46 -1.46 8.54 -0.05
C LEU A 46 -1.67 8.12 -1.49
N ALA A 47 -1.20 6.96 -1.87
CA ALA A 47 -1.39 6.45 -3.26
C ALA A 47 -1.56 4.93 -3.26
N SER A 48 -2.22 4.40 -4.27
CA SER A 48 -2.37 2.92 -4.40
C SER A 48 -2.30 2.51 -5.87
N GLY A 49 -2.06 1.24 -6.13
CA GLY A 49 -1.82 0.78 -7.54
C GLY A 49 -2.11 -0.71 -7.67
N CYS A 50 -1.89 -1.25 -8.85
CA CYS A 50 -2.35 -2.64 -9.17
C CYS A 50 -1.11 -3.53 -9.36
N MET A 51 -0.92 -4.51 -8.50
CA MET A 51 0.36 -5.27 -8.50
C MET A 51 0.23 -6.55 -9.32
N LYS A 52 1.06 -6.71 -10.33
CA LYS A 52 1.07 -7.98 -11.14
C LYS A 52 1.54 -9.16 -10.27
N TYR A 53 1.43 -10.37 -10.78
CA TYR A 53 1.90 -11.57 -10.02
C TYR A 53 3.42 -11.54 -9.84
N GLU A 54 3.90 -12.02 -8.73
CA GLU A 54 5.38 -11.99 -8.44
C GLU A 54 5.81 -13.27 -7.71
N GLY A 55 5.09 -13.65 -6.68
CA GLY A 55 5.46 -14.85 -5.88
C GLY A 55 5.17 -14.60 -4.40
N SER A 56 5.36 -13.39 -3.94
CA SER A 56 5.10 -13.06 -2.50
C SER A 56 3.59 -13.02 -2.24
N ASP A 57 3.10 -13.93 -1.44
CA ASP A 57 1.64 -13.95 -1.10
C ASP A 57 1.32 -12.87 -0.06
N PHE A 58 2.24 -12.62 0.84
CA PHE A 58 2.03 -11.56 1.88
C PHE A 58 3.39 -11.04 2.38
N GLN A 59 4.04 -10.22 1.59
CA GLN A 59 5.37 -9.67 1.97
C GLN A 59 5.62 -8.34 1.25
N CYS A 60 5.31 -7.24 1.90
CA CYS A 60 5.55 -5.90 1.29
C CYS A 60 6.40 -5.04 2.26
N LYS A 61 7.46 -5.61 2.79
CA LYS A 61 8.28 -4.90 3.83
C LYS A 61 9.18 -3.85 3.17
N ASP A 62 10.04 -3.24 3.96
CA ASP A 62 11.03 -2.26 3.41
C ASP A 62 12.46 -2.74 3.68
N SER A 63 13.35 -2.53 2.73
CA SER A 63 14.76 -3.02 2.89
C SER A 63 15.52 -2.13 3.89
N PRO A 64 16.43 -2.71 4.66
CA PRO A 64 17.24 -1.91 5.62
C PRO A 64 18.37 -1.18 4.87
N LYS A 65 18.02 -0.28 3.99
CA LYS A 65 19.04 0.49 3.21
C LYS A 65 18.45 1.82 2.74
N ALA A 66 17.70 2.47 3.60
CA ALA A 66 17.07 3.79 3.25
C ALA A 66 16.79 4.59 4.52
N GLN A 67 16.93 5.89 4.45
CA GLN A 67 16.70 6.76 5.64
C GLN A 67 15.41 7.58 5.47
N LEU A 68 14.27 6.94 5.62
CA LEU A 68 12.96 7.66 5.52
C LEU A 68 11.88 6.90 6.32
N ARG A 69 10.92 7.63 6.85
CA ARG A 69 9.81 6.98 7.61
C ARG A 69 8.58 6.82 6.72
N ARG A 70 8.08 5.61 6.59
CA ARG A 70 6.90 5.36 5.71
C ARG A 70 6.23 4.02 6.07
N THR A 71 5.02 3.81 5.59
CA THR A 71 4.30 2.52 5.85
C THR A 71 3.68 2.01 4.54
N ILE A 72 3.57 0.72 4.39
CA ILE A 72 3.00 0.13 3.13
C ILE A 72 2.13 -1.09 3.48
N GLU A 73 1.20 -1.42 2.61
CA GLU A 73 0.25 -2.55 2.89
C GLU A 73 -0.07 -3.31 1.59
N CYS A 74 -0.37 -4.59 1.71
CA CYS A 74 -0.79 -5.40 0.53
C CYS A 74 -1.88 -6.39 0.95
N CYS A 75 -2.77 -6.73 0.03
CA CYS A 75 -3.95 -7.59 0.41
C CYS A 75 -4.52 -8.31 -0.82
N ARG A 76 -4.93 -9.55 -0.65
CA ARG A 76 -5.28 -10.41 -1.82
C ARG A 76 -6.80 -10.68 -1.85
N THR A 77 -7.58 -9.63 -1.74
CA THR A 77 -9.07 -9.77 -1.79
C THR A 77 -9.69 -8.52 -2.41
N ASN A 78 -10.84 -8.65 -3.03
CA ASN A 78 -11.33 -7.58 -3.97
C ASN A 78 -11.55 -6.24 -3.25
N LEU A 79 -11.04 -5.17 -3.83
CA LEU A 79 -11.18 -3.80 -3.24
C LEU A 79 -10.72 -3.74 -1.78
N CYS A 80 -9.83 -4.62 -1.38
CA CYS A 80 -9.29 -4.59 0.02
C CYS A 80 -8.53 -3.29 0.32
N ASN A 81 -8.05 -2.61 -0.70
CA ASN A 81 -7.31 -1.32 -0.49
C ASN A 81 -8.26 -0.12 -0.49
N GLN A 82 -9.42 -0.24 -1.11
CA GLN A 82 -10.36 0.94 -1.24
C GLN A 82 -10.77 1.45 0.14
N TYR A 83 -11.01 0.56 1.07
CA TYR A 83 -11.40 0.97 2.45
C TYR A 83 -10.22 0.91 3.44
N LEU A 84 -9.00 0.83 2.93
CA LEU A 84 -7.81 0.62 3.83
C LEU A 84 -6.96 1.89 3.87
N GLN A 85 -6.89 2.54 5.02
CA GLN A 85 -5.94 3.68 5.21
C GLN A 85 -4.65 3.18 5.89
N PRO A 86 -3.50 3.35 5.25
CA PRO A 86 -2.21 2.95 5.90
C PRO A 86 -1.91 3.87 7.09
N THR A 87 -1.52 3.29 8.20
CA THR A 87 -1.20 4.10 9.42
C THR A 87 0.32 4.30 9.54
N LEU A 88 0.75 5.54 9.64
CA LEU A 88 2.22 5.81 9.84
C LEU A 88 2.63 5.46 11.28
N PRO A 89 3.91 5.15 11.48
CA PRO A 89 4.38 4.76 12.84
C PRO A 89 4.30 5.96 13.81
N PRO A 90 4.28 5.69 15.10
CA PRO A 90 4.22 6.80 16.11
C PRO A 90 5.49 7.66 16.04
N VAL A 91 5.37 8.94 16.31
CA VAL A 91 6.57 9.85 16.27
C VAL A 91 7.38 9.68 17.56
N VAL A 92 8.60 10.18 17.57
CA VAL A 92 9.47 10.04 18.77
C VAL A 92 10.48 11.21 18.83
N ILE A 93 10.82 11.64 20.02
CA ILE A 93 11.80 12.76 20.18
C ILE A 93 12.56 12.62 21.51
N GLY A 94 13.87 12.73 21.47
CA GLY A 94 14.69 12.64 22.71
C GLY A 94 15.51 11.33 22.69
N PRO A 95 16.46 11.20 23.60
CA PRO A 95 17.33 9.97 23.66
C PRO A 95 16.48 8.69 23.83
N PHE A 96 16.87 7.62 23.17
CA PHE A 96 16.10 6.34 23.27
C PHE A 96 16.56 5.54 24.50
N PHE A 97 15.64 5.09 25.30
CA PHE A 97 15.99 4.27 26.50
C PHE A 97 14.79 3.40 26.91
N ASP A 98 14.19 2.74 25.96
CA ASP A 98 12.99 1.87 26.25
C ASP A 98 12.87 0.76 25.18
N GLY A 99 11.94 -0.14 25.38
CA GLY A 99 11.73 -1.26 24.40
C GLY A 99 12.39 -2.54 24.92
N SER A 100 13.52 -2.41 25.59
CA SER A 100 14.22 -3.61 26.13
C SER A 100 13.58 -4.07 27.44
N ILE A 101 13.77 -5.32 27.80
CA ILE A 101 13.17 -5.86 29.07
C ILE A 101 14.15 -5.65 30.23
N ARG A 102 13.66 -5.21 31.36
CA ARG A 102 14.56 -4.98 32.55
C ARG A 102 14.65 -6.27 33.39
N GLY A 1 3.08 -26.10 -20.80
CA GLY A 1 2.07 -26.75 -19.91
C GLY A 1 0.75 -25.97 -19.96
N PRO A 2 -0.18 -26.26 -19.05
CA PRO A 2 -1.49 -25.54 -19.02
C PRO A 2 -1.30 -24.02 -18.85
N GLU A 3 -1.76 -23.25 -19.81
CA GLU A 3 -1.64 -21.75 -19.73
C GLU A 3 -2.85 -21.14 -19.02
N ASP A 4 -3.23 -21.70 -17.89
CA ASP A 4 -4.45 -21.21 -17.17
C ASP A 4 -4.14 -19.90 -16.44
N THR A 5 -4.23 -18.79 -17.14
CA THR A 5 -3.98 -17.45 -16.50
C THR A 5 -5.14 -16.51 -16.81
N LEU A 6 -5.93 -16.17 -15.80
CA LEU A 6 -7.10 -15.27 -16.00
C LEU A 6 -7.24 -14.34 -14.77
N PRO A 7 -7.13 -13.03 -14.96
CA PRO A 7 -7.20 -12.08 -13.79
C PRO A 7 -8.54 -12.20 -13.05
N PHE A 8 -8.53 -12.05 -11.74
CA PHE A 8 -9.80 -12.13 -10.94
C PHE A 8 -9.67 -11.30 -9.65
N LEU A 9 -9.24 -10.07 -9.77
CA LEU A 9 -9.01 -9.21 -8.57
C LEU A 9 -9.00 -7.73 -8.98
N LYS A 10 -9.96 -6.96 -8.50
CA LYS A 10 -10.02 -5.50 -8.82
C LYS A 10 -9.46 -4.69 -7.65
N CYS A 11 -8.57 -3.77 -7.94
CA CYS A 11 -7.94 -2.94 -6.86
C CYS A 11 -8.31 -1.47 -7.06
N TYR A 12 -8.59 -0.76 -5.99
CA TYR A 12 -8.91 0.70 -6.11
C TYR A 12 -7.63 1.54 -6.17
N CYS A 13 -7.64 2.62 -6.91
CA CYS A 13 -6.43 3.51 -6.99
C CYS A 13 -6.76 4.91 -6.46
N SER A 14 -5.86 5.48 -5.68
CA SER A 14 -6.07 6.87 -5.16
C SER A 14 -4.90 7.76 -5.56
N GLY A 15 -5.18 8.82 -6.30
CA GLY A 15 -4.10 9.75 -6.74
C GLY A 15 -3.41 9.19 -7.98
N HIS A 16 -2.79 8.04 -7.87
CA HIS A 16 -2.05 7.44 -9.03
C HIS A 16 -2.86 6.28 -9.63
N CYS A 17 -3.34 6.46 -10.83
CA CYS A 17 -4.08 5.36 -11.53
C CYS A 17 -3.64 5.33 -13.01
N PRO A 18 -3.41 4.14 -13.57
CA PRO A 18 -2.86 4.04 -14.96
C PRO A 18 -3.81 4.69 -15.98
N ASP A 19 -3.26 5.19 -17.07
CA ASP A 19 -4.08 5.99 -18.05
C ASP A 19 -5.25 5.17 -18.62
N ASP A 20 -5.09 3.87 -18.70
CA ASP A 20 -6.15 2.99 -19.29
C ASP A 20 -7.13 2.48 -18.21
N ALA A 21 -7.11 3.04 -17.02
CA ALA A 21 -7.93 2.49 -15.90
C ALA A 21 -9.40 2.89 -16.06
N ILE A 22 -10.29 2.20 -15.38
CA ILE A 22 -11.76 2.49 -15.53
C ILE A 22 -12.35 2.74 -14.13
N ASN A 23 -13.24 3.70 -14.02
CA ASN A 23 -13.88 4.09 -12.71
C ASN A 23 -12.90 4.05 -11.51
N ASN A 24 -11.70 4.56 -11.71
CA ASN A 24 -10.63 4.56 -10.63
C ASN A 24 -10.39 3.15 -10.08
N THR A 25 -10.33 2.16 -10.95
CA THR A 25 -9.94 0.78 -10.52
C THR A 25 -9.10 0.09 -11.60
N CYS A 26 -8.39 -0.96 -11.23
CA CYS A 26 -7.55 -1.71 -12.22
C CYS A 26 -7.66 -3.22 -11.97
N ILE A 27 -7.23 -4.01 -12.93
CA ILE A 27 -7.38 -5.50 -12.83
C ILE A 27 -5.98 -6.13 -12.68
N THR A 28 -5.83 -7.04 -11.74
CA THR A 28 -4.51 -7.69 -11.50
C THR A 28 -4.68 -9.18 -11.18
N ASN A 29 -3.67 -9.98 -11.49
CA ASN A 29 -3.62 -11.38 -10.98
C ASN A 29 -2.53 -11.54 -9.93
N GLY A 30 -2.23 -10.49 -9.20
CA GLY A 30 -1.21 -10.56 -8.09
C GLY A 30 -1.86 -10.15 -6.78
N HIS A 31 -1.76 -8.88 -6.43
CA HIS A 31 -2.44 -8.37 -5.20
C HIS A 31 -2.83 -6.89 -5.40
N CYS A 32 -3.58 -6.34 -4.48
CA CYS A 32 -3.75 -4.85 -4.43
C CYS A 32 -2.71 -4.28 -3.47
N PHE A 33 -2.11 -3.16 -3.80
CA PHE A 33 -1.05 -2.57 -2.92
C PHE A 33 -1.34 -1.09 -2.65
N ALA A 34 -0.87 -0.59 -1.53
CA ALA A 34 -1.03 0.86 -1.20
C ALA A 34 0.13 1.30 -0.30
N ILE A 35 0.60 2.51 -0.48
CA ILE A 35 1.83 2.97 0.23
C ILE A 35 1.69 4.46 0.61
N ILE A 36 2.30 4.85 1.70
CA ILE A 36 2.23 6.28 2.18
C ILE A 36 3.61 6.73 2.68
N GLU A 37 3.94 7.99 2.46
CA GLU A 37 5.34 8.46 2.69
C GLU A 37 5.32 9.93 3.14
N GLU A 38 6.24 10.30 4.01
CA GLU A 38 6.27 11.69 4.55
C GLU A 38 7.35 12.52 3.84
N ASP A 39 6.93 13.58 3.17
CA ASP A 39 7.89 14.40 2.36
C ASP A 39 8.54 15.48 3.24
N ASP A 40 9.48 16.22 2.68
CA ASP A 40 10.27 17.20 3.49
C ASP A 40 9.38 18.27 4.14
N GLN A 41 8.17 18.45 3.66
CA GLN A 41 7.24 19.46 4.27
C GLN A 41 6.34 18.83 5.34
N GLY A 42 6.30 17.52 5.46
CA GLY A 42 5.49 16.85 6.52
C GLY A 42 4.07 16.54 6.00
N GLU A 43 3.88 16.48 4.70
CA GLU A 43 2.58 15.97 4.14
C GLU A 43 2.72 14.49 3.77
N THR A 44 1.68 13.71 3.98
CA THR A 44 1.71 12.27 3.59
C THR A 44 1.09 12.09 2.21
N THR A 45 1.82 11.47 1.30
CA THR A 45 1.27 11.20 -0.07
C THR A 45 0.75 9.76 -0.16
N LEU A 46 -0.55 9.61 -0.30
CA LEU A 46 -1.16 8.24 -0.37
C LEU A 46 -1.38 7.84 -1.83
N ALA A 47 -0.89 6.68 -2.22
CA ALA A 47 -1.12 6.17 -3.60
C ALA A 47 -1.32 4.65 -3.58
N SER A 48 -2.16 4.15 -4.46
CA SER A 48 -2.38 2.67 -4.55
C SER A 48 -2.59 2.27 -6.01
N GLY A 49 -2.53 0.99 -6.30
CA GLY A 49 -2.69 0.50 -7.71
C GLY A 49 -2.59 -1.02 -7.77
N CYS A 50 -2.42 -1.55 -8.96
CA CYS A 50 -2.41 -3.04 -9.14
C CYS A 50 -0.96 -3.57 -9.17
N MET A 51 -0.69 -4.61 -8.41
CA MET A 51 0.67 -5.23 -8.42
C MET A 51 0.68 -6.46 -9.34
N LYS A 52 1.54 -6.46 -10.34
CA LYS A 52 1.59 -7.61 -11.30
C LYS A 52 2.12 -8.87 -10.60
N TYR A 53 1.78 -10.03 -11.12
CA TYR A 53 2.28 -11.31 -10.51
C TYR A 53 3.80 -11.43 -10.70
N GLU A 54 4.48 -12.03 -9.76
CA GLU A 54 5.97 -12.18 -9.84
C GLU A 54 6.49 -13.43 -9.11
N GLY A 55 5.87 -13.77 -8.01
CA GLY A 55 6.34 -14.95 -7.20
C GLY A 55 6.31 -14.65 -5.71
N SER A 56 5.20 -14.15 -5.21
CA SER A 56 5.07 -13.82 -3.76
C SER A 56 3.60 -13.85 -3.35
N ASP A 57 3.23 -14.80 -2.52
CA ASP A 57 1.79 -14.91 -2.06
C ASP A 57 1.47 -13.80 -1.05
N PHE A 58 2.39 -13.52 -0.15
CA PHE A 58 2.17 -12.43 0.84
C PHE A 58 3.53 -11.89 1.34
N GLN A 59 4.54 -11.92 0.51
CA GLN A 59 5.89 -11.43 0.93
C GLN A 59 5.93 -9.90 0.94
N CYS A 60 5.48 -9.30 2.01
CA CYS A 60 5.54 -7.81 2.15
C CYS A 60 6.43 -7.43 3.34
N LYS A 61 7.56 -8.11 3.48
CA LYS A 61 8.44 -7.90 4.67
C LYS A 61 9.27 -6.63 4.50
N ASP A 62 10.24 -6.43 5.37
CA ASP A 62 11.26 -5.37 5.16
C ASP A 62 12.51 -6.00 4.54
N SER A 63 13.59 -5.26 4.46
CA SER A 63 14.84 -5.79 3.84
C SER A 63 16.06 -5.03 4.40
N PRO A 64 17.25 -5.42 4.00
CA PRO A 64 18.47 -4.59 4.25
C PRO A 64 18.61 -3.48 3.19
N LYS A 65 17.60 -2.65 3.04
CA LYS A 65 17.65 -1.52 2.06
C LYS A 65 16.67 -0.42 2.51
N ALA A 66 16.74 -0.04 3.76
CA ALA A 66 15.67 0.83 4.36
C ALA A 66 15.69 2.22 3.71
N GLN A 67 14.76 3.07 4.11
CA GLN A 67 14.52 4.34 3.37
C GLN A 67 13.90 5.37 4.32
N LEU A 68 13.42 6.48 3.79
CA LEU A 68 12.74 7.53 4.63
C LEU A 68 11.45 6.94 5.25
N ARG A 69 10.93 7.57 6.29
CA ARG A 69 9.87 6.92 7.11
C ARG A 69 8.57 6.78 6.31
N ARG A 70 8.01 5.60 6.27
CA ARG A 70 6.80 5.34 5.45
C ARG A 70 6.08 4.07 5.92
N THR A 71 4.85 3.88 5.49
CA THR A 71 4.11 2.62 5.80
C THR A 71 3.52 2.04 4.52
N ILE A 72 3.40 0.73 4.46
CA ILE A 72 2.89 0.07 3.21
C ILE A 72 2.01 -1.14 3.57
N GLU A 73 1.12 -1.52 2.68
CA GLU A 73 0.20 -2.66 2.95
C GLU A 73 -0.11 -3.42 1.66
N CYS A 74 -0.40 -4.70 1.78
CA CYS A 74 -0.78 -5.53 0.59
C CYS A 74 -1.86 -6.54 0.97
N CYS A 75 -2.74 -6.87 0.06
CA CYS A 75 -3.92 -7.74 0.40
C CYS A 75 -4.48 -8.45 -0.83
N ARG A 76 -4.82 -9.71 -0.70
CA ARG A 76 -5.23 -10.56 -1.86
C ARG A 76 -6.75 -10.83 -1.81
N THR A 77 -7.54 -9.79 -1.70
CA THR A 77 -9.03 -9.94 -1.75
C THR A 77 -9.66 -8.69 -2.36
N ASN A 78 -10.81 -8.85 -2.97
CA ASN A 78 -11.33 -7.77 -3.90
C ASN A 78 -11.56 -6.45 -3.15
N LEU A 79 -11.11 -5.36 -3.73
CA LEU A 79 -11.28 -3.99 -3.12
C LEU A 79 -10.80 -3.95 -1.67
N CYS A 80 -9.86 -4.80 -1.30
CA CYS A 80 -9.30 -4.77 0.09
C CYS A 80 -8.56 -3.44 0.38
N ASN A 81 -8.12 -2.74 -0.65
CA ASN A 81 -7.44 -1.44 -0.44
C ASN A 81 -8.43 -0.26 -0.48
N GLN A 82 -9.57 -0.44 -1.12
CA GLN A 82 -10.56 0.70 -1.25
C GLN A 82 -11.02 1.17 0.14
N TYR A 83 -11.18 0.25 1.07
CA TYR A 83 -11.58 0.62 2.46
C TYR A 83 -10.38 0.63 3.42
N LEU A 84 -9.17 0.66 2.89
CA LEU A 84 -7.96 0.55 3.77
C LEU A 84 -7.18 1.88 3.76
N GLN A 85 -7.13 2.55 4.89
CA GLN A 85 -6.29 3.77 5.02
C GLN A 85 -4.93 3.40 5.68
N PRO A 86 -3.82 3.65 4.99
CA PRO A 86 -2.49 3.42 5.61
C PRO A 86 -2.22 4.46 6.70
N THR A 87 -1.50 4.08 7.73
CA THR A 87 -1.18 5.04 8.84
C THR A 87 0.28 4.85 9.29
N LEU A 88 0.90 5.91 9.75
CA LEU A 88 2.33 5.82 10.21
C LEU A 88 2.42 5.04 11.53
N PRO A 89 3.53 4.34 11.76
CA PRO A 89 3.69 3.59 13.03
C PRO A 89 3.86 4.56 14.21
N PRO A 90 3.62 4.09 15.43
CA PRO A 90 3.79 4.96 16.63
C PRO A 90 5.27 5.29 16.84
N VAL A 91 5.56 6.45 17.40
CA VAL A 91 6.98 6.86 17.63
C VAL A 91 7.52 6.15 18.88
N VAL A 92 8.82 6.16 19.06
CA VAL A 92 9.44 5.47 20.24
C VAL A 92 9.54 6.44 21.43
N ILE A 93 9.37 5.93 22.63
CA ILE A 93 9.48 6.78 23.85
C ILE A 93 9.95 5.94 25.05
N GLY A 94 11.02 6.33 25.69
CA GLY A 94 11.55 5.58 26.86
C GLY A 94 12.11 4.22 26.39
N PRO A 95 13.18 4.25 25.60
CA PRO A 95 13.79 2.97 25.08
C PRO A 95 14.21 2.04 26.23
N PHE A 96 13.89 0.76 26.11
CA PHE A 96 14.28 -0.21 27.17
C PHE A 96 15.70 -0.73 26.91
N PHE A 97 16.54 -0.73 27.93
CA PHE A 97 17.95 -1.23 27.77
C PHE A 97 17.96 -2.75 27.61
N ASP A 98 18.81 -3.26 26.74
CA ASP A 98 18.89 -4.73 26.51
C ASP A 98 20.27 -5.11 25.97
N GLY A 99 21.15 -5.57 26.84
CA GLY A 99 22.52 -5.96 26.41
C GLY A 99 22.96 -7.22 27.17
N SER A 100 22.03 -8.12 27.43
CA SER A 100 22.37 -9.39 28.15
C SER A 100 21.34 -10.47 27.80
N ILE A 101 21.69 -11.36 26.90
CA ILE A 101 20.76 -12.47 26.52
C ILE A 101 21.02 -13.69 27.42
N ARG A 102 19.98 -14.24 28.01
CA ARG A 102 20.14 -15.43 28.90
C ARG A 102 20.01 -16.72 28.08
N GLY A 1 6.06 -25.24 -16.73
CA GLY A 1 5.79 -23.83 -16.33
C GLY A 1 4.33 -23.49 -16.66
N PRO A 2 3.41 -23.76 -15.73
CA PRO A 2 1.97 -23.44 -15.95
C PRO A 2 1.76 -21.94 -16.21
N GLU A 3 1.16 -21.60 -17.34
CA GLU A 3 0.91 -20.16 -17.68
C GLU A 3 -0.47 -19.70 -17.16
N ASP A 4 -0.76 -20.00 -15.91
CA ASP A 4 -2.09 -19.64 -15.33
C ASP A 4 -2.10 -18.15 -14.95
N THR A 5 -2.30 -17.29 -15.93
CA THR A 5 -2.33 -15.82 -15.66
C THR A 5 -3.78 -15.30 -15.77
N LEU A 6 -4.70 -15.93 -15.07
CA LEU A 6 -6.13 -15.50 -15.10
C LEU A 6 -6.34 -14.28 -14.19
N PRO A 7 -6.78 -13.16 -14.74
CA PRO A 7 -7.24 -12.02 -13.89
C PRO A 7 -8.51 -12.39 -13.09
N PHE A 8 -8.52 -12.13 -11.81
CA PHE A 8 -9.80 -12.13 -11.04
C PHE A 8 -9.66 -11.29 -9.75
N LEU A 9 -9.20 -10.07 -9.88
CA LEU A 9 -9.01 -9.19 -8.69
C LEU A 9 -9.00 -7.72 -9.11
N LYS A 10 -9.99 -6.96 -8.68
CA LYS A 10 -10.03 -5.50 -9.00
C LYS A 10 -9.53 -4.69 -7.80
N CYS A 11 -8.64 -3.75 -8.05
CA CYS A 11 -8.07 -2.92 -6.94
C CYS A 11 -8.47 -1.46 -7.12
N TYR A 12 -8.81 -0.78 -6.05
CA TYR A 12 -9.15 0.68 -6.12
C TYR A 12 -7.87 1.52 -6.08
N CYS A 13 -7.83 2.59 -6.85
CA CYS A 13 -6.59 3.45 -6.91
C CYS A 13 -6.89 4.85 -6.35
N SER A 14 -5.99 5.38 -5.55
CA SER A 14 -6.14 6.77 -5.04
C SER A 14 -4.91 7.61 -5.43
N GLY A 15 -5.14 8.82 -5.89
CA GLY A 15 -4.00 9.71 -6.29
C GLY A 15 -3.44 9.24 -7.64
N HIS A 16 -2.84 8.08 -7.67
CA HIS A 16 -2.19 7.57 -8.92
C HIS A 16 -2.98 6.41 -9.51
N CYS A 17 -3.47 6.57 -10.72
CA CYS A 17 -4.17 5.45 -11.42
C CYS A 17 -3.72 5.42 -12.90
N PRO A 18 -3.45 4.23 -13.44
CA PRO A 18 -2.83 4.15 -14.81
C PRO A 18 -3.73 4.80 -15.87
N ASP A 19 -3.15 5.30 -16.93
CA ASP A 19 -3.92 6.10 -17.94
C ASP A 19 -5.05 5.26 -18.57
N ASP A 20 -4.88 3.96 -18.64
CA ASP A 20 -5.92 3.09 -19.27
C ASP A 20 -6.93 2.56 -18.24
N ALA A 21 -6.97 3.13 -17.05
CA ALA A 21 -7.82 2.56 -15.96
C ALA A 21 -9.28 2.95 -16.17
N ILE A 22 -10.19 2.25 -15.52
CA ILE A 22 -11.65 2.53 -15.70
C ILE A 22 -12.29 2.76 -14.32
N ASN A 23 -13.20 3.71 -14.22
CA ASN A 23 -13.87 4.08 -12.92
C ASN A 23 -12.93 4.05 -11.70
N ASN A 24 -11.72 4.57 -11.87
CA ASN A 24 -10.70 4.58 -10.77
C ASN A 24 -10.44 3.17 -10.22
N THR A 25 -10.35 2.18 -11.09
CA THR A 25 -9.97 0.80 -10.65
C THR A 25 -9.07 0.14 -11.70
N CYS A 26 -8.36 -0.90 -11.32
CA CYS A 26 -7.48 -1.64 -12.28
C CYS A 26 -7.60 -3.15 -12.04
N ILE A 27 -7.18 -3.93 -13.02
CA ILE A 27 -7.31 -5.43 -12.92
C ILE A 27 -5.92 -6.05 -12.73
N THR A 28 -5.80 -6.95 -11.77
CA THR A 28 -4.48 -7.60 -11.50
C THR A 28 -4.65 -9.11 -11.24
N ASN A 29 -3.63 -9.88 -11.54
CA ASN A 29 -3.59 -11.31 -11.08
C ASN A 29 -2.53 -11.49 -9.99
N GLY A 30 -2.27 -10.45 -9.21
CA GLY A 30 -1.29 -10.55 -8.09
C GLY A 30 -1.97 -10.12 -6.79
N HIS A 31 -1.85 -8.86 -6.44
CA HIS A 31 -2.53 -8.32 -5.21
C HIS A 31 -2.90 -6.85 -5.43
N CYS A 32 -3.65 -6.28 -4.52
CA CYS A 32 -3.80 -4.79 -4.48
C CYS A 32 -2.76 -4.24 -3.51
N PHE A 33 -2.13 -3.13 -3.85
CA PHE A 33 -1.05 -2.57 -2.98
C PHE A 33 -1.29 -1.07 -2.71
N ALA A 34 -0.84 -0.60 -1.57
CA ALA A 34 -1.03 0.83 -1.21
C ALA A 34 0.12 1.29 -0.31
N ILE A 35 0.56 2.52 -0.47
CA ILE A 35 1.78 3.01 0.26
C ILE A 35 1.61 4.48 0.67
N ILE A 36 2.22 4.86 1.77
CA ILE A 36 2.15 6.28 2.24
C ILE A 36 3.56 6.75 2.65
N GLU A 37 3.86 8.01 2.43
CA GLU A 37 5.27 8.49 2.52
C GLU A 37 5.29 9.93 3.03
N GLU A 38 6.29 10.28 3.81
CA GLU A 38 6.34 11.65 4.41
C GLU A 38 7.33 12.53 3.63
N ASP A 39 6.83 13.61 3.04
CA ASP A 39 7.70 14.48 2.18
C ASP A 39 8.41 15.54 3.03
N ASP A 40 9.27 16.32 2.42
CA ASP A 40 10.12 17.29 3.20
C ASP A 40 9.27 18.32 3.96
N GLN A 41 8.02 18.49 3.60
CA GLN A 41 7.13 19.45 4.33
C GLN A 41 6.33 18.76 5.46
N GLY A 42 6.35 17.44 5.53
CA GLY A 42 5.64 16.71 6.63
C GLY A 42 4.19 16.41 6.23
N GLU A 43 3.88 16.39 4.95
CA GLU A 43 2.54 15.88 4.49
C GLU A 43 2.68 14.42 4.04
N THR A 44 1.67 13.62 4.29
CA THR A 44 1.69 12.19 3.84
C THR A 44 0.99 12.05 2.48
N THR A 45 1.67 11.47 1.51
CA THR A 45 1.05 11.26 0.17
C THR A 45 0.50 9.83 0.05
N LEU A 46 -0.77 9.70 -0.24
CA LEU A 46 -1.39 8.34 -0.38
C LEU A 46 -1.45 7.93 -1.85
N ALA A 47 -0.95 6.77 -2.19
CA ALA A 47 -1.07 6.25 -3.59
C ALA A 47 -1.29 4.73 -3.58
N SER A 48 -2.08 4.23 -4.50
CA SER A 48 -2.34 2.76 -4.59
C SER A 48 -2.46 2.36 -6.06
N GLY A 49 -2.42 1.07 -6.33
CA GLY A 49 -2.53 0.58 -7.75
C GLY A 49 -2.52 -0.95 -7.78
N CYS A 50 -2.34 -1.52 -8.96
CA CYS A 50 -2.40 -3.01 -9.12
C CYS A 50 -0.97 -3.58 -9.12
N MET A 51 -0.76 -4.64 -8.36
CA MET A 51 0.60 -5.29 -8.31
C MET A 51 0.60 -6.55 -9.18
N LYS A 52 1.59 -6.66 -10.05
CA LYS A 52 1.72 -7.90 -10.90
C LYS A 52 2.00 -9.13 -10.03
N TYR A 53 1.98 -10.30 -10.62
CA TYR A 53 2.18 -11.57 -9.84
C TYR A 53 3.61 -11.62 -9.25
N GLU A 54 3.73 -12.08 -8.03
CA GLU A 54 5.08 -12.18 -7.38
C GLU A 54 5.27 -13.57 -6.75
N GLY A 55 4.28 -14.04 -6.02
CA GLY A 55 4.36 -15.38 -5.38
C GLY A 55 4.73 -15.21 -3.91
N SER A 56 4.21 -14.18 -3.27
CA SER A 56 4.47 -13.98 -1.81
C SER A 56 3.34 -13.13 -1.19
N ASP A 57 2.53 -13.75 -0.36
CA ASP A 57 1.37 -13.01 0.25
C ASP A 57 1.84 -12.15 1.43
N PHE A 58 2.63 -12.73 2.31
CA PHE A 58 3.04 -12.01 3.57
C PHE A 58 4.19 -11.03 3.30
N GLN A 59 4.93 -11.23 2.23
CA GLN A 59 6.16 -10.41 1.99
C GLN A 59 5.79 -8.99 1.57
N CYS A 60 5.53 -8.13 2.52
CA CYS A 60 5.27 -6.68 2.22
C CYS A 60 5.96 -5.79 3.26
N LYS A 61 7.10 -6.21 3.74
CA LYS A 61 7.81 -5.45 4.83
C LYS A 61 8.60 -4.29 4.22
N ASP A 62 9.09 -3.40 5.06
CA ASP A 62 9.90 -2.23 4.57
C ASP A 62 11.37 -2.41 4.95
N SER A 63 12.23 -2.56 3.96
CA SER A 63 13.70 -2.73 4.24
C SER A 63 14.33 -1.36 4.55
N PRO A 64 15.37 -1.36 5.39
CA PRO A 64 16.11 -0.10 5.67
C PRO A 64 17.15 0.18 4.57
N LYS A 65 16.70 0.26 3.33
CA LYS A 65 17.64 0.49 2.19
C LYS A 65 16.88 1.12 1.01
N ALA A 66 16.13 2.17 1.29
CA ALA A 66 15.16 2.70 0.28
C ALA A 66 14.88 4.18 0.54
N GLN A 67 13.89 4.72 -0.13
CA GLN A 67 13.59 6.19 -0.05
C GLN A 67 13.16 6.58 1.38
N LEU A 68 12.68 7.78 1.55
CA LEU A 68 12.43 8.34 2.93
C LEU A 68 11.34 7.50 3.63
N ARG A 69 11.07 7.74 4.89
CA ARG A 69 10.32 6.75 5.73
C ARG A 69 8.87 6.64 5.25
N ARG A 70 8.28 5.47 5.39
CA ARG A 70 6.94 5.21 4.78
C ARG A 70 6.27 4.00 5.45
N THR A 71 4.99 3.84 5.22
CA THR A 71 4.29 2.59 5.63
C THR A 71 3.58 1.98 4.41
N ILE A 72 3.46 0.69 4.35
CA ILE A 72 2.93 0.02 3.13
C ILE A 72 2.04 -1.18 3.50
N GLU A 73 1.12 -1.54 2.63
CA GLU A 73 0.21 -2.68 2.93
C GLU A 73 -0.16 -3.42 1.63
N CYS A 74 -0.51 -4.68 1.74
CA CYS A 74 -0.95 -5.47 0.55
C CYS A 74 -2.08 -6.44 0.93
N CYS A 75 -2.94 -6.77 -0.01
CA CYS A 75 -4.15 -7.60 0.32
C CYS A 75 -4.67 -8.31 -0.94
N ARG A 76 -4.98 -9.58 -0.81
CA ARG A 76 -5.37 -10.41 -2.01
C ARG A 76 -6.88 -10.71 -1.98
N THR A 77 -7.68 -9.68 -1.79
CA THR A 77 -9.17 -9.86 -1.82
C THR A 77 -9.82 -8.64 -2.47
N ASN A 78 -10.97 -8.83 -3.08
CA ASN A 78 -11.50 -7.79 -4.04
C ASN A 78 -11.77 -6.45 -3.33
N LEU A 79 -11.32 -5.36 -3.92
CA LEU A 79 -11.51 -3.98 -3.35
C LEU A 79 -11.06 -3.90 -1.88
N CYS A 80 -10.11 -4.73 -1.48
CA CYS A 80 -9.53 -4.62 -0.10
C CYS A 80 -8.82 -3.27 0.11
N ASN A 81 -8.39 -2.62 -0.94
CA ASN A 81 -7.72 -1.29 -0.80
C ASN A 81 -8.73 -0.19 -0.46
N GLN A 82 -9.96 -0.33 -0.91
CA GLN A 82 -10.94 0.80 -0.83
C GLN A 82 -11.19 1.19 0.64
N TYR A 83 -11.29 0.22 1.51
CA TYR A 83 -11.55 0.51 2.96
C TYR A 83 -10.26 0.44 3.80
N LEU A 84 -9.10 0.49 3.17
CA LEU A 84 -7.81 0.34 3.93
C LEU A 84 -7.01 1.64 3.87
N GLN A 85 -6.92 2.33 4.98
CA GLN A 85 -6.06 3.56 5.06
C GLN A 85 -4.69 3.21 5.70
N PRO A 86 -3.59 3.43 4.99
CA PRO A 86 -2.25 3.23 5.59
C PRO A 86 -1.96 4.32 6.63
N THR A 87 -1.30 3.96 7.70
CA THR A 87 -0.94 4.97 8.76
C THR A 87 0.48 4.71 9.26
N LEU A 88 1.16 5.75 9.68
CA LEU A 88 2.56 5.59 10.19
C LEU A 88 2.56 4.87 11.55
N PRO A 89 3.65 4.18 11.87
CA PRO A 89 3.71 3.42 13.15
C PRO A 89 3.73 4.38 14.35
N PRO A 90 3.28 3.92 15.51
CA PRO A 90 3.31 4.79 16.72
C PRO A 90 4.75 5.13 17.12
N VAL A 91 4.92 6.05 18.05
CA VAL A 91 6.30 6.44 18.50
C VAL A 91 6.82 5.37 19.48
N VAL A 92 8.10 5.37 19.75
CA VAL A 92 8.71 4.34 20.65
C VAL A 92 9.86 4.96 21.44
N ILE A 93 9.88 4.75 22.74
CA ILE A 93 11.04 5.19 23.57
C ILE A 93 12.08 4.06 23.66
N GLY A 94 13.31 4.35 23.28
CA GLY A 94 14.40 3.33 23.32
C GLY A 94 14.68 2.93 24.78
N PRO A 95 15.00 3.91 25.63
CA PRO A 95 15.14 3.65 27.10
C PRO A 95 13.84 3.08 27.69
N PHE A 96 13.94 2.32 28.75
CA PHE A 96 12.73 1.69 29.37
C PHE A 96 12.96 1.40 30.85
N PHE A 97 11.91 1.22 31.61
CA PHE A 97 12.03 0.90 33.07
C PHE A 97 10.77 0.19 33.55
N ASP A 98 10.77 -0.25 34.79
CA ASP A 98 9.56 -0.98 35.34
C ASP A 98 8.48 0.03 35.75
N GLY A 99 7.40 0.07 35.01
CA GLY A 99 6.28 1.01 35.33
C GLY A 99 4.95 0.41 34.87
N SER A 100 4.60 -0.74 35.39
CA SER A 100 3.33 -1.43 34.96
C SER A 100 2.12 -0.79 35.65
N ILE A 101 1.05 -0.58 34.92
CA ILE A 101 -0.18 0.01 35.51
C ILE A 101 -1.10 -1.11 36.01
N ARG A 102 -1.66 -0.96 37.19
CA ARG A 102 -2.57 -2.00 37.75
C ARG A 102 -3.51 -1.38 38.79
N GLY A 1 2.81 -27.57 -15.54
CA GLY A 1 2.37 -27.96 -16.91
C GLY A 1 1.21 -27.07 -17.35
N PRO A 2 0.03 -27.26 -16.77
CA PRO A 2 -1.16 -26.43 -17.14
C PRO A 2 -0.90 -24.94 -16.91
N GLU A 3 -1.05 -24.13 -17.94
CA GLU A 3 -0.82 -22.65 -17.81
C GLU A 3 -2.13 -21.94 -17.42
N ASP A 4 -2.83 -22.45 -16.43
CA ASP A 4 -4.14 -21.85 -16.04
C ASP A 4 -3.91 -20.57 -15.22
N THR A 5 -3.71 -19.47 -15.90
CA THR A 5 -3.49 -18.15 -15.21
C THR A 5 -4.36 -17.07 -15.84
N LEU A 6 -5.31 -16.54 -15.10
CA LEU A 6 -6.17 -15.44 -15.61
C LEU A 6 -6.46 -14.44 -14.48
N PRO A 7 -6.57 -13.15 -14.80
CA PRO A 7 -6.83 -12.11 -13.75
C PRO A 7 -8.14 -12.40 -12.99
N PHE A 8 -8.16 -12.14 -11.70
CA PHE A 8 -9.42 -12.30 -10.91
C PHE A 8 -9.39 -11.44 -9.63
N LEU A 9 -9.03 -10.18 -9.78
CA LEU A 9 -8.83 -9.30 -8.59
C LEU A 9 -8.87 -7.82 -9.01
N LYS A 10 -9.85 -7.09 -8.52
CA LYS A 10 -9.93 -5.62 -8.81
C LYS A 10 -9.38 -4.82 -7.64
N CYS A 11 -8.54 -3.84 -7.92
CA CYS A 11 -7.94 -3.00 -6.84
C CYS A 11 -8.32 -1.53 -7.05
N TYR A 12 -8.62 -0.81 -5.99
CA TYR A 12 -8.96 0.65 -6.13
C TYR A 12 -7.67 1.48 -6.20
N CYS A 13 -7.70 2.58 -6.92
CA CYS A 13 -6.49 3.45 -7.06
C CYS A 13 -6.73 4.83 -6.46
N SER A 14 -5.77 5.36 -5.73
CA SER A 14 -5.90 6.73 -5.15
C SER A 14 -4.73 7.60 -5.61
N GLY A 15 -4.99 8.84 -5.95
CA GLY A 15 -3.92 9.76 -6.43
C GLY A 15 -3.53 9.40 -7.85
N HIS A 16 -2.94 8.24 -8.05
CA HIS A 16 -2.47 7.84 -9.42
C HIS A 16 -3.26 6.62 -9.92
N CYS A 17 -3.82 6.72 -11.10
CA CYS A 17 -4.51 5.56 -11.73
C CYS A 17 -4.15 5.50 -13.23
N PRO A 18 -3.87 4.31 -13.75
CA PRO A 18 -3.34 4.19 -15.15
C PRO A 18 -4.35 4.76 -16.17
N ASP A 19 -3.86 5.25 -17.28
CA ASP A 19 -4.74 5.98 -18.27
C ASP A 19 -5.87 5.08 -18.78
N ASP A 20 -5.66 3.79 -18.81
CA ASP A 20 -6.69 2.85 -19.35
C ASP A 20 -7.62 2.32 -18.23
N ALA A 21 -7.60 2.93 -17.07
CA ALA A 21 -8.35 2.37 -15.89
C ALA A 21 -9.84 2.71 -16.01
N ILE A 22 -10.68 2.00 -15.28
CA ILE A 22 -12.16 2.24 -15.35
C ILE A 22 -12.68 2.51 -13.94
N ASN A 23 -13.58 3.48 -13.79
CA ASN A 23 -14.16 3.89 -12.45
C ASN A 23 -13.11 3.87 -11.31
N ASN A 24 -11.93 4.37 -11.58
CA ASN A 24 -10.81 4.39 -10.56
C ASN A 24 -10.53 2.98 -10.01
N THR A 25 -10.52 1.99 -10.87
CA THR A 25 -10.12 0.61 -10.45
C THR A 25 -9.27 -0.05 -11.55
N CYS A 26 -8.53 -1.09 -11.19
CA CYS A 26 -7.66 -1.79 -12.18
C CYS A 26 -7.70 -3.30 -11.94
N ILE A 27 -7.22 -4.07 -12.92
CA ILE A 27 -7.33 -5.56 -12.84
C ILE A 27 -5.93 -6.16 -12.74
N THR A 28 -5.72 -7.07 -11.82
CA THR A 28 -4.36 -7.70 -11.64
C THR A 28 -4.48 -9.18 -11.24
N ASN A 29 -3.47 -9.96 -11.51
CA ASN A 29 -3.37 -11.33 -10.92
C ASN A 29 -2.20 -11.41 -9.91
N GLY A 30 -1.86 -10.30 -9.29
CA GLY A 30 -0.85 -10.31 -8.19
C GLY A 30 -1.54 -9.97 -6.87
N HIS A 31 -1.49 -8.70 -6.48
CA HIS A 31 -2.22 -8.25 -5.26
C HIS A 31 -2.66 -6.79 -5.42
N CYS A 32 -3.44 -6.28 -4.50
CA CYS A 32 -3.70 -4.81 -4.44
C CYS A 32 -2.69 -4.19 -3.47
N PHE A 33 -2.14 -3.04 -3.80
CA PHE A 33 -1.12 -2.40 -2.90
C PHE A 33 -1.50 -0.94 -2.61
N ALA A 34 -1.09 -0.46 -1.46
CA ALA A 34 -1.28 0.99 -1.14
C ALA A 34 -0.17 1.44 -0.18
N ILE A 35 0.32 2.64 -0.35
CA ILE A 35 1.55 3.08 0.39
C ILE A 35 1.43 4.54 0.81
N ILE A 36 2.03 4.89 1.92
CA ILE A 36 2.04 6.32 2.41
C ILE A 36 3.45 6.69 2.88
N GLU A 37 3.85 7.92 2.67
CA GLU A 37 5.28 8.32 2.89
C GLU A 37 5.35 9.79 3.30
N GLU A 38 6.21 10.09 4.26
CA GLU A 38 6.36 11.51 4.72
C GLU A 38 7.63 12.12 4.11
N ASP A 39 7.46 13.15 3.30
CA ASP A 39 8.63 13.74 2.57
C ASP A 39 9.32 14.80 3.45
N ASP A 40 10.42 15.34 2.98
CA ASP A 40 11.24 16.29 3.83
C ASP A 40 10.42 17.53 4.25
N GLN A 41 9.32 17.81 3.59
CA GLN A 41 8.47 18.98 3.99
C GLN A 41 7.37 18.58 4.99
N GLY A 42 7.15 17.30 5.20
CA GLY A 42 6.14 16.84 6.20
C GLY A 42 4.75 16.66 5.54
N GLU A 43 4.70 16.48 4.23
CA GLU A 43 3.42 16.11 3.56
C GLU A 43 3.35 14.59 3.36
N THR A 44 2.20 14.00 3.58
CA THR A 44 2.03 12.54 3.35
C THR A 44 1.46 12.28 1.96
N THR A 45 2.13 11.49 1.16
CA THR A 45 1.64 11.16 -0.21
C THR A 45 0.91 9.80 -0.20
N LEU A 46 -0.37 9.81 -0.45
CA LEU A 46 -1.16 8.53 -0.50
C LEU A 46 -1.32 8.07 -1.96
N ALA A 47 -0.94 6.84 -2.25
CA ALA A 47 -1.13 6.28 -3.62
C ALA A 47 -1.42 4.78 -3.55
N SER A 48 -2.26 4.29 -4.43
CA SER A 48 -2.54 2.83 -4.52
C SER A 48 -2.73 2.42 -5.98
N GLY A 49 -2.72 1.12 -6.26
CA GLY A 49 -2.92 0.64 -7.66
C GLY A 49 -2.73 -0.87 -7.74
N CYS A 50 -2.55 -1.39 -8.94
CA CYS A 50 -2.44 -2.86 -9.14
C CYS A 50 -0.98 -3.29 -9.19
N MET A 51 -0.63 -4.34 -8.47
CA MET A 51 0.75 -4.90 -8.55
C MET A 51 0.76 -6.12 -9.47
N LYS A 52 1.56 -6.07 -10.52
CA LYS A 52 1.61 -7.23 -11.49
C LYS A 52 2.28 -8.45 -10.84
N TYR A 53 2.09 -9.62 -11.43
CA TYR A 53 2.76 -10.85 -10.91
C TYR A 53 4.28 -10.75 -11.07
N GLU A 54 5.02 -10.94 -9.99
CA GLU A 54 6.52 -10.85 -10.06
C GLU A 54 7.18 -12.10 -9.48
N GLY A 55 6.50 -13.22 -9.51
CA GLY A 55 7.08 -14.49 -8.98
C GLY A 55 6.57 -14.76 -7.56
N SER A 56 6.42 -13.73 -6.77
CA SER A 56 6.02 -13.91 -5.34
C SER A 56 4.54 -14.30 -5.25
N ASP A 57 4.25 -15.39 -4.57
CA ASP A 57 2.83 -15.79 -4.33
C ASP A 57 2.22 -14.91 -3.23
N PHE A 58 2.97 -14.69 -2.17
CA PHE A 58 2.50 -13.76 -1.08
C PHE A 58 3.71 -13.20 -0.31
N GLN A 59 4.83 -13.04 -0.97
CA GLN A 59 6.06 -12.49 -0.29
C GLN A 59 5.95 -10.97 -0.14
N CYS A 60 5.27 -10.52 0.90
CA CYS A 60 5.12 -9.05 1.14
C CYS A 60 5.96 -8.64 2.36
N LYS A 61 7.19 -9.11 2.42
CA LYS A 61 8.07 -8.78 3.60
C LYS A 61 8.67 -7.39 3.44
N ASP A 62 9.24 -6.86 4.51
CA ASP A 62 9.95 -5.55 4.43
C ASP A 62 11.41 -5.72 4.86
N SER A 63 12.31 -5.02 4.21
CA SER A 63 13.77 -5.15 4.55
C SER A 63 14.09 -4.43 5.87
N PRO A 64 14.95 -5.00 6.70
CA PRO A 64 15.28 -4.37 8.01
C PRO A 64 16.39 -3.30 7.85
N LYS A 65 16.16 -2.32 7.00
CA LYS A 65 17.11 -1.18 6.88
C LYS A 65 16.39 0.06 6.34
N ALA A 66 15.15 0.24 6.73
CA ALA A 66 14.36 1.42 6.26
C ALA A 66 14.68 2.64 7.12
N GLN A 67 15.22 3.68 6.52
CA GLN A 67 15.59 4.91 7.29
C GLN A 67 14.66 6.08 6.93
N LEU A 68 13.37 5.84 6.97
CA LEU A 68 12.38 6.91 6.65
C LEU A 68 11.05 6.62 7.34
N ARG A 69 10.26 7.63 7.60
CA ARG A 69 8.87 7.41 8.14
C ARG A 69 7.94 6.96 7.02
N ARG A 70 7.42 5.76 7.11
CA ARG A 70 6.62 5.18 5.98
C ARG A 70 5.77 4.00 6.48
N THR A 71 4.61 3.83 5.89
CA THR A 71 3.80 2.61 6.14
C THR A 71 3.28 2.04 4.81
N ILE A 72 3.11 0.75 4.72
CA ILE A 72 2.62 0.12 3.45
C ILE A 72 1.68 -1.05 3.77
N GLU A 73 0.82 -1.40 2.84
CA GLU A 73 -0.15 -2.52 3.06
C GLU A 73 -0.36 -3.30 1.77
N CYS A 74 -0.58 -4.59 1.88
CA CYS A 74 -0.79 -5.47 0.67
C CYS A 74 -1.84 -6.54 0.98
N CYS A 75 -2.70 -6.85 0.04
CA CYS A 75 -3.86 -7.75 0.32
C CYS A 75 -4.38 -8.41 -0.97
N ARG A 76 -4.66 -9.70 -0.89
CA ARG A 76 -5.08 -10.46 -2.11
C ARG A 76 -6.58 -10.80 -2.05
N THR A 77 -7.40 -9.80 -1.81
CA THR A 77 -8.88 -10.00 -1.82
C THR A 77 -9.57 -8.77 -2.42
N ASN A 78 -10.71 -8.94 -3.03
CA ASN A 78 -11.28 -7.89 -3.94
C ASN A 78 -11.54 -6.57 -3.19
N LEU A 79 -11.10 -5.47 -3.75
CA LEU A 79 -11.30 -4.11 -3.14
C LEU A 79 -10.83 -4.06 -1.68
N CYS A 80 -9.88 -4.90 -1.32
CA CYS A 80 -9.30 -4.85 0.07
C CYS A 80 -8.60 -3.51 0.35
N ASN A 81 -8.17 -2.81 -0.68
CA ASN A 81 -7.50 -1.49 -0.49
C ASN A 81 -8.51 -0.34 -0.57
N GLN A 82 -9.65 -0.53 -1.21
CA GLN A 82 -10.65 0.57 -1.37
C GLN A 82 -11.14 1.06 0.00
N TYR A 83 -11.31 0.16 0.94
CA TYR A 83 -11.74 0.54 2.32
C TYR A 83 -10.55 0.59 3.29
N LEU A 84 -9.33 0.63 2.79
CA LEU A 84 -8.13 0.56 3.68
C LEU A 84 -7.32 1.86 3.58
N GLN A 85 -7.30 2.64 4.64
CA GLN A 85 -6.42 3.85 4.70
C GLN A 85 -5.11 3.50 5.43
N PRO A 86 -3.97 3.65 4.78
CA PRO A 86 -2.66 3.44 5.48
C PRO A 86 -2.40 4.58 6.47
N THR A 87 -1.84 4.25 7.61
CA THR A 87 -1.55 5.29 8.65
C THR A 87 -0.19 5.03 9.28
N LEU A 88 0.49 6.07 9.71
CA LEU A 88 1.83 5.91 10.37
C LEU A 88 1.66 5.28 11.77
N PRO A 89 2.70 4.60 12.27
CA PRO A 89 2.60 3.95 13.61
C PRO A 89 2.37 5.01 14.72
N PRO A 90 1.70 4.63 15.79
CA PRO A 90 1.37 5.61 16.87
C PRO A 90 2.64 6.09 17.58
N VAL A 91 2.76 7.38 17.81
CA VAL A 91 3.95 7.93 18.52
C VAL A 91 3.52 9.20 19.27
N VAL A 92 4.34 9.68 20.17
CA VAL A 92 3.99 10.91 20.97
C VAL A 92 4.49 12.15 20.22
N ILE A 93 3.59 13.05 19.88
CA ILE A 93 3.99 14.31 19.17
C ILE A 93 3.02 15.44 19.54
N GLY A 94 2.76 15.60 20.81
CA GLY A 94 1.79 16.65 21.28
C GLY A 94 0.38 16.03 21.34
N PRO A 95 0.02 15.41 22.46
CA PRO A 95 -1.32 14.76 22.59
C PRO A 95 -2.45 15.77 22.38
N PHE A 96 -3.56 15.32 21.82
CA PHE A 96 -4.72 16.23 21.56
C PHE A 96 -5.58 16.34 22.82
N PHE A 97 -6.01 17.54 23.16
CA PHE A 97 -6.86 17.74 24.38
C PHE A 97 -8.27 17.19 24.14
N ASP A 98 -8.87 16.61 25.17
CA ASP A 98 -10.25 16.05 25.02
C ASP A 98 -10.94 16.00 26.39
N GLY A 99 -11.74 17.00 26.68
CA GLY A 99 -12.47 17.06 27.99
C GLY A 99 -11.55 17.68 29.05
N SER A 100 -11.99 17.69 30.29
CA SER A 100 -11.17 18.28 31.39
C SER A 100 -10.11 17.28 31.85
N ILE A 101 -9.00 17.76 32.37
CA ILE A 101 -7.91 16.86 32.86
C ILE A 101 -8.16 16.53 34.35
N ARG A 102 -8.03 15.27 34.71
CA ARG A 102 -8.24 14.87 36.14
C ARG A 102 -7.50 13.55 36.43
N GLY A 1 2.36 -23.15 -24.57
CA GLY A 1 2.07 -24.13 -23.48
C GLY A 1 0.68 -23.85 -22.89
N PRO A 2 0.39 -24.42 -21.73
CA PRO A 2 -0.93 -24.21 -21.07
C PRO A 2 -1.19 -22.71 -20.79
N GLU A 3 -2.24 -22.17 -21.35
CA GLU A 3 -2.58 -20.72 -21.13
C GLU A 3 -3.50 -20.55 -19.91
N ASP A 4 -3.18 -21.19 -18.82
CA ASP A 4 -4.05 -21.12 -17.60
C ASP A 4 -3.80 -19.81 -16.83
N THR A 5 -4.06 -18.69 -17.47
CA THR A 5 -3.83 -17.37 -16.81
C THR A 5 -5.05 -16.46 -17.01
N LEU A 6 -5.76 -16.16 -15.96
CA LEU A 6 -6.97 -15.28 -16.05
C LEU A 6 -7.04 -14.37 -14.82
N PRO A 7 -6.99 -13.05 -15.00
CA PRO A 7 -7.03 -12.11 -13.84
C PRO A 7 -8.34 -12.26 -13.04
N PHE A 8 -8.26 -12.15 -11.73
CA PHE A 8 -9.49 -12.31 -10.88
C PHE A 8 -9.39 -11.44 -9.61
N LEU A 9 -9.00 -10.19 -9.76
CA LEU A 9 -8.73 -9.33 -8.59
C LEU A 9 -8.75 -7.85 -9.00
N LYS A 10 -9.74 -7.11 -8.54
CA LYS A 10 -9.82 -5.65 -8.87
C LYS A 10 -9.29 -4.81 -7.70
N CYS A 11 -8.48 -3.82 -8.00
CA CYS A 11 -7.86 -2.99 -6.92
C CYS A 11 -8.25 -1.52 -7.09
N TYR A 12 -8.52 -0.84 -6.00
CA TYR A 12 -8.87 0.62 -6.09
C TYR A 12 -7.59 1.46 -6.17
N CYS A 13 -7.63 2.53 -6.95
CA CYS A 13 -6.41 3.39 -7.11
C CYS A 13 -6.66 4.79 -6.54
N SER A 14 -5.70 5.33 -5.82
CA SER A 14 -5.82 6.73 -5.29
C SER A 14 -4.65 7.59 -5.79
N GLY A 15 -4.92 8.81 -6.18
CA GLY A 15 -3.83 9.71 -6.66
C GLY A 15 -3.42 9.31 -8.08
N HIS A 16 -2.82 8.15 -8.23
CA HIS A 16 -2.32 7.71 -9.57
C HIS A 16 -3.13 6.51 -10.07
N CYS A 17 -3.73 6.62 -11.23
CA CYS A 17 -4.44 5.47 -11.86
C CYS A 17 -4.13 5.44 -13.37
N PRO A 18 -3.86 4.26 -13.92
CA PRO A 18 -3.37 4.19 -15.34
C PRO A 18 -4.39 4.78 -16.32
N ASP A 19 -3.93 5.28 -17.44
CA ASP A 19 -4.83 6.02 -18.39
C ASP A 19 -5.97 5.13 -18.89
N ASP A 20 -5.74 3.83 -18.95
CA ASP A 20 -6.78 2.89 -19.48
C ASP A 20 -7.67 2.34 -18.34
N ALA A 21 -7.64 2.93 -17.17
CA ALA A 21 -8.37 2.36 -16.00
C ALA A 21 -9.86 2.69 -16.08
N ILE A 22 -10.68 1.97 -15.35
CA ILE A 22 -12.16 2.18 -15.42
C ILE A 22 -12.69 2.46 -14.01
N ASN A 23 -13.58 3.44 -13.89
CA ASN A 23 -14.14 3.89 -12.55
C ASN A 23 -13.09 3.89 -11.42
N ASN A 24 -11.89 4.37 -11.71
CA ASN A 24 -10.77 4.40 -10.71
C ASN A 24 -10.49 3.00 -10.13
N THR A 25 -10.47 1.99 -10.96
CA THR A 25 -10.02 0.63 -10.54
C THR A 25 -9.17 -0.03 -11.62
N CYS A 26 -8.40 -1.02 -11.26
CA CYS A 26 -7.55 -1.75 -12.26
C CYS A 26 -7.61 -3.27 -12.01
N ILE A 27 -7.22 -4.05 -13.00
CA ILE A 27 -7.34 -5.54 -12.91
C ILE A 27 -5.93 -6.15 -12.81
N THR A 28 -5.73 -7.05 -11.88
CA THR A 28 -4.37 -7.65 -11.70
C THR A 28 -4.48 -9.15 -11.36
N ASN A 29 -3.47 -9.91 -11.68
CA ASN A 29 -3.35 -11.32 -11.16
C ASN A 29 -2.24 -11.42 -10.09
N GLY A 30 -1.98 -10.33 -9.39
CA GLY A 30 -1.00 -10.36 -8.25
C GLY A 30 -1.72 -9.99 -6.95
N HIS A 31 -1.63 -8.73 -6.57
CA HIS A 31 -2.33 -8.26 -5.33
C HIS A 31 -2.70 -6.78 -5.46
N CYS A 32 -3.48 -6.27 -4.54
CA CYS A 32 -3.71 -4.80 -4.45
C CYS A 32 -2.73 -4.19 -3.46
N PHE A 33 -2.18 -3.04 -3.77
CA PHE A 33 -1.17 -2.40 -2.86
C PHE A 33 -1.52 -0.93 -2.64
N ALA A 34 -1.12 -0.38 -1.51
CA ALA A 34 -1.28 1.08 -1.25
C ALA A 34 -0.21 1.55 -0.28
N ILE A 35 0.41 2.68 -0.54
CA ILE A 35 1.64 3.09 0.20
C ILE A 35 1.54 4.56 0.63
N ILE A 36 2.15 4.88 1.75
CA ILE A 36 2.14 6.29 2.27
C ILE A 36 3.56 6.67 2.75
N GLU A 37 3.93 7.91 2.58
CA GLU A 37 5.34 8.34 2.85
C GLU A 37 5.37 9.81 3.29
N GLU A 38 6.23 10.13 4.22
CA GLU A 38 6.32 11.54 4.73
C GLU A 38 7.52 12.26 4.10
N ASP A 39 7.26 13.31 3.36
CA ASP A 39 8.36 14.02 2.62
C ASP A 39 9.01 15.08 3.51
N ASP A 40 10.05 15.72 3.03
CA ASP A 40 10.85 16.67 3.89
C ASP A 40 10.00 17.82 4.41
N GLN A 41 8.85 18.08 3.82
CA GLN A 41 7.95 19.18 4.30
C GLN A 41 6.90 18.67 5.31
N GLY A 42 6.76 17.37 5.46
CA GLY A 42 5.80 16.81 6.46
C GLY A 42 4.42 16.58 5.83
N GLU A 43 4.34 16.47 4.52
CA GLU A 43 3.06 16.04 3.85
C GLU A 43 3.10 14.55 3.56
N THR A 44 1.99 13.86 3.76
CA THR A 44 1.92 12.41 3.42
C THR A 44 1.35 12.21 2.02
N THR A 45 2.07 11.49 1.18
CA THR A 45 1.57 11.20 -0.20
C THR A 45 0.94 9.81 -0.25
N LEU A 46 -0.36 9.75 -0.46
CA LEU A 46 -1.07 8.44 -0.53
C LEU A 46 -1.29 8.02 -1.99
N ALA A 47 -0.88 6.83 -2.34
CA ALA A 47 -1.09 6.31 -3.71
C ALA A 47 -1.32 4.79 -3.69
N SER A 48 -2.15 4.29 -4.56
CA SER A 48 -2.40 2.81 -4.64
C SER A 48 -2.61 2.39 -6.09
N GLY A 49 -2.57 1.10 -6.36
CA GLY A 49 -2.72 0.61 -7.77
C GLY A 49 -2.59 -0.92 -7.81
N CYS A 50 -2.40 -1.46 -8.99
CA CYS A 50 -2.37 -2.95 -9.17
C CYS A 50 -0.92 -3.46 -9.13
N MET A 51 -0.67 -4.49 -8.36
CA MET A 51 0.69 -5.12 -8.33
C MET A 51 0.71 -6.37 -9.22
N LYS A 52 1.60 -6.40 -10.19
CA LYS A 52 1.75 -7.63 -11.05
C LYS A 52 2.26 -8.81 -10.22
N TYR A 53 2.27 -9.99 -10.79
CA TYR A 53 2.75 -11.21 -10.05
C TYR A 53 4.26 -11.08 -9.74
N GLU A 54 4.62 -11.23 -8.47
CA GLU A 54 6.06 -11.12 -8.08
C GLU A 54 6.54 -12.41 -7.42
N GLY A 55 5.75 -12.95 -6.51
CA GLY A 55 6.15 -14.20 -5.80
C GLY A 55 5.57 -14.21 -4.38
N SER A 56 5.50 -13.06 -3.76
CA SER A 56 4.96 -12.98 -2.36
C SER A 56 3.44 -13.17 -2.36
N ASP A 57 2.95 -14.15 -1.64
CA ASP A 57 1.49 -14.43 -1.60
C ASP A 57 0.77 -13.43 -0.70
N PHE A 58 1.40 -13.01 0.37
CA PHE A 58 0.77 -12.04 1.32
C PHE A 58 1.86 -11.27 2.09
N GLN A 59 2.80 -10.71 1.38
CA GLN A 59 3.96 -10.01 2.04
C GLN A 59 4.55 -8.96 1.09
N CYS A 60 4.54 -7.72 1.50
CA CYS A 60 5.24 -6.64 0.71
C CYS A 60 6.47 -6.16 1.48
N LYS A 61 7.62 -6.71 1.20
CA LYS A 61 8.85 -6.39 1.99
C LYS A 61 9.45 -5.07 1.52
N ASP A 62 10.35 -4.51 2.31
CA ASP A 62 11.09 -3.29 1.88
C ASP A 62 12.59 -3.57 1.85
N SER A 63 13.29 -2.99 0.90
CA SER A 63 14.76 -3.28 0.75
C SER A 63 15.55 -2.58 1.86
N PRO A 64 16.58 -3.23 2.40
CA PRO A 64 17.41 -2.61 3.48
C PRO A 64 18.38 -1.58 2.89
N LYS A 65 17.86 -0.53 2.29
CA LYS A 65 18.73 0.52 1.70
C LYS A 65 17.97 1.86 1.63
N ALA A 66 17.21 2.16 2.67
CA ALA A 66 16.44 3.43 2.71
C ALA A 66 16.15 3.82 4.16
N GLN A 67 16.24 5.10 4.47
CA GLN A 67 15.95 5.57 5.86
C GLN A 67 14.81 6.60 5.83
N LEU A 68 13.60 6.15 5.97
CA LEU A 68 12.42 7.08 5.97
C LEU A 68 11.25 6.45 6.74
N ARG A 69 10.37 7.28 7.27
CA ARG A 69 9.17 6.76 7.99
C ARG A 69 7.99 6.61 7.02
N ARG A 70 7.50 5.40 6.84
CA ARG A 70 6.41 5.16 5.84
C ARG A 70 5.70 3.83 6.13
N THR A 71 4.55 3.62 5.53
CA THR A 71 3.80 2.34 5.72
C THR A 71 3.32 1.83 4.35
N ILE A 72 3.21 0.53 4.19
CA ILE A 72 2.77 -0.06 2.89
C ILE A 72 1.90 -1.31 3.15
N GLU A 73 0.67 -1.27 2.68
CA GLU A 73 -0.27 -2.41 2.89
C GLU A 73 -0.46 -3.20 1.59
N CYS A 74 -0.70 -4.48 1.69
CA CYS A 74 -1.01 -5.33 0.49
C CYS A 74 -2.07 -6.37 0.84
N CYS A 75 -2.70 -6.96 -0.15
CA CYS A 75 -3.69 -8.05 0.13
C CYS A 75 -3.89 -8.97 -1.09
N ARG A 76 -4.22 -10.21 -0.85
CA ARG A 76 -4.71 -11.09 -1.96
C ARG A 76 -6.24 -11.17 -1.90
N THR A 77 -6.90 -10.05 -1.72
CA THR A 77 -8.38 -10.04 -1.55
C THR A 77 -8.99 -8.78 -2.19
N ASN A 78 -10.14 -8.92 -2.79
CA ASN A 78 -10.61 -7.89 -3.77
C ASN A 78 -11.01 -6.59 -3.06
N LEU A 79 -10.64 -5.46 -3.66
CA LEU A 79 -11.07 -4.12 -3.15
C LEU A 79 -10.78 -3.94 -1.65
N CYS A 80 -9.77 -4.62 -1.14
CA CYS A 80 -9.36 -4.39 0.30
C CYS A 80 -8.94 -2.93 0.53
N ASN A 81 -8.36 -2.30 -0.48
CA ASN A 81 -7.69 -0.98 -0.28
C ASN A 81 -8.70 0.18 -0.30
N GLN A 82 -9.85 -0.02 -0.91
CA GLN A 82 -10.84 1.11 -1.08
C GLN A 82 -11.30 1.62 0.30
N TYR A 83 -11.51 0.73 1.24
CA TYR A 83 -11.89 1.14 2.62
C TYR A 83 -10.68 1.13 3.58
N LEU A 84 -9.47 1.09 3.04
CA LEU A 84 -8.26 0.96 3.92
C LEU A 84 -7.48 2.28 3.95
N GLN A 85 -7.38 2.89 5.11
CA GLN A 85 -6.50 4.09 5.27
C GLN A 85 -5.13 3.66 5.82
N PRO A 86 -4.05 3.94 5.09
CA PRO A 86 -2.69 3.66 5.63
C PRO A 86 -2.35 4.63 6.76
N THR A 87 -1.67 4.15 7.77
CA THR A 87 -1.26 5.04 8.92
C THR A 87 0.16 4.70 9.36
N LEU A 88 0.88 5.68 9.87
CA LEU A 88 2.28 5.44 10.35
C LEU A 88 2.26 4.60 11.64
N PRO A 89 3.30 3.81 11.86
CA PRO A 89 3.34 2.94 13.08
C PRO A 89 3.47 3.80 14.35
N PRO A 90 2.92 3.31 15.46
CA PRO A 90 3.00 4.08 16.73
C PRO A 90 4.44 4.13 17.24
N VAL A 91 4.78 5.16 17.98
CA VAL A 91 6.18 5.30 18.52
C VAL A 91 6.32 4.40 19.76
N VAL A 92 7.53 4.15 20.20
CA VAL A 92 7.76 3.28 21.39
C VAL A 92 7.69 4.10 22.69
N ILE A 93 7.06 3.56 23.70
CA ILE A 93 6.96 4.28 25.01
C ILE A 93 6.83 3.27 26.16
N GLY A 94 7.67 3.39 27.17
CA GLY A 94 7.60 2.47 28.34
C GLY A 94 6.79 3.12 29.47
N PRO A 95 6.25 2.32 30.39
CA PRO A 95 5.47 2.87 31.54
C PRO A 95 6.33 3.82 32.39
N PHE A 96 6.17 5.11 32.18
CA PHE A 96 6.95 6.12 32.96
C PHE A 96 6.20 7.45 33.02
N PHE A 97 6.43 8.23 34.06
CA PHE A 97 5.76 9.56 34.18
C PHE A 97 6.60 10.49 35.06
N ASP A 98 6.94 11.66 34.56
CA ASP A 98 7.77 12.62 35.34
C ASP A 98 6.90 13.43 36.31
N GLY A 99 5.72 13.82 35.86
CA GLY A 99 4.79 14.59 36.74
C GLY A 99 5.29 16.03 36.86
N SER A 100 5.82 16.58 35.78
CA SER A 100 6.33 17.99 35.80
C SER A 100 5.17 18.98 35.67
N ILE A 101 5.38 20.21 36.08
CA ILE A 101 4.31 21.26 35.98
C ILE A 101 4.43 21.97 34.64
N ARG A 102 3.31 22.20 33.98
CA ARG A 102 3.33 22.91 32.65
C ARG A 102 1.98 23.56 32.38
N GLY A 1 8.20 -14.30 -17.87
CA GLY A 1 8.36 -15.67 -18.43
C GLY A 1 7.07 -16.48 -18.21
N PRO A 2 7.20 -17.79 -18.07
CA PRO A 2 6.00 -18.67 -17.85
C PRO A 2 5.22 -18.24 -16.59
N GLU A 3 3.99 -17.83 -16.77
CA GLU A 3 3.17 -17.34 -15.62
C GLU A 3 1.68 -17.51 -15.94
N ASP A 4 1.16 -18.72 -15.80
CA ASP A 4 -0.28 -18.97 -16.08
C ASP A 4 -1.14 -18.50 -14.89
N THR A 5 -1.52 -17.25 -14.89
CA THR A 5 -2.40 -16.70 -13.81
C THR A 5 -3.49 -15.80 -14.40
N LEU A 6 -4.73 -16.18 -14.26
CA LEU A 6 -5.85 -15.39 -14.86
C LEU A 6 -6.15 -14.15 -13.98
N PRO A 7 -6.64 -13.08 -14.59
CA PRO A 7 -7.19 -11.94 -13.81
C PRO A 7 -8.44 -12.35 -13.02
N PHE A 8 -8.44 -12.12 -11.73
CA PHE A 8 -9.73 -12.16 -10.95
C PHE A 8 -9.58 -11.35 -9.65
N LEU A 9 -9.14 -10.11 -9.77
CA LEU A 9 -8.91 -9.26 -8.55
C LEU A 9 -8.94 -7.78 -8.95
N LYS A 10 -9.90 -7.03 -8.46
CA LYS A 10 -10.00 -5.58 -8.78
C LYS A 10 -9.44 -4.75 -7.63
N CYS A 11 -8.61 -3.77 -7.93
CA CYS A 11 -7.97 -2.93 -6.86
C CYS A 11 -8.34 -1.46 -7.08
N TYR A 12 -8.62 -0.75 -6.01
CA TYR A 12 -8.91 0.72 -6.12
C TYR A 12 -7.60 1.52 -6.21
N CYS A 13 -7.59 2.56 -7.00
CA CYS A 13 -6.34 3.37 -7.18
C CYS A 13 -6.54 4.80 -6.65
N SER A 14 -5.55 5.32 -5.95
CA SER A 14 -5.63 6.71 -5.43
C SER A 14 -4.45 7.54 -5.92
N GLY A 15 -4.69 8.74 -6.39
CA GLY A 15 -3.59 9.62 -6.88
C GLY A 15 -3.16 9.18 -8.28
N HIS A 16 -2.58 8.00 -8.38
CA HIS A 16 -2.07 7.50 -9.70
C HIS A 16 -2.91 6.34 -10.20
N CYS A 17 -3.54 6.50 -11.34
CA CYS A 17 -4.29 5.37 -11.98
C CYS A 17 -4.02 5.38 -13.50
N PRO A 18 -3.76 4.20 -14.08
CA PRO A 18 -3.29 4.15 -15.50
C PRO A 18 -4.33 4.76 -16.45
N ASP A 19 -3.89 5.26 -17.58
CA ASP A 19 -4.80 6.01 -18.52
C ASP A 19 -5.96 5.12 -19.00
N ASP A 20 -5.75 3.82 -19.05
CA ASP A 20 -6.81 2.89 -19.56
C ASP A 20 -7.70 2.35 -18.42
N ALA A 21 -7.62 2.96 -17.24
CA ALA A 21 -8.36 2.40 -16.06
C ALA A 21 -9.85 2.76 -16.14
N ILE A 22 -10.68 2.06 -15.40
CA ILE A 22 -12.16 2.28 -15.48
C ILE A 22 -12.70 2.61 -14.09
N ASN A 23 -13.57 3.60 -13.99
CA ASN A 23 -14.12 4.10 -12.67
C ASN A 23 -13.07 4.10 -11.54
N ASN A 24 -11.87 4.55 -11.83
CA ASN A 24 -10.75 4.61 -10.82
C ASN A 24 -10.48 3.22 -10.20
N THR A 25 -10.47 2.19 -11.03
CA THR A 25 -10.03 0.83 -10.55
C THR A 25 -9.20 0.14 -11.63
N CYS A 26 -8.48 -0.90 -11.25
CA CYS A 26 -7.64 -1.65 -12.24
C CYS A 26 -7.74 -3.16 -11.98
N ILE A 27 -7.30 -3.96 -12.93
CA ILE A 27 -7.44 -5.45 -12.84
C ILE A 27 -6.04 -6.07 -12.71
N THR A 28 -5.87 -6.97 -11.78
CA THR A 28 -4.53 -7.61 -11.57
C THR A 28 -4.66 -9.11 -11.26
N ASN A 29 -3.65 -9.88 -11.59
CA ASN A 29 -3.55 -11.29 -11.09
C ASN A 29 -2.44 -11.43 -10.05
N GLY A 30 -2.17 -10.37 -9.31
CA GLY A 30 -1.15 -10.43 -8.21
C GLY A 30 -1.81 -10.04 -6.89
N HIS A 31 -1.71 -8.78 -6.51
CA HIS A 31 -2.38 -8.29 -5.27
C HIS A 31 -2.80 -6.82 -5.47
N CYS A 32 -3.55 -6.29 -4.53
CA CYS A 32 -3.74 -4.80 -4.48
C CYS A 32 -2.72 -4.22 -3.53
N PHE A 33 -2.13 -3.09 -3.86
CA PHE A 33 -1.07 -2.50 -2.98
C PHE A 33 -1.36 -1.02 -2.70
N ALA A 34 -0.90 -0.53 -1.57
CA ALA A 34 -1.06 0.92 -1.23
C ALA A 34 0.10 1.36 -0.34
N ILE A 35 0.53 2.58 -0.47
CA ILE A 35 1.76 3.05 0.24
C ILE A 35 1.60 4.50 0.71
N ILE A 36 2.23 4.84 1.81
CA ILE A 36 2.15 6.23 2.35
C ILE A 36 3.55 6.68 2.80
N GLU A 37 3.87 7.95 2.63
CA GLU A 37 5.27 8.44 2.83
C GLU A 37 5.25 9.88 3.33
N GLU A 38 6.10 10.20 4.28
CA GLU A 38 6.16 11.59 4.83
C GLU A 38 7.35 12.34 4.24
N ASP A 39 7.08 13.40 3.51
CA ASP A 39 8.18 14.15 2.81
C ASP A 39 8.78 15.21 3.74
N ASP A 40 9.81 15.89 3.30
CA ASP A 40 10.56 16.85 4.20
C ASP A 40 9.65 17.98 4.72
N GLN A 41 8.51 18.21 4.10
CA GLN A 41 7.57 19.27 4.58
C GLN A 41 6.53 18.71 5.57
N GLY A 42 6.43 17.39 5.71
CA GLY A 42 5.48 16.79 6.70
C GLY A 42 4.11 16.53 6.06
N GLU A 43 4.02 16.45 4.75
CA GLU A 43 2.76 16.00 4.10
C GLU A 43 2.83 14.50 3.78
N THR A 44 1.74 13.79 3.95
CA THR A 44 1.71 12.34 3.59
C THR A 44 1.15 12.16 2.18
N THR A 45 1.89 11.45 1.33
CA THR A 45 1.40 11.17 -0.05
C THR A 45 0.78 9.78 -0.13
N LEU A 46 -0.52 9.71 -0.38
CA LEU A 46 -1.21 8.39 -0.47
C LEU A 46 -1.34 7.95 -1.93
N ALA A 47 -0.91 6.75 -2.24
CA ALA A 47 -1.08 6.21 -3.63
C ALA A 47 -1.35 4.71 -3.59
N SER A 48 -2.16 4.22 -4.51
CA SER A 48 -2.44 2.75 -4.60
C SER A 48 -2.59 2.36 -6.07
N GLY A 49 -2.56 1.07 -6.35
CA GLY A 49 -2.71 0.59 -7.76
C GLY A 49 -2.62 -0.94 -7.83
N CYS A 50 -2.46 -1.47 -9.02
CA CYS A 50 -2.46 -2.96 -9.20
C CYS A 50 -1.02 -3.50 -9.23
N MET A 51 -0.76 -4.56 -8.49
CA MET A 51 0.57 -5.24 -8.56
C MET A 51 0.45 -6.54 -9.35
N LYS A 52 1.20 -6.68 -10.41
CA LYS A 52 1.23 -7.98 -11.17
C LYS A 52 1.90 -9.07 -10.33
N TYR A 53 1.60 -10.32 -10.60
CA TYR A 53 2.20 -11.44 -9.80
C TYR A 53 3.69 -11.55 -10.07
N GLU A 54 4.48 -11.80 -9.04
CA GLU A 54 5.95 -11.98 -9.21
C GLU A 54 6.48 -12.86 -8.08
N GLY A 55 6.42 -12.37 -6.86
CA GLY A 55 6.88 -13.16 -5.67
C GLY A 55 5.98 -12.82 -4.49
N SER A 56 5.03 -13.68 -4.18
CA SER A 56 4.09 -13.41 -3.04
C SER A 56 4.75 -13.82 -1.70
N ASP A 57 5.91 -14.44 -1.74
CA ASP A 57 6.53 -14.96 -0.48
C ASP A 57 7.27 -13.84 0.28
N PHE A 58 7.80 -12.87 -0.44
CA PHE A 58 8.55 -11.75 0.20
C PHE A 58 8.53 -10.50 -0.68
N GLN A 59 7.43 -9.78 -0.67
CA GLN A 59 7.33 -8.52 -1.48
C GLN A 59 6.28 -7.58 -0.84
N CYS A 60 6.39 -7.37 0.45
CA CYS A 60 5.43 -6.47 1.16
C CYS A 60 6.08 -5.91 2.43
N LYS A 61 7.28 -5.36 2.30
CA LYS A 61 8.05 -4.90 3.50
C LYS A 61 9.03 -3.80 3.07
N ASP A 62 9.93 -3.42 3.97
CA ASP A 62 10.94 -2.37 3.64
C ASP A 62 12.35 -2.87 4.00
N SER A 63 13.33 -2.52 3.20
CA SER A 63 14.74 -2.94 3.48
C SER A 63 15.35 -2.05 4.57
N PRO A 64 16.18 -2.62 5.44
CA PRO A 64 16.88 -1.81 6.47
C PRO A 64 18.08 -1.06 5.86
N LYS A 65 17.82 -0.20 4.89
CA LYS A 65 18.93 0.53 4.21
C LYS A 65 18.39 1.84 3.61
N ALA A 66 17.61 2.56 4.38
CA ALA A 66 17.03 3.85 3.89
C ALA A 66 16.69 4.75 5.09
N GLN A 67 16.97 6.04 4.97
CA GLN A 67 16.71 6.98 6.09
C GLN A 67 15.39 7.74 5.86
N LEU A 68 14.29 7.01 5.81
CA LEU A 68 12.95 7.65 5.59
C LEU A 68 11.88 6.91 6.36
N ARG A 69 10.85 7.60 6.79
CA ARG A 69 9.74 6.96 7.56
C ARG A 69 8.51 6.81 6.67
N ARG A 70 8.02 5.59 6.52
CA ARG A 70 6.83 5.34 5.66
C ARG A 70 6.18 3.99 5.99
N THR A 71 4.96 3.79 5.54
CA THR A 71 4.24 2.50 5.81
C THR A 71 3.62 1.98 4.51
N ILE A 72 3.49 0.67 4.39
CA ILE A 72 2.94 0.06 3.14
C ILE A 72 2.08 -1.16 3.47
N GLU A 73 1.16 -1.50 2.59
CA GLU A 73 0.22 -2.63 2.87
C GLU A 73 -0.07 -3.42 1.59
N CYS A 74 -0.39 -4.69 1.72
CA CYS A 74 -0.73 -5.53 0.53
C CYS A 74 -1.84 -6.52 0.90
N CYS A 75 -2.73 -6.81 -0.04
CA CYS A 75 -3.90 -7.69 0.27
C CYS A 75 -4.46 -8.32 -1.01
N ARG A 76 -4.74 -9.61 -0.98
CA ARG A 76 -5.13 -10.35 -2.21
C ARG A 76 -6.64 -10.68 -2.18
N THR A 77 -7.45 -9.70 -1.85
CA THR A 77 -8.94 -9.89 -1.86
C THR A 77 -9.62 -8.64 -2.44
N ASN A 78 -10.77 -8.81 -3.03
CA ASN A 78 -11.33 -7.75 -3.93
C ASN A 78 -11.57 -6.43 -3.18
N LEU A 79 -11.12 -5.33 -3.75
CA LEU A 79 -11.30 -3.96 -3.14
C LEU A 79 -10.82 -3.92 -1.68
N CYS A 80 -9.88 -4.78 -1.31
CA CYS A 80 -9.30 -4.74 0.07
C CYS A 80 -8.59 -3.41 0.36
N ASN A 81 -8.16 -2.70 -0.66
CA ASN A 81 -7.46 -1.40 -0.45
C ASN A 81 -8.45 -0.23 -0.47
N GLN A 82 -9.60 -0.39 -1.09
CA GLN A 82 -10.58 0.76 -1.22
C GLN A 82 -11.02 1.26 0.16
N TYR A 83 -11.18 0.36 1.11
CA TYR A 83 -11.56 0.76 2.49
C TYR A 83 -10.34 0.75 3.44
N LEU A 84 -9.14 0.72 2.91
CA LEU A 84 -7.92 0.58 3.77
C LEU A 84 -7.11 1.88 3.75
N GLN A 85 -7.08 2.58 4.86
CA GLN A 85 -6.19 3.78 4.99
C GLN A 85 -4.89 3.41 5.71
N PRO A 86 -3.74 3.60 5.06
CA PRO A 86 -2.44 3.34 5.74
C PRO A 86 -2.16 4.43 6.78
N THR A 87 -1.47 4.08 7.85
CA THR A 87 -1.13 5.09 8.91
C THR A 87 0.31 4.88 9.38
N LEU A 88 1.05 5.96 9.58
CA LEU A 88 2.46 5.83 10.05
C LEU A 88 2.49 5.42 11.54
N PRO A 89 3.53 4.71 11.95
CA PRO A 89 3.64 4.29 13.38
C PRO A 89 3.94 5.52 14.27
N PRO A 90 3.61 5.43 15.55
CA PRO A 90 3.92 6.55 16.49
C PRO A 90 5.44 6.75 16.62
N VAL A 91 5.86 7.95 16.97
CA VAL A 91 7.33 8.24 17.13
C VAL A 91 7.51 9.33 18.19
N VAL A 92 8.71 9.52 18.67
CA VAL A 92 8.97 10.55 19.72
C VAL A 92 10.43 11.04 19.63
N ILE A 93 10.66 12.30 19.94
CA ILE A 93 12.04 12.88 19.86
C ILE A 93 12.12 14.05 20.85
N GLY A 94 12.19 13.75 22.13
CA GLY A 94 12.30 14.82 23.17
C GLY A 94 11.11 14.84 24.13
N PRO A 95 9.95 15.29 23.65
CA PRO A 95 8.72 15.36 24.53
C PRO A 95 8.31 13.95 24.97
N PHE A 96 7.74 13.84 26.16
CA PHE A 96 7.30 12.50 26.66
C PHE A 96 5.90 12.17 26.13
N PHE A 97 5.61 10.89 25.96
CA PHE A 97 4.27 10.48 25.43
C PHE A 97 3.20 10.66 26.52
N ASP A 98 2.95 11.90 26.90
CA ASP A 98 1.95 12.18 27.98
C ASP A 98 0.52 12.26 27.40
N GLY A 99 0.39 12.78 26.20
CA GLY A 99 -0.96 13.02 25.62
C GLY A 99 -1.10 12.47 24.19
N SER A 100 -1.01 11.18 24.03
CA SER A 100 -1.15 10.55 22.68
C SER A 100 -1.66 9.11 22.80
N ILE A 101 -2.33 8.63 21.77
CA ILE A 101 -2.89 7.24 21.81
C ILE A 101 -1.87 6.20 21.36
N ARG A 102 -1.74 5.12 22.09
CA ARG A 102 -0.76 4.04 21.73
C ARG A 102 -1.42 3.02 20.80
N GLY A 1 9.75 -15.74 -14.87
CA GLY A 1 9.04 -16.95 -14.37
C GLY A 1 7.70 -17.11 -15.11
N PRO A 2 7.17 -18.33 -15.14
CA PRO A 2 5.85 -18.57 -15.82
C PRO A 2 4.74 -17.70 -15.21
N GLU A 3 4.12 -16.86 -16.03
CA GLU A 3 3.00 -15.99 -15.54
C GLU A 3 1.65 -16.69 -15.69
N ASP A 4 1.56 -17.94 -15.28
CA ASP A 4 0.28 -18.71 -15.43
C ASP A 4 -0.72 -18.29 -14.34
N THR A 5 -1.28 -17.11 -14.46
CA THR A 5 -2.27 -16.62 -13.46
C THR A 5 -3.34 -15.76 -14.14
N LEU A 6 -4.58 -16.17 -14.04
CA LEU A 6 -5.70 -15.39 -14.71
C LEU A 6 -6.03 -14.14 -13.89
N PRO A 7 -6.51 -13.09 -14.56
CA PRO A 7 -7.09 -11.92 -13.82
C PRO A 7 -8.35 -12.33 -13.05
N PHE A 8 -8.36 -12.10 -11.75
CA PHE A 8 -9.65 -12.14 -10.97
C PHE A 8 -9.51 -11.34 -9.67
N LEU A 9 -9.07 -10.10 -9.78
CA LEU A 9 -8.85 -9.24 -8.58
C LEU A 9 -8.87 -7.77 -8.96
N LYS A 10 -9.85 -7.03 -8.48
CA LYS A 10 -9.95 -5.57 -8.79
C LYS A 10 -9.40 -4.74 -7.63
N CYS A 11 -8.54 -3.79 -7.93
CA CYS A 11 -7.93 -2.95 -6.84
C CYS A 11 -8.33 -1.48 -7.06
N TYR A 12 -8.62 -0.77 -5.98
CA TYR A 12 -8.94 0.69 -6.09
C TYR A 12 -7.65 1.51 -6.15
N CYS A 13 -7.64 2.59 -6.90
CA CYS A 13 -6.41 3.42 -7.04
C CYS A 13 -6.62 4.81 -6.43
N SER A 14 -5.63 5.30 -5.71
CA SER A 14 -5.70 6.68 -5.13
C SER A 14 -4.50 7.51 -5.61
N GLY A 15 -4.72 8.79 -5.85
CA GLY A 15 -3.61 9.67 -6.33
C GLY A 15 -3.29 9.36 -7.79
N HIS A 16 -2.75 8.19 -8.05
CA HIS A 16 -2.35 7.83 -9.44
C HIS A 16 -3.16 6.63 -9.94
N CYS A 17 -3.74 6.73 -11.11
CA CYS A 17 -4.44 5.58 -11.74
C CYS A 17 -4.11 5.53 -13.24
N PRO A 18 -3.84 4.34 -13.78
CA PRO A 18 -3.34 4.24 -15.19
C PRO A 18 -4.34 4.84 -16.18
N ASP A 19 -3.86 5.34 -17.29
CA ASP A 19 -4.75 6.09 -18.26
C ASP A 19 -5.90 5.21 -18.78
N ASP A 20 -5.69 3.92 -18.83
CA ASP A 20 -6.74 2.99 -19.37
C ASP A 20 -7.66 2.45 -18.25
N ALA A 21 -7.61 3.05 -17.07
CA ALA A 21 -8.36 2.48 -15.91
C ALA A 21 -9.85 2.83 -16.00
N ILE A 22 -10.69 2.12 -15.27
CA ILE A 22 -12.16 2.36 -15.35
C ILE A 22 -12.68 2.59 -13.92
N ASN A 23 -13.62 3.51 -13.76
CA ASN A 23 -14.19 3.89 -12.40
C ASN A 23 -13.13 3.92 -11.28
N ASN A 24 -11.96 4.46 -11.58
CA ASN A 24 -10.83 4.53 -10.59
C ASN A 24 -10.50 3.13 -10.01
N THR A 25 -10.47 2.13 -10.86
CA THR A 25 -10.04 0.76 -10.43
C THR A 25 -9.22 0.08 -11.53
N CYS A 26 -8.48 -0.94 -11.18
CA CYS A 26 -7.64 -1.67 -12.18
C CYS A 26 -7.71 -3.18 -11.95
N ILE A 27 -7.30 -3.95 -12.94
CA ILE A 27 -7.40 -5.44 -12.85
C ILE A 27 -5.99 -6.03 -12.71
N THR A 28 -5.80 -6.94 -11.76
CA THR A 28 -4.46 -7.57 -11.56
C THR A 28 -4.59 -9.07 -11.27
N ASN A 29 -3.58 -9.83 -11.61
CA ASN A 29 -3.49 -11.24 -11.12
C ASN A 29 -2.34 -11.38 -10.10
N GLY A 30 -2.07 -10.34 -9.35
CA GLY A 30 -1.05 -10.40 -8.26
C GLY A 30 -1.70 -10.01 -6.92
N HIS A 31 -1.59 -8.76 -6.55
CA HIS A 31 -2.25 -8.26 -5.31
C HIS A 31 -2.69 -6.81 -5.50
N CYS A 32 -3.44 -6.28 -4.55
CA CYS A 32 -3.64 -4.80 -4.49
C CYS A 32 -2.60 -4.22 -3.54
N PHE A 33 -2.03 -3.08 -3.87
CA PHE A 33 -0.99 -2.47 -3.00
C PHE A 33 -1.34 -1.00 -2.70
N ALA A 34 -1.01 -0.54 -1.52
CA ALA A 34 -1.18 0.90 -1.16
C ALA A 34 -0.08 1.33 -0.20
N ILE A 35 0.44 2.52 -0.38
CA ILE A 35 1.65 2.95 0.40
C ILE A 35 1.54 4.44 0.76
N ILE A 36 2.11 4.83 1.88
CA ILE A 36 2.11 6.26 2.30
C ILE A 36 3.50 6.63 2.86
N GLU A 37 3.94 7.86 2.64
CA GLU A 37 5.36 8.22 2.91
C GLU A 37 5.46 9.70 3.29
N GLU A 38 6.39 10.04 4.15
CA GLU A 38 6.51 11.45 4.63
C GLU A 38 7.67 12.15 3.91
N ASP A 39 7.36 13.19 3.15
CA ASP A 39 8.40 13.88 2.33
C ASP A 39 9.10 14.97 3.15
N ASP A 40 10.11 15.60 2.58
CA ASP A 40 10.96 16.56 3.36
C ASP A 40 10.15 17.75 3.92
N GLN A 41 8.97 17.98 3.40
CA GLN A 41 8.10 19.09 3.93
C GLN A 41 7.13 18.60 5.02
N GLY A 42 7.00 17.30 5.20
CA GLY A 42 6.12 16.75 6.28
C GLY A 42 4.69 16.53 5.78
N GLU A 43 4.48 16.43 4.48
CA GLU A 43 3.16 15.99 3.94
C GLU A 43 3.19 14.50 3.62
N THR A 44 2.10 13.80 3.84
CA THR A 44 2.04 12.34 3.51
C THR A 44 1.43 12.14 2.12
N THR A 45 2.14 11.44 1.26
CA THR A 45 1.61 11.16 -0.12
C THR A 45 1.01 9.75 -0.17
N LEU A 46 -0.30 9.68 -0.35
CA LEU A 46 -0.99 8.35 -0.40
C LEU A 46 -1.21 7.94 -1.86
N ALA A 47 -0.81 6.74 -2.22
CA ALA A 47 -1.05 6.23 -3.61
C ALA A 47 -1.30 4.72 -3.58
N SER A 48 -2.14 4.24 -4.47
CA SER A 48 -2.41 2.77 -4.56
C SER A 48 -2.61 2.38 -6.04
N GLY A 49 -2.57 1.09 -6.33
CA GLY A 49 -2.77 0.62 -7.73
C GLY A 49 -2.63 -0.90 -7.81
N CYS A 50 -2.46 -1.43 -9.01
CA CYS A 50 -2.41 -2.91 -9.20
C CYS A 50 -0.96 -3.39 -9.25
N MET A 51 -0.65 -4.44 -8.52
CA MET A 51 0.72 -5.04 -8.57
C MET A 51 0.74 -6.26 -9.48
N LYS A 52 1.57 -6.25 -10.50
CA LYS A 52 1.68 -7.43 -11.42
C LYS A 52 2.29 -8.62 -10.67
N TYR A 53 1.98 -9.83 -11.09
CA TYR A 53 2.48 -11.04 -10.37
C TYR A 53 4.00 -11.18 -10.55
N GLU A 54 4.69 -11.58 -9.51
CA GLU A 54 6.18 -11.76 -9.58
C GLU A 54 6.61 -12.80 -8.54
N GLY A 55 6.35 -12.52 -7.28
CA GLY A 55 6.63 -13.51 -6.20
C GLY A 55 5.65 -13.45 -5.03
N SER A 56 4.41 -13.83 -5.24
CA SER A 56 3.34 -13.57 -4.23
C SER A 56 3.42 -14.30 -2.88
N ASP A 57 4.52 -14.98 -2.60
CA ASP A 57 4.59 -15.79 -1.35
C ASP A 57 4.78 -14.87 -0.13
N PHE A 58 5.70 -13.95 -0.21
CA PHE A 58 6.03 -13.08 0.97
C PHE A 58 6.64 -11.75 0.52
N GLN A 59 6.34 -11.29 -0.67
CA GLN A 59 6.99 -10.03 -1.20
C GLN A 59 6.25 -8.77 -0.68
N CYS A 60 6.20 -8.59 0.62
CA CYS A 60 5.73 -7.30 1.20
C CYS A 60 6.31 -7.09 2.61
N LYS A 61 7.44 -7.71 2.91
CA LYS A 61 8.02 -7.61 4.29
C LYS A 61 8.92 -6.37 4.40
N ASP A 62 9.63 -6.25 5.50
CA ASP A 62 10.57 -5.10 5.70
C ASP A 62 12.02 -5.58 5.64
N SER A 63 12.78 -5.11 4.67
CA SER A 63 14.21 -5.52 4.54
C SER A 63 15.08 -4.73 5.53
N PRO A 64 16.33 -5.15 5.72
CA PRO A 64 17.28 -4.38 6.58
C PRO A 64 17.96 -3.25 5.79
N LYS A 65 17.19 -2.42 5.14
CA LYS A 65 17.75 -1.27 4.36
C LYS A 65 16.67 -0.19 4.25
N ALA A 66 16.00 0.11 5.34
CA ALA A 66 14.66 0.75 5.26
C ALA A 66 14.76 2.21 4.80
N GLN A 67 13.68 2.75 4.32
CA GLN A 67 13.66 4.15 3.79
C GLN A 67 13.11 5.11 4.85
N LEU A 68 12.83 6.33 4.47
CA LEU A 68 12.28 7.35 5.44
C LEU A 68 10.89 6.87 5.94
N ARG A 69 10.35 7.50 6.95
CA ARG A 69 9.25 6.84 7.75
C ARG A 69 7.99 6.72 6.90
N ARG A 70 7.43 5.54 6.83
CA ARG A 70 6.32 5.27 5.88
C ARG A 70 5.54 4.01 6.30
N THR A 71 4.37 3.81 5.74
CA THR A 71 3.59 2.56 6.00
C THR A 71 3.12 1.96 4.66
N ILE A 72 3.00 0.65 4.59
CA ILE A 72 2.58 -0.01 3.33
C ILE A 72 1.66 -1.20 3.63
N GLU A 73 0.82 -1.58 2.69
CA GLU A 73 -0.11 -2.73 2.90
C GLU A 73 -0.31 -3.52 1.60
N CYS A 74 -0.07 -4.81 1.65
CA CYS A 74 -0.46 -5.72 0.52
C CYS A 74 -1.70 -6.52 0.92
N CYS A 75 -2.55 -6.83 -0.03
CA CYS A 75 -3.74 -7.70 0.28
C CYS A 75 -4.28 -8.38 -0.98
N ARG A 76 -4.57 -9.67 -0.89
CA ARG A 76 -4.96 -10.47 -2.10
C ARG A 76 -6.46 -10.80 -2.07
N THR A 77 -7.28 -9.82 -1.81
CA THR A 77 -8.76 -10.02 -1.81
C THR A 77 -9.46 -8.79 -2.41
N ASN A 78 -10.61 -8.98 -3.00
CA ASN A 78 -11.19 -7.92 -3.91
C ASN A 78 -11.46 -6.62 -3.16
N LEU A 79 -11.04 -5.51 -3.73
CA LEU A 79 -11.25 -4.15 -3.11
C LEU A 79 -10.75 -4.10 -1.66
N CYS A 80 -9.79 -4.93 -1.30
CA CYS A 80 -9.19 -4.86 0.07
C CYS A 80 -8.50 -3.50 0.33
N ASN A 81 -8.11 -2.80 -0.71
CA ASN A 81 -7.47 -1.46 -0.53
C ASN A 81 -8.52 -0.33 -0.60
N GLN A 82 -9.65 -0.57 -1.23
CA GLN A 82 -10.69 0.51 -1.40
C GLN A 82 -11.19 0.98 -0.02
N TYR A 83 -11.35 0.07 0.91
CA TYR A 83 -11.81 0.44 2.28
C TYR A 83 -10.64 0.52 3.28
N LEU A 84 -9.42 0.58 2.79
CA LEU A 84 -8.23 0.54 3.70
C LEU A 84 -7.50 1.89 3.68
N GLN A 85 -7.50 2.59 4.79
CA GLN A 85 -6.69 3.85 4.90
C GLN A 85 -5.34 3.54 5.58
N PRO A 86 -4.23 3.81 4.91
CA PRO A 86 -2.90 3.63 5.55
C PRO A 86 -2.69 4.67 6.65
N THR A 87 -2.02 4.29 7.72
CA THR A 87 -1.76 5.24 8.85
C THR A 87 -0.34 5.07 9.37
N LEU A 88 0.36 6.16 9.58
CA LEU A 88 1.77 6.09 10.11
C LEU A 88 1.75 5.68 11.59
N PRO A 89 2.85 5.09 12.06
CA PRO A 89 2.96 4.75 13.51
C PRO A 89 2.95 6.03 14.38
N PRO A 90 2.69 5.88 15.67
CA PRO A 90 2.59 7.07 16.56
C PRO A 90 3.92 7.84 16.61
N VAL A 91 3.89 9.10 16.25
CA VAL A 91 5.16 9.92 16.24
C VAL A 91 5.44 10.42 17.66
N VAL A 92 6.64 10.93 17.88
CA VAL A 92 6.99 11.50 19.23
C VAL A 92 6.58 12.97 19.30
N ILE A 93 6.54 13.53 20.50
CA ILE A 93 6.14 14.96 20.67
C ILE A 93 6.93 15.57 21.84
N GLY A 94 7.38 16.79 21.67
CA GLY A 94 8.16 17.47 22.74
C GLY A 94 8.94 18.76 22.39
N PRO A 95 9.86 18.67 21.44
CA PRO A 95 10.55 19.90 20.92
C PRO A 95 9.64 20.40 19.79
N PHE A 96 9.91 21.59 19.29
CA PHE A 96 9.07 22.17 18.19
C PHE A 96 9.88 23.18 17.37
N PHE A 97 9.44 23.46 16.17
CA PHE A 97 10.20 24.39 15.27
C PHE A 97 9.24 25.01 14.25
N ASP A 98 9.57 26.19 13.75
CA ASP A 98 8.68 26.89 12.77
C ASP A 98 9.51 27.84 11.90
N GLY A 99 10.74 27.49 11.62
CA GLY A 99 11.62 28.37 10.79
C GLY A 99 12.44 27.52 9.82
N SER A 100 11.78 26.59 9.14
CA SER A 100 12.50 25.72 8.16
C SER A 100 12.69 26.45 6.83
N ILE A 101 13.86 26.36 6.25
CA ILE A 101 14.14 27.03 4.94
C ILE A 101 13.82 26.06 3.79
N ARG A 102 13.24 26.57 2.73
CA ARG A 102 12.91 25.71 1.55
C ARG A 102 14.09 25.68 0.57
#